data_3LN9
# 
_entry.id   3LN9 
# 
_audit_conform.dict_name       mmcif_pdbx.dic 
_audit_conform.dict_version    5.397 
_audit_conform.dict_location   http://mmcif.pdb.org/dictionaries/ascii/mmcif_pdbx.dic 
# 
loop_
_database_2.database_id 
_database_2.database_code 
_database_2.pdbx_database_accession 
_database_2.pdbx_DOI 
PDB   3LN9         pdb_00003ln9 10.2210/pdb3ln9/pdb 
RCSB  RCSB057487   ?            ?                   
WWPDB D_1000057487 ?            ?                   
# 
loop_
_pdbx_audit_revision_history.ordinal 
_pdbx_audit_revision_history.data_content_type 
_pdbx_audit_revision_history.major_revision 
_pdbx_audit_revision_history.minor_revision 
_pdbx_audit_revision_history.revision_date 
1 'Structure model' 1 0 2010-12-15 
2 'Structure model' 1 1 2011-07-13 
3 'Structure model' 1 2 2017-11-01 
4 'Structure model' 1 3 2023-11-01 
5 'Structure model' 1 4 2024-10-30 
# 
_pdbx_audit_revision_details.ordinal             1 
_pdbx_audit_revision_details.revision_ordinal    1 
_pdbx_audit_revision_details.data_content_type   'Structure model' 
_pdbx_audit_revision_details.provider            repository 
_pdbx_audit_revision_details.type                'Initial release' 
_pdbx_audit_revision_details.description         ? 
_pdbx_audit_revision_details.details             ? 
# 
loop_
_pdbx_audit_revision_group.ordinal 
_pdbx_audit_revision_group.revision_ordinal 
_pdbx_audit_revision_group.data_content_type 
_pdbx_audit_revision_group.group 
1 2 'Structure model' 'Version format compliance' 
2 3 'Structure model' 'Refinement description'    
3 4 'Structure model' 'Data collection'           
4 4 'Structure model' 'Database references'       
5 4 'Structure model' 'Derived calculations'      
6 4 'Structure model' 'Refinement description'    
7 5 'Structure model' 'Structure summary'         
# 
loop_
_pdbx_audit_revision_category.ordinal 
_pdbx_audit_revision_category.revision_ordinal 
_pdbx_audit_revision_category.data_content_type 
_pdbx_audit_revision_category.category 
1 3 'Structure model' software                      
2 4 'Structure model' chem_comp_atom                
3 4 'Structure model' chem_comp_bond                
4 4 'Structure model' database_2                    
5 4 'Structure model' pdbx_initial_refinement_model 
6 4 'Structure model' struct_ref_seq                
7 4 'Structure model' struct_site                   
8 5 'Structure model' pdbx_entry_details            
9 5 'Structure model' pdbx_modification_feature     
# 
loop_
_pdbx_audit_revision_item.ordinal 
_pdbx_audit_revision_item.revision_ordinal 
_pdbx_audit_revision_item.data_content_type 
_pdbx_audit_revision_item.item 
1 3 'Structure model' '_software.name'                               
2 4 'Structure model' '_database_2.pdbx_DOI'                         
3 4 'Structure model' '_database_2.pdbx_database_accession'          
4 4 'Structure model' '_struct_ref_seq.db_align_beg'                 
5 4 'Structure model' '_struct_ref_seq.db_align_end'                 
6 4 'Structure model' '_struct_site.pdbx_auth_asym_id'               
7 4 'Structure model' '_struct_site.pdbx_auth_comp_id'               
8 4 'Structure model' '_struct_site.pdbx_auth_seq_id'                
9 5 'Structure model' '_pdbx_entry_details.has_protein_modification' 
# 
_pdbx_database_status.status_code                     REL 
_pdbx_database_status.entry_id                        3LN9 
_pdbx_database_status.recvd_initial_deposition_date   2010-02-02 
_pdbx_database_status.deposit_site                    RCSB 
_pdbx_database_status.process_site                    PDBJ 
_pdbx_database_status.status_code_sf                  REL 
_pdbx_database_status.status_code_mr                  ? 
_pdbx_database_status.SG_entry                        ? 
_pdbx_database_status.status_code_cs                  ? 
_pdbx_database_status.pdb_format_compatible           Y 
_pdbx_database_status.methods_development_category    ? 
_pdbx_database_status.status_code_nmr_data            ? 
# 
loop_
_audit_author.name 
_audit_author.pdbx_ordinal 
'Parthier, C.'  1 
'Morgado, I.'   2 
'Stubbs, M.T.'  3 
'Faendrich, M.' 4 
# 
_citation.id                        primary 
_citation.title                     
'Amyloid Fibril Recognition with the Conformational B10 Antibody Fragment Depends on Electrostatic Interactions.' 
_citation.journal_abbrev            J.Mol.Biol. 
_citation.journal_volume            ? 
_citation.page_first                ? 
_citation.page_last                 ? 
_citation.year                      2010 
_citation.journal_id_ASTM           JMOBAK 
_citation.country                   UK 
_citation.journal_id_ISSN           1089-8638 
_citation.journal_id_CSD            0070 
_citation.book_publisher            ? 
_citation.pdbx_database_id_PubMed   21059358 
_citation.pdbx_database_id_DOI      10.1016/j.jmb.2010.10.059 
# 
loop_
_citation_author.citation_id 
_citation_author.name 
_citation_author.ordinal 
_citation_author.identifier_ORCID 
primary 'Haupt, C.'        1 ? 
primary 'Morgado, I.'      2 ? 
primary 'Kumar, S.T.'      3 ? 
primary 'Parthier, C.'     4 ? 
primary 'Bereza, M.'       5 ? 
primary 'Hortschansky, P.' 6 ? 
primary 'Stubbs, M.T.'     7 ? 
primary 'Horn, U.'         8 ? 
primary 'Fandrich, M.'     9 ? 
# 
loop_
_entity.id 
_entity.type 
_entity.src_method 
_entity.pdbx_description 
_entity.formula_weight 
_entity.pdbx_number_of_molecules 
_entity.pdbx_ec 
_entity.pdbx_mutation 
_entity.pdbx_fragment 
_entity.details 
1 polymer     man 'Immunoglobulin heavy chain antibody variable domain B10' 15750.434 1   ? ? ? ? 
2 non-polymer syn 'CITRATE ANION'                                           189.100   1   ? ? ? ? 
3 non-polymer syn GLYCEROL                                                  92.094    3   ? ? ? ? 
4 non-polymer syn 'SULFATE ION'                                             96.063    1   ? ? ? ? 
5 water       nat water                                                     18.015    116 ? ? ? ? 
# 
_entity_poly.entity_id                      1 
_entity_poly.type                           'polypeptide(L)' 
_entity_poly.nstd_linkage                   no 
_entity_poly.nstd_monomer                   no 
_entity_poly.pdbx_seq_one_letter_code       
;DYKDEVQLVESGGGLVQPGGSLRLSCTASGYTFSHRYHRWFRQAPGKEREIVAVISQSGMRTYYADSVKGRFTISRDNAK
NTVYLQMNSLKPEDTAMYYCAAGTRKNVWTRQHPFDYWGQGTQVTVSSASGADHHHHHH
;
_entity_poly.pdbx_seq_one_letter_code_can   
;DYKDEVQLVESGGGLVQPGGSLRLSCTASGYTFSHRYHRWFRQAPGKEREIVAVISQSGMRTYYADSVKGRFTISRDNAK
NTVYLQMNSLKPEDTAMYYCAAGTRKNVWTRQHPFDYWGQGTQVTVSSASGADHHHHHH
;
_entity_poly.pdbx_strand_id                 A 
_entity_poly.pdbx_target_identifier         ? 
# 
loop_
_pdbx_entity_nonpoly.entity_id 
_pdbx_entity_nonpoly.name 
_pdbx_entity_nonpoly.comp_id 
2 'CITRATE ANION' FLC 
3 GLYCEROL        GOL 
4 'SULFATE ION'   SO4 
5 water           HOH 
# 
loop_
_entity_poly_seq.entity_id 
_entity_poly_seq.num 
_entity_poly_seq.mon_id 
_entity_poly_seq.hetero 
1 1   ASP n 
1 2   TYR n 
1 3   LYS n 
1 4   ASP n 
1 5   GLU n 
1 6   VAL n 
1 7   GLN n 
1 8   LEU n 
1 9   VAL n 
1 10  GLU n 
1 11  SER n 
1 12  GLY n 
1 13  GLY n 
1 14  GLY n 
1 15  LEU n 
1 16  VAL n 
1 17  GLN n 
1 18  PRO n 
1 19  GLY n 
1 20  GLY n 
1 21  SER n 
1 22  LEU n 
1 23  ARG n 
1 24  LEU n 
1 25  SER n 
1 26  CYS n 
1 27  THR n 
1 28  ALA n 
1 29  SER n 
1 30  GLY n 
1 31  TYR n 
1 32  THR n 
1 33  PHE n 
1 34  SER n 
1 35  HIS n 
1 36  ARG n 
1 37  TYR n 
1 38  HIS n 
1 39  ARG n 
1 40  TRP n 
1 41  PHE n 
1 42  ARG n 
1 43  GLN n 
1 44  ALA n 
1 45  PRO n 
1 46  GLY n 
1 47  LYS n 
1 48  GLU n 
1 49  ARG n 
1 50  GLU n 
1 51  ILE n 
1 52  VAL n 
1 53  ALA n 
1 54  VAL n 
1 55  ILE n 
1 56  SER n 
1 57  GLN n 
1 58  SER n 
1 59  GLY n 
1 60  MET n 
1 61  ARG n 
1 62  THR n 
1 63  TYR n 
1 64  TYR n 
1 65  ALA n 
1 66  ASP n 
1 67  SER n 
1 68  VAL n 
1 69  LYS n 
1 70  GLY n 
1 71  ARG n 
1 72  PHE n 
1 73  THR n 
1 74  ILE n 
1 75  SER n 
1 76  ARG n 
1 77  ASP n 
1 78  ASN n 
1 79  ALA n 
1 80  LYS n 
1 81  ASN n 
1 82  THR n 
1 83  VAL n 
1 84  TYR n 
1 85  LEU n 
1 86  GLN n 
1 87  MET n 
1 88  ASN n 
1 89  SER n 
1 90  LEU n 
1 91  LYS n 
1 92  PRO n 
1 93  GLU n 
1 94  ASP n 
1 95  THR n 
1 96  ALA n 
1 97  MET n 
1 98  TYR n 
1 99  TYR n 
1 100 CYS n 
1 101 ALA n 
1 102 ALA n 
1 103 GLY n 
1 104 THR n 
1 105 ARG n 
1 106 LYS n 
1 107 ASN n 
1 108 VAL n 
1 109 TRP n 
1 110 THR n 
1 111 ARG n 
1 112 GLN n 
1 113 HIS n 
1 114 PRO n 
1 115 PHE n 
1 116 ASP n 
1 117 TYR n 
1 118 TRP n 
1 119 GLY n 
1 120 GLN n 
1 121 GLY n 
1 122 THR n 
1 123 GLN n 
1 124 VAL n 
1 125 THR n 
1 126 VAL n 
1 127 SER n 
1 128 SER n 
1 129 ALA n 
1 130 SER n 
1 131 GLY n 
1 132 ALA n 
1 133 ASP n 
1 134 HIS n 
1 135 HIS n 
1 136 HIS n 
1 137 HIS n 
1 138 HIS n 
1 139 HIS n 
# 
_entity_src_gen.entity_id                          1 
_entity_src_gen.pdbx_src_id                        1 
_entity_src_gen.pdbx_alt_source_flag               sample 
_entity_src_gen.pdbx_seq_type                      ? 
_entity_src_gen.pdbx_beg_seq_num                   ? 
_entity_src_gen.pdbx_end_seq_num                   ? 
_entity_src_gen.gene_src_common_name               ? 
_entity_src_gen.gene_src_genus                     ? 
_entity_src_gen.pdbx_gene_src_gene                 ? 
_entity_src_gen.gene_src_species                   ? 
_entity_src_gen.gene_src_strain                    ? 
_entity_src_gen.gene_src_tissue                    ? 
_entity_src_gen.gene_src_tissue_fraction           ? 
_entity_src_gen.gene_src_details                   
;Protein was selected by phage display from a fully synthetic library that was partly based on naturally occurring sequences from Camelidae
;
_entity_src_gen.pdbx_gene_src_fragment             ? 
_entity_src_gen.pdbx_gene_src_scientific_name      Camelidae 
_entity_src_gen.pdbx_gene_src_ncbi_taxonomy_id     9835 
_entity_src_gen.pdbx_gene_src_variant              ? 
_entity_src_gen.pdbx_gene_src_cell_line            ? 
_entity_src_gen.pdbx_gene_src_atcc                 ? 
_entity_src_gen.pdbx_gene_src_organ                ? 
_entity_src_gen.pdbx_gene_src_organelle            ? 
_entity_src_gen.pdbx_gene_src_cell                 ? 
_entity_src_gen.pdbx_gene_src_cellular_location    ? 
_entity_src_gen.host_org_common_name               ? 
_entity_src_gen.pdbx_host_org_scientific_name      'Escherichia coli' 
_entity_src_gen.pdbx_host_org_ncbi_taxonomy_id     562 
_entity_src_gen.host_org_genus                     ? 
_entity_src_gen.pdbx_host_org_gene                 ? 
_entity_src_gen.pdbx_host_org_organ                ? 
_entity_src_gen.host_org_species                   ? 
_entity_src_gen.pdbx_host_org_tissue               ? 
_entity_src_gen.pdbx_host_org_tissue_fraction      ? 
_entity_src_gen.pdbx_host_org_strain               TG-1 
_entity_src_gen.pdbx_host_org_variant              ? 
_entity_src_gen.pdbx_host_org_cell_line            ? 
_entity_src_gen.pdbx_host_org_atcc                 ? 
_entity_src_gen.pdbx_host_org_culture_collection   ? 
_entity_src_gen.pdbx_host_org_cell                 ? 
_entity_src_gen.pdbx_host_org_organelle            ? 
_entity_src_gen.pdbx_host_org_cellular_location    ? 
_entity_src_gen.pdbx_host_org_vector_type          Plasmid 
_entity_src_gen.pdbx_host_org_vector               ? 
_entity_src_gen.host_org_details                   ? 
_entity_src_gen.expression_system_id               ? 
_entity_src_gen.plasmid_name                       p416His 
_entity_src_gen.plasmid_details                    ? 
_entity_src_gen.pdbx_description                   ? 
# 
loop_
_chem_comp.id 
_chem_comp.type 
_chem_comp.mon_nstd_flag 
_chem_comp.name 
_chem_comp.pdbx_synonyms 
_chem_comp.formula 
_chem_comp.formula_weight 
ALA 'L-peptide linking' y ALANINE         ?                               'C3 H7 N O2'     89.093  
ARG 'L-peptide linking' y ARGININE        ?                               'C6 H15 N4 O2 1' 175.209 
ASN 'L-peptide linking' y ASPARAGINE      ?                               'C4 H8 N2 O3'    132.118 
ASP 'L-peptide linking' y 'ASPARTIC ACID' ?                               'C4 H7 N O4'     133.103 
CYS 'L-peptide linking' y CYSTEINE        ?                               'C3 H7 N O2 S'   121.158 
FLC non-polymer         . 'CITRATE ANION' ?                               'C6 H5 O7 -3'    189.100 
GLN 'L-peptide linking' y GLUTAMINE       ?                               'C5 H10 N2 O3'   146.144 
GLU 'L-peptide linking' y 'GLUTAMIC ACID' ?                               'C5 H9 N O4'     147.129 
GLY 'peptide linking'   y GLYCINE         ?                               'C2 H5 N O2'     75.067  
GOL non-polymer         . GLYCEROL        'GLYCERIN; PROPANE-1,2,3-TRIOL' 'C3 H8 O3'       92.094  
HIS 'L-peptide linking' y HISTIDINE       ?                               'C6 H10 N3 O2 1' 156.162 
HOH non-polymer         . WATER           ?                               'H2 O'           18.015  
ILE 'L-peptide linking' y ISOLEUCINE      ?                               'C6 H13 N O2'    131.173 
LEU 'L-peptide linking' y LEUCINE         ?                               'C6 H13 N O2'    131.173 
LYS 'L-peptide linking' y LYSINE          ?                               'C6 H15 N2 O2 1' 147.195 
MET 'L-peptide linking' y METHIONINE      ?                               'C5 H11 N O2 S'  149.211 
PHE 'L-peptide linking' y PHENYLALANINE   ?                               'C9 H11 N O2'    165.189 
PRO 'L-peptide linking' y PROLINE         ?                               'C5 H9 N O2'     115.130 
SER 'L-peptide linking' y SERINE          ?                               'C3 H7 N O3'     105.093 
SO4 non-polymer         . 'SULFATE ION'   ?                               'O4 S -2'        96.063  
THR 'L-peptide linking' y THREONINE       ?                               'C4 H9 N O3'     119.119 
TRP 'L-peptide linking' y TRYPTOPHAN      ?                               'C11 H12 N2 O2'  204.225 
TYR 'L-peptide linking' y TYROSINE        ?                               'C9 H11 N O3'    181.189 
VAL 'L-peptide linking' y VALINE          ?                               'C5 H11 N O2'    117.146 
# 
loop_
_pdbx_poly_seq_scheme.asym_id 
_pdbx_poly_seq_scheme.entity_id 
_pdbx_poly_seq_scheme.seq_id 
_pdbx_poly_seq_scheme.mon_id 
_pdbx_poly_seq_scheme.ndb_seq_num 
_pdbx_poly_seq_scheme.pdb_seq_num 
_pdbx_poly_seq_scheme.auth_seq_num 
_pdbx_poly_seq_scheme.pdb_mon_id 
_pdbx_poly_seq_scheme.auth_mon_id 
_pdbx_poly_seq_scheme.pdb_strand_id 
_pdbx_poly_seq_scheme.pdb_ins_code 
_pdbx_poly_seq_scheme.hetero 
A 1 1   ASP 1   -3  ?   ?   ?   A . n 
A 1 2   TYR 2   -2  ?   ?   ?   A . n 
A 1 3   LYS 3   -1  ?   ?   ?   A . n 
A 1 4   ASP 4   0   ?   ?   ?   A . n 
A 1 5   GLU 5   1   1   GLU GLU A . n 
A 1 6   VAL 6   2   2   VAL VAL A . n 
A 1 7   GLN 7   3   3   GLN GLN A . n 
A 1 8   LEU 8   4   4   LEU LEU A . n 
A 1 9   VAL 9   5   5   VAL VAL A . n 
A 1 10  GLU 10  6   6   GLU GLU A . n 
A 1 11  SER 11  7   7   SER SER A . n 
A 1 12  GLY 12  8   8   GLY GLY A . n 
A 1 13  GLY 13  9   9   GLY GLY A . n 
A 1 14  GLY 14  10  10  GLY GLY A . n 
A 1 15  LEU 15  11  11  LEU LEU A . n 
A 1 16  VAL 16  12  12  VAL VAL A . n 
A 1 17  GLN 17  13  13  GLN GLN A . n 
A 1 18  PRO 18  14  14  PRO PRO A . n 
A 1 19  GLY 19  15  15  GLY GLY A . n 
A 1 20  GLY 20  16  16  GLY GLY A . n 
A 1 21  SER 21  17  17  SER SER A . n 
A 1 22  LEU 22  18  18  LEU LEU A . n 
A 1 23  ARG 23  19  19  ARG ARG A . n 
A 1 24  LEU 24  20  20  LEU LEU A . n 
A 1 25  SER 25  21  21  SER SER A . n 
A 1 26  CYS 26  22  22  CYS CYS A . n 
A 1 27  THR 27  23  23  THR THR A . n 
A 1 28  ALA 28  24  24  ALA ALA A . n 
A 1 29  SER 29  25  25  SER SER A . n 
A 1 30  GLY 30  26  26  GLY GLY A . n 
A 1 31  TYR 31  27  27  TYR TYR A . n 
A 1 32  THR 32  28  28  THR THR A . n 
A 1 33  PHE 33  29  29  PHE PHE A . n 
A 1 34  SER 34  30  30  SER SER A . n 
A 1 35  HIS 35  31  31  HIS HIS A . n 
A 1 36  ARG 36  32  32  ARG ARG A . n 
A 1 37  TYR 37  33  33  TYR TYR A . n 
A 1 38  HIS 38  34  34  HIS HIS A . n 
A 1 39  ARG 39  35  35  ARG ARG A . n 
A 1 40  TRP 40  36  36  TRP TRP A . n 
A 1 41  PHE 41  37  37  PHE PHE A . n 
A 1 42  ARG 42  38  38  ARG ARG A . n 
A 1 43  GLN 43  39  39  GLN GLN A . n 
A 1 44  ALA 44  40  40  ALA ALA A . n 
A 1 45  PRO 45  41  41  PRO PRO A . n 
A 1 46  GLY 46  42  42  GLY GLY A . n 
A 1 47  LYS 47  43  43  LYS LYS A . n 
A 1 48  GLU 48  44  44  GLU GLU A . n 
A 1 49  ARG 49  45  45  ARG ARG A . n 
A 1 50  GLU 50  46  46  GLU GLU A . n 
A 1 51  ILE 51  47  47  ILE ILE A . n 
A 1 52  VAL 52  48  48  VAL VAL A . n 
A 1 53  ALA 53  49  49  ALA ALA A . n 
A 1 54  VAL 54  50  50  VAL VAL A . n 
A 1 55  ILE 55  51  51  ILE ILE A . n 
A 1 56  SER 56  52  52  SER SER A . n 
A 1 57  GLN 57  53  53  GLN GLN A . n 
A 1 58  SER 58  54  54  SER SER A . n 
A 1 59  GLY 59  55  55  GLY GLY A . n 
A 1 60  MET 60  56  56  MET MET A . n 
A 1 61  ARG 61  57  57  ARG ARG A . n 
A 1 62  THR 62  58  58  THR THR A . n 
A 1 63  TYR 63  59  59  TYR TYR A . n 
A 1 64  TYR 64  60  60  TYR TYR A . n 
A 1 65  ALA 65  61  61  ALA ALA A . n 
A 1 66  ASP 66  62  62  ASP ASP A . n 
A 1 67  SER 67  63  63  SER SER A . n 
A 1 68  VAL 68  64  64  VAL VAL A . n 
A 1 69  LYS 69  65  65  LYS LYS A . n 
A 1 70  GLY 70  66  66  GLY GLY A . n 
A 1 71  ARG 71  67  67  ARG ARG A . n 
A 1 72  PHE 72  68  68  PHE PHE A . n 
A 1 73  THR 73  69  69  THR THR A . n 
A 1 74  ILE 74  70  70  ILE ILE A . n 
A 1 75  SER 75  71  71  SER SER A . n 
A 1 76  ARG 76  72  72  ARG ARG A . n 
A 1 77  ASP 77  73  73  ASP ASP A . n 
A 1 78  ASN 78  74  74  ASN ASN A . n 
A 1 79  ALA 79  75  75  ALA ALA A . n 
A 1 80  LYS 80  76  76  LYS LYS A . n 
A 1 81  ASN 81  77  77  ASN ASN A . n 
A 1 82  THR 82  78  78  THR THR A . n 
A 1 83  VAL 83  79  79  VAL VAL A . n 
A 1 84  TYR 84  80  80  TYR TYR A . n 
A 1 85  LEU 85  81  81  LEU LEU A . n 
A 1 86  GLN 86  82  82  GLN GLN A . n 
A 1 87  MET 87  83  83  MET MET A . n 
A 1 88  ASN 88  84  84  ASN ASN A . n 
A 1 89  SER 89  85  85  SER SER A . n 
A 1 90  LEU 90  86  86  LEU LEU A . n 
A 1 91  LYS 91  87  87  LYS LYS A . n 
A 1 92  PRO 92  88  88  PRO PRO A . n 
A 1 93  GLU 93  89  89  GLU GLU A . n 
A 1 94  ASP 94  90  90  ASP ASP A . n 
A 1 95  THR 95  91  91  THR THR A . n 
A 1 96  ALA 96  92  92  ALA ALA A . n 
A 1 97  MET 97  93  93  MET MET A . n 
A 1 98  TYR 98  94  94  TYR TYR A . n 
A 1 99  TYR 99  95  95  TYR TYR A . n 
A 1 100 CYS 100 96  96  CYS CYS A . n 
A 1 101 ALA 101 97  97  ALA ALA A . n 
A 1 102 ALA 102 98  98  ALA ALA A . n 
A 1 103 GLY 103 99  99  GLY GLY A . n 
A 1 104 THR 104 100 100 THR THR A . n 
A 1 105 ARG 105 101 101 ARG ARG A . n 
A 1 106 LYS 106 102 102 LYS LYS A . n 
A 1 107 ASN 107 103 103 ASN ASN A . n 
A 1 108 VAL 108 104 104 VAL VAL A . n 
A 1 109 TRP 109 105 105 TRP TRP A . n 
A 1 110 THR 110 106 106 THR THR A . n 
A 1 111 ARG 111 107 107 ARG ARG A . n 
A 1 112 GLN 112 108 108 GLN GLN A . n 
A 1 113 HIS 113 109 109 HIS HIS A . n 
A 1 114 PRO 114 110 110 PRO PRO A . n 
A 1 115 PHE 115 111 111 PHE PHE A . n 
A 1 116 ASP 116 112 112 ASP ASP A . n 
A 1 117 TYR 117 113 113 TYR TYR A . n 
A 1 118 TRP 118 114 114 TRP TRP A . n 
A 1 119 GLY 119 115 115 GLY GLY A . n 
A 1 120 GLN 120 116 116 GLN GLN A . n 
A 1 121 GLY 121 117 117 GLY GLY A . n 
A 1 122 THR 122 118 118 THR THR A . n 
A 1 123 GLN 123 119 119 GLN GLN A . n 
A 1 124 VAL 124 120 120 VAL VAL A . n 
A 1 125 THR 125 121 121 THR THR A . n 
A 1 126 VAL 126 122 122 VAL VAL A . n 
A 1 127 SER 127 123 123 SER SER A . n 
A 1 128 SER 128 124 124 SER SER A . n 
A 1 129 ALA 129 125 ?   ?   ?   A . n 
A 1 130 SER 130 126 ?   ?   ?   A . n 
A 1 131 GLY 131 127 ?   ?   ?   A . n 
A 1 132 ALA 132 128 ?   ?   ?   A . n 
A 1 133 ASP 133 129 ?   ?   ?   A . n 
A 1 134 HIS 134 130 ?   ?   ?   A . n 
A 1 135 HIS 135 131 ?   ?   ?   A . n 
A 1 136 HIS 136 132 ?   ?   ?   A . n 
A 1 137 HIS 137 133 ?   ?   ?   A . n 
A 1 138 HIS 138 134 ?   ?   ?   A . n 
A 1 139 HIS 139 135 ?   ?   ?   A . n 
# 
loop_
_pdbx_nonpoly_scheme.asym_id 
_pdbx_nonpoly_scheme.entity_id 
_pdbx_nonpoly_scheme.mon_id 
_pdbx_nonpoly_scheme.ndb_seq_num 
_pdbx_nonpoly_scheme.pdb_seq_num 
_pdbx_nonpoly_scheme.auth_seq_num 
_pdbx_nonpoly_scheme.pdb_mon_id 
_pdbx_nonpoly_scheme.auth_mon_id 
_pdbx_nonpoly_scheme.pdb_strand_id 
_pdbx_nonpoly_scheme.pdb_ins_code 
B 2 FLC 1   136 136 FLC FLC A . 
C 3 GOL 1   137 137 GOL GOL A . 
D 3 GOL 1   138 138 GOL GOL A . 
E 3 GOL 1   139 139 GOL GOL A . 
F 4 SO4 1   140 140 SO4 SO4 A . 
G 5 HOH 1   141 141 HOH HOH A . 
G 5 HOH 2   142 142 HOH HOH A . 
G 5 HOH 3   143 143 HOH HOH A . 
G 5 HOH 4   144 144 HOH HOH A . 
G 5 HOH 5   145 145 HOH HOH A . 
G 5 HOH 6   146 146 HOH HOH A . 
G 5 HOH 7   147 147 HOH HOH A . 
G 5 HOH 8   148 148 HOH HOH A . 
G 5 HOH 9   149 149 HOH HOH A . 
G 5 HOH 10  150 150 HOH HOH A . 
G 5 HOH 11  151 151 HOH HOH A . 
G 5 HOH 12  152 152 HOH HOH A . 
G 5 HOH 13  153 153 HOH HOH A . 
G 5 HOH 14  154 154 HOH HOH A . 
G 5 HOH 15  155 155 HOH HOH A . 
G 5 HOH 16  156 156 HOH HOH A . 
G 5 HOH 17  157 157 HOH HOH A . 
G 5 HOH 18  158 158 HOH HOH A . 
G 5 HOH 19  159 159 HOH HOH A . 
G 5 HOH 20  160 160 HOH HOH A . 
G 5 HOH 21  161 161 HOH HOH A . 
G 5 HOH 22  162 162 HOH HOH A . 
G 5 HOH 23  163 163 HOH HOH A . 
G 5 HOH 24  164 164 HOH HOH A . 
G 5 HOH 25  165 165 HOH HOH A . 
G 5 HOH 26  166 166 HOH HOH A . 
G 5 HOH 27  167 167 HOH HOH A . 
G 5 HOH 28  168 168 HOH HOH A . 
G 5 HOH 29  169 169 HOH HOH A . 
G 5 HOH 30  170 170 HOH HOH A . 
G 5 HOH 31  171 171 HOH HOH A . 
G 5 HOH 32  172 172 HOH HOH A . 
G 5 HOH 33  173 173 HOH HOH A . 
G 5 HOH 34  174 174 HOH HOH A . 
G 5 HOH 35  175 175 HOH HOH A . 
G 5 HOH 36  176 176 HOH HOH A . 
G 5 HOH 37  177 177 HOH HOH A . 
G 5 HOH 38  178 178 HOH HOH A . 
G 5 HOH 39  179 179 HOH HOH A . 
G 5 HOH 40  180 180 HOH HOH A . 
G 5 HOH 41  181 181 HOH HOH A . 
G 5 HOH 42  182 182 HOH HOH A . 
G 5 HOH 43  183 183 HOH HOH A . 
G 5 HOH 44  184 184 HOH HOH A . 
G 5 HOH 45  185 185 HOH HOH A . 
G 5 HOH 46  186 186 HOH HOH A . 
G 5 HOH 47  187 187 HOH HOH A . 
G 5 HOH 48  188 188 HOH HOH A . 
G 5 HOH 49  189 189 HOH HOH A . 
G 5 HOH 50  190 190 HOH HOH A . 
G 5 HOH 51  191 191 HOH HOH A . 
G 5 HOH 52  192 192 HOH HOH A . 
G 5 HOH 53  193 193 HOH HOH A . 
G 5 HOH 54  194 194 HOH HOH A . 
G 5 HOH 55  195 195 HOH HOH A . 
G 5 HOH 56  196 196 HOH HOH A . 
G 5 HOH 57  197 197 HOH HOH A . 
G 5 HOH 58  198 198 HOH HOH A . 
G 5 HOH 59  199 199 HOH HOH A . 
G 5 HOH 60  200 200 HOH HOH A . 
G 5 HOH 61  201 201 HOH HOH A . 
G 5 HOH 62  202 202 HOH HOH A . 
G 5 HOH 63  203 203 HOH HOH A . 
G 5 HOH 64  204 204 HOH HOH A . 
G 5 HOH 65  205 205 HOH HOH A . 
G 5 HOH 66  206 206 HOH HOH A . 
G 5 HOH 67  207 207 HOH HOH A . 
G 5 HOH 68  208 208 HOH HOH A . 
G 5 HOH 69  209 209 HOH HOH A . 
G 5 HOH 70  210 210 HOH HOH A . 
G 5 HOH 71  211 211 HOH HOH A . 
G 5 HOH 72  212 212 HOH HOH A . 
G 5 HOH 73  213 213 HOH HOH A . 
G 5 HOH 74  214 214 HOH HOH A . 
G 5 HOH 75  215 215 HOH HOH A . 
G 5 HOH 76  216 216 HOH HOH A . 
G 5 HOH 77  217 217 HOH HOH A . 
G 5 HOH 78  218 218 HOH HOH A . 
G 5 HOH 79  219 219 HOH HOH A . 
G 5 HOH 80  220 220 HOH HOH A . 
G 5 HOH 81  221 221 HOH HOH A . 
G 5 HOH 82  222 222 HOH HOH A . 
G 5 HOH 83  223 223 HOH HOH A . 
G 5 HOH 84  224 224 HOH HOH A . 
G 5 HOH 85  225 225 HOH HOH A . 
G 5 HOH 86  226 226 HOH HOH A . 
G 5 HOH 87  227 227 HOH HOH A . 
G 5 HOH 88  228 228 HOH HOH A . 
G 5 HOH 89  229 229 HOH HOH A . 
G 5 HOH 90  230 230 HOH HOH A . 
G 5 HOH 91  231 231 HOH HOH A . 
G 5 HOH 92  232 232 HOH HOH A . 
G 5 HOH 93  233 233 HOH HOH A . 
G 5 HOH 94  234 234 HOH HOH A . 
G 5 HOH 95  235 235 HOH HOH A . 
G 5 HOH 96  236 236 HOH HOH A . 
G 5 HOH 97  237 237 HOH HOH A . 
G 5 HOH 98  238 238 HOH HOH A . 
G 5 HOH 99  239 239 HOH HOH A . 
G 5 HOH 100 240 240 HOH HOH A . 
G 5 HOH 101 241 241 HOH HOH A . 
G 5 HOH 102 242 242 HOH HOH A . 
G 5 HOH 103 243 243 HOH HOH A . 
G 5 HOH 104 244 244 HOH HOH A . 
G 5 HOH 105 245 245 HOH HOH A . 
G 5 HOH 106 246 246 HOH HOH A . 
G 5 HOH 107 247 247 HOH HOH A . 
G 5 HOH 108 248 248 HOH HOH A . 
G 5 HOH 109 249 249 HOH HOH A . 
G 5 HOH 110 250 250 HOH HOH A . 
G 5 HOH 111 251 251 HOH HOH A . 
G 5 HOH 112 252 252 HOH HOH A . 
G 5 HOH 113 253 253 HOH HOH A . 
G 5 HOH 114 254 254 HOH HOH A . 
G 5 HOH 115 255 255 HOH HOH A . 
G 5 HOH 116 256 256 HOH HOH A . 
# 
loop_
_software.name 
_software.classification 
_software.version 
_software.citation_id 
_software.pdbx_ordinal 
MAR345 'data collection' .        ? 1 
PHASER phasing           .        ? 2 
REFMAC refinement        5.4.0062 ? 3 
XDS    'data reduction'  .        ? 4 
XDS    'data scaling'    .        ? 5 
# 
_cell.entry_id           3LN9 
_cell.length_a           84.124 
_cell.length_b           84.124 
_cell.length_c           84.124 
_cell.angle_alpha        90.00 
_cell.angle_beta         90.00 
_cell.angle_gamma        90.00 
_cell.Z_PDB              12 
_cell.pdbx_unique_axis   ? 
_cell.length_a_esd       ? 
_cell.length_b_esd       ? 
_cell.length_c_esd       ? 
_cell.angle_alpha_esd    ? 
_cell.angle_beta_esd     ? 
_cell.angle_gamma_esd    ? 
# 
_symmetry.entry_id                         3LN9 
_symmetry.space_group_name_H-M             'P 2 3' 
_symmetry.pdbx_full_space_group_name_H-M   ? 
_symmetry.cell_setting                     ? 
_symmetry.Int_Tables_number                195 
_symmetry.space_group_name_Hall            ? 
# 
_exptl.entry_id          3LN9 
_exptl.method            'X-RAY DIFFRACTION' 
_exptl.crystals_number   1 
# 
_exptl_crystal.id                    1 
_exptl_crystal.density_meas          ? 
_exptl_crystal.density_Matthews      3.15 
_exptl_crystal.density_percent_sol   60.95 
_exptl_crystal.description           ? 
_exptl_crystal.F_000                 ? 
_exptl_crystal.preparation           ? 
# 
_exptl_crystal_grow.crystal_id      1 
_exptl_crystal_grow.method          'VAPOR DIFFUSION, HANGING DROP' 
_exptl_crystal_grow.temp            288 
_exptl_crystal_grow.temp_details    ? 
_exptl_crystal_grow.pH              5.7 
_exptl_crystal_grow.pdbx_details    
'200mM Sodium Citrate, 2M Ammonium Sulphate, pH 5.7, VAPOR DIFFUSION, HANGING DROP, temperature 288K' 
_exptl_crystal_grow.pdbx_pH_range   . 
# 
_diffrn.id                     1 
_diffrn.ambient_temp           100 
_diffrn.ambient_temp_details   ? 
_diffrn.crystal_id             1 
# 
_diffrn_detector.diffrn_id              1 
_diffrn_detector.detector               CCD 
_diffrn_detector.type                   'MARMOSAIC 225 mm CCD' 
_diffrn_detector.pdbx_collection_date   2009-02-05 
_diffrn_detector.details                ? 
# 
_diffrn_radiation.diffrn_id                        1 
_diffrn_radiation.wavelength_id                    1 
_diffrn_radiation.pdbx_monochromatic_or_laue_m_l   M 
_diffrn_radiation.monochromator                    'Double crystal monochromator with 2 sets of mirrors' 
_diffrn_radiation.pdbx_diffrn_protocol             'SINGLE WAVELENGTH' 
_diffrn_radiation.pdbx_scattering_type             x-ray 
# 
_diffrn_radiation_wavelength.id           1 
_diffrn_radiation_wavelength.wavelength   0.9184 
_diffrn_radiation_wavelength.wt           1.0 
# 
_diffrn_source.diffrn_id                   1 
_diffrn_source.source                      SYNCHROTRON 
_diffrn_source.type                        'BESSY BEAMLINE 14.1' 
_diffrn_source.pdbx_synchrotron_site       BESSY 
_diffrn_source.pdbx_synchrotron_beamline   14.1 
_diffrn_source.pdbx_wavelength             ? 
_diffrn_source.pdbx_wavelength_list        0.9184 
# 
_reflns.entry_id                     3LN9 
_reflns.observed_criterion_sigma_I   3 
_reflns.observed_criterion_sigma_F   3 
_reflns.d_resolution_low             30 
_reflns.d_resolution_high            1.8 
_reflns.number_obs                   19838 
_reflns.number_all                   19869 
_reflns.percent_possible_obs         99.8 
_reflns.pdbx_Rmerge_I_obs            0.057 
_reflns.pdbx_Rsym_value              0.063 
_reflns.pdbx_netI_over_sigmaI        21.05 
_reflns.B_iso_Wilson_estimate        30.6 
_reflns.pdbx_redundancy              5.5 
_reflns.R_free_details               ? 
_reflns.limit_h_max                  ? 
_reflns.limit_h_min                  ? 
_reflns.limit_k_max                  ? 
_reflns.limit_k_min                  ? 
_reflns.limit_l_max                  ? 
_reflns.limit_l_min                  ? 
_reflns.observed_criterion_F_max     ? 
_reflns.observed_criterion_F_min     ? 
_reflns.pdbx_chi_squared             ? 
_reflns.pdbx_scaling_rejects         ? 
_reflns.pdbx_diffrn_id               1 
_reflns.pdbx_ordinal                 1 
# 
_reflns_shell.d_res_high             1.8 
_reflns_shell.d_res_low              1.9 
_reflns_shell.percent_possible_all   100 
_reflns_shell.Rmerge_I_obs           0.624 
_reflns_shell.pdbx_Rsym_value        0.690 
_reflns_shell.meanI_over_sigI_obs    3.1 
_reflns_shell.pdbx_redundancy        5.6 
_reflns_shell.percent_possible_obs   ? 
_reflns_shell.number_unique_all      2955 
_reflns_shell.number_measured_all    ? 
_reflns_shell.number_measured_obs    ? 
_reflns_shell.number_unique_obs      ? 
_reflns_shell.pdbx_chi_squared       ? 
_reflns_shell.pdbx_diffrn_id         ? 
_reflns_shell.pdbx_ordinal           1 
# 
_refine.entry_id                                 3LN9 
_refine.ls_number_reflns_obs                     17722 
_refine.ls_number_reflns_all                     17722 
_refine.pdbx_ls_sigma_I                          ? 
_refine.pdbx_ls_sigma_F                          3 
_refine.pdbx_data_cutoff_high_absF               ? 
_refine.pdbx_data_cutoff_low_absF                ? 
_refine.pdbx_data_cutoff_high_rms_absF           ? 
_refine.ls_d_res_low                             18.80 
_refine.ls_d_res_high                            1.80 
_refine.ls_percent_reflns_obs                    100.00 
_refine.ls_R_factor_obs                          0.19876 
_refine.ls_R_factor_all                          0.19876 
_refine.ls_R_factor_R_work                       0.19696 
_refine.ls_R_factor_R_free                       0.23295 
_refine.ls_R_factor_R_free_error                 ? 
_refine.ls_R_factor_R_free_error_details         ? 
_refine.ls_percent_reflns_R_free                 5.0 
_refine.ls_number_reflns_R_free                  932 
_refine.ls_number_parameters                     ? 
_refine.ls_number_restraints                     ? 
_refine.occupancy_min                            ? 
_refine.occupancy_max                            ? 
_refine.correlation_coeff_Fo_to_Fc               0.955 
_refine.correlation_coeff_Fo_to_Fc_free          0.939 
_refine.B_iso_mean                               35.991 
_refine.aniso_B[1][1]                            ? 
_refine.aniso_B[2][2]                            ? 
_refine.aniso_B[3][3]                            ? 
_refine.aniso_B[1][2]                            ? 
_refine.aniso_B[1][3]                            ? 
_refine.aniso_B[2][3]                            ? 
_refine.solvent_model_details                    MASK 
_refine.solvent_model_param_ksol                 ? 
_refine.solvent_model_param_bsol                 ? 
_refine.pdbx_solvent_vdw_probe_radii             1.20 
_refine.pdbx_solvent_ion_probe_radii             0.80 
_refine.pdbx_solvent_shrinkage_radii             0.80 
_refine.pdbx_ls_cross_valid_method               THROUGHOUT 
_refine.details                                  'HYDROGENS HAVE BEEN ADDED IN THE RIDING POSITIONS' 
_refine.pdbx_starting_model                      1OL0 
_refine.pdbx_method_to_determine_struct          'MOLECULAR REPLACEMENT' 
_refine.pdbx_isotropic_thermal_model             ? 
_refine.pdbx_stereochemistry_target_values       'MAXIMUM LIKELIHOOD' 
_refine.pdbx_stereochem_target_val_spec_case     ? 
_refine.pdbx_R_Free_selection_details            RANDOM 
_refine.pdbx_overall_ESU_R                       0.106 
_refine.pdbx_overall_ESU_R_Free                  0.108 
_refine.overall_SU_ML                            0.093 
_refine.overall_SU_B                             5.935 
_refine.ls_redundancy_reflns_obs                 ? 
_refine.B_iso_min                                ? 
_refine.B_iso_max                                ? 
_refine.overall_SU_R_Cruickshank_DPI             ? 
_refine.overall_SU_R_free                        ? 
_refine.ls_wR_factor_R_free                      ? 
_refine.ls_wR_factor_R_work                      ? 
_refine.overall_FOM_free_R_set                   ? 
_refine.overall_FOM_work_R_set                   ? 
_refine.pdbx_refine_id                           'X-RAY DIFFRACTION' 
_refine.pdbx_overall_phase_error                 ? 
_refine.pdbx_diffrn_id                           1 
_refine.pdbx_TLS_residual_ADP_flag               ? 
_refine.pdbx_overall_SU_R_free_Cruickshank_DPI   ? 
_refine.pdbx_overall_SU_R_Blow_DPI               ? 
_refine.pdbx_overall_SU_R_free_Blow_DPI          ? 
# 
_refine_hist.pdbx_refine_id                   'X-RAY DIFFRACTION' 
_refine_hist.cycle_id                         LAST 
_refine_hist.pdbx_number_atoms_protein        984 
_refine_hist.pdbx_number_atoms_nucleic_acid   0 
_refine_hist.pdbx_number_atoms_ligand         36 
_refine_hist.number_atoms_solvent             116 
_refine_hist.number_atoms_total               1136 
_refine_hist.d_res_high                       1.80 
_refine_hist.d_res_low                        18.80 
# 
loop_
_refine_ls_restr.type 
_refine_ls_restr.dev_ideal 
_refine_ls_restr.dev_ideal_target 
_refine_ls_restr.weight 
_refine_ls_restr.number 
_refine_ls_restr.pdbx_refine_id 
_refine_ls_restr.pdbx_restraint_function 
r_bond_refined_d             0.020  0.021  ? 1047 'X-RAY DIFFRACTION' ? 
r_bond_other_d               ?      ?      ? ?    'X-RAY DIFFRACTION' ? 
r_angle_refined_deg          1.918  1.948  ? 1414 'X-RAY DIFFRACTION' ? 
r_angle_other_deg            ?      ?      ? ?    'X-RAY DIFFRACTION' ? 
r_dihedral_angle_1_deg       7.213  5.000  ? 125  'X-RAY DIFFRACTION' ? 
r_dihedral_angle_2_deg       35.691 22.245 ? 49   'X-RAY DIFFRACTION' ? 
r_dihedral_angle_3_deg       15.221 15.000 ? 164  'X-RAY DIFFRACTION' ? 
r_dihedral_angle_4_deg       13.289 15.000 ? 10   'X-RAY DIFFRACTION' ? 
r_chiral_restr               0.105  0.200  ? 143  'X-RAY DIFFRACTION' ? 
r_gen_planes_refined         0.009  0.021  ? 802  'X-RAY DIFFRACTION' ? 
r_gen_planes_other           ?      ?      ? ?    'X-RAY DIFFRACTION' ? 
r_nbd_refined                ?      ?      ? ?    'X-RAY DIFFRACTION' ? 
r_nbd_other                  ?      ?      ? ?    'X-RAY DIFFRACTION' ? 
r_nbtor_refined              ?      ?      ? ?    'X-RAY DIFFRACTION' ? 
r_nbtor_other                ?      ?      ? ?    'X-RAY DIFFRACTION' ? 
r_xyhbond_nbd_refined        ?      ?      ? ?    'X-RAY DIFFRACTION' ? 
r_xyhbond_nbd_other          ?      ?      ? ?    'X-RAY DIFFRACTION' ? 
r_metal_ion_refined          ?      ?      ? ?    'X-RAY DIFFRACTION' ? 
r_metal_ion_other            ?      ?      ? ?    'X-RAY DIFFRACTION' ? 
r_symmetry_vdw_refined       ?      ?      ? ?    'X-RAY DIFFRACTION' ? 
r_symmetry_vdw_other         ?      ?      ? ?    'X-RAY DIFFRACTION' ? 
r_symmetry_hbond_refined     ?      ?      ? ?    'X-RAY DIFFRACTION' ? 
r_symmetry_hbond_other       ?      ?      ? ?    'X-RAY DIFFRACTION' ? 
r_symmetry_metal_ion_refined ?      ?      ? ?    'X-RAY DIFFRACTION' ? 
r_symmetry_metal_ion_other   ?      ?      ? ?    'X-RAY DIFFRACTION' ? 
r_mcbond_it                  0.981  1.500  ? 619  'X-RAY DIFFRACTION' ? 
r_mcbond_other               ?      ?      ? ?    'X-RAY DIFFRACTION' ? 
r_mcangle_it                 1.616  2.000  ? 996  'X-RAY DIFFRACTION' ? 
r_scbond_it                  2.669  3.000  ? 428  'X-RAY DIFFRACTION' ? 
r_scangle_it                 3.915  4.500  ? 418  'X-RAY DIFFRACTION' ? 
r_rigid_bond_restr           ?      ?      ? ?    'X-RAY DIFFRACTION' ? 
r_sphericity_free            ?      ?      ? ?    'X-RAY DIFFRACTION' ? 
r_sphericity_bonded          ?      ?      ? ?    'X-RAY DIFFRACTION' ? 
# 
_refine_ls_shell.pdbx_total_number_of_bins_used   20 
_refine_ls_shell.d_res_high                       1.800 
_refine_ls_shell.d_res_low                        1.846 
_refine_ls_shell.number_reflns_R_work             1260 
_refine_ls_shell.R_factor_R_work                  0.290 
_refine_ls_shell.percent_reflns_obs               100.00 
_refine_ls_shell.R_factor_R_free                  0.384 
_refine_ls_shell.R_factor_R_free_error            ? 
_refine_ls_shell.percent_reflns_R_free            ? 
_refine_ls_shell.number_reflns_R_free             66 
_refine_ls_shell.number_reflns_all                ? 
_refine_ls_shell.R_factor_all                     ? 
_refine_ls_shell.number_reflns_obs                1260 
_refine_ls_shell.redundancy_reflns_obs            ? 
_refine_ls_shell.pdbx_refine_id                   'X-RAY DIFFRACTION' 
# 
_struct.entry_id                  3LN9 
_struct.title                     'Crystal structure of the fibril-specific B10 antibody fragment' 
_struct.pdbx_model_details        ? 
_struct.pdbx_CASP_flag            ? 
_struct.pdbx_model_type_details   ? 
# 
_struct_keywords.entry_id        3LN9 
_struct_keywords.pdbx_keywords   'IMMUNE SYSTEM' 
_struct_keywords.text            
;Complementarity Determining Regions, CDR, Camelids, Immunoglobulin Heavy Chains, fibril-specific, fibril recognition, Alzheimer's disease, Amyloid, IMMUNE SYSTEM
;
# 
loop_
_struct_asym.id 
_struct_asym.pdbx_blank_PDB_chainid_flag 
_struct_asym.pdbx_modified 
_struct_asym.entity_id 
_struct_asym.details 
A N N 1 ? 
B N N 2 ? 
C N N 3 ? 
D N N 3 ? 
E N N 3 ? 
F N N 4 ? 
G N N 5 ? 
# 
_struct_ref.id                         1 
_struct_ref.db_name                    PDB 
_struct_ref.db_code                    3LN9 
_struct_ref.pdbx_db_accession          3LN9 
_struct_ref.entity_id                  1 
_struct_ref.pdbx_align_begin           ? 
_struct_ref.pdbx_seq_one_letter_code   ? 
_struct_ref.pdbx_db_isoform            ? 
# 
_struct_ref_seq.align_id                      1 
_struct_ref_seq.ref_id                        1 
_struct_ref_seq.pdbx_PDB_id_code              3LN9 
_struct_ref_seq.pdbx_strand_id                A 
_struct_ref_seq.seq_align_beg                 1 
_struct_ref_seq.pdbx_seq_align_beg_ins_code   ? 
_struct_ref_seq.seq_align_end                 139 
_struct_ref_seq.pdbx_seq_align_end_ins_code   ? 
_struct_ref_seq.pdbx_db_accession             3LN9 
_struct_ref_seq.db_align_beg                  -3 
_struct_ref_seq.pdbx_db_align_beg_ins_code    ? 
_struct_ref_seq.db_align_end                  135 
_struct_ref_seq.pdbx_db_align_end_ins_code    ? 
_struct_ref_seq.pdbx_auth_seq_align_beg       -3 
_struct_ref_seq.pdbx_auth_seq_align_end       135 
# 
_pdbx_struct_assembly.id                   1 
_pdbx_struct_assembly.details              author_defined_assembly 
_pdbx_struct_assembly.method_details       ? 
_pdbx_struct_assembly.oligomeric_details   monomeric 
_pdbx_struct_assembly.oligomeric_count     1 
# 
_pdbx_struct_assembly_gen.assembly_id       1 
_pdbx_struct_assembly_gen.oper_expression   1 
_pdbx_struct_assembly_gen.asym_id_list      A,B,C,D,E,F,G 
# 
_pdbx_struct_oper_list.id                   1 
_pdbx_struct_oper_list.type                 'identity operation' 
_pdbx_struct_oper_list.name                 1_555 
_pdbx_struct_oper_list.symmetry_operation   x,y,z 
_pdbx_struct_oper_list.matrix[1][1]         1.0000000000 
_pdbx_struct_oper_list.matrix[1][2]         0.0000000000 
_pdbx_struct_oper_list.matrix[1][3]         0.0000000000 
_pdbx_struct_oper_list.vector[1]            0.0000000000 
_pdbx_struct_oper_list.matrix[2][1]         0.0000000000 
_pdbx_struct_oper_list.matrix[2][2]         1.0000000000 
_pdbx_struct_oper_list.matrix[2][3]         0.0000000000 
_pdbx_struct_oper_list.vector[2]            0.0000000000 
_pdbx_struct_oper_list.matrix[3][1]         0.0000000000 
_pdbx_struct_oper_list.matrix[3][2]         0.0000000000 
_pdbx_struct_oper_list.matrix[3][3]         1.0000000000 
_pdbx_struct_oper_list.vector[3]            0.0000000000 
# 
_struct_biol.id        1 
_struct_biol.details   ? 
# 
loop_
_struct_conf.conf_type_id 
_struct_conf.id 
_struct_conf.pdbx_PDB_helix_id 
_struct_conf.beg_label_comp_id 
_struct_conf.beg_label_asym_id 
_struct_conf.beg_label_seq_id 
_struct_conf.pdbx_beg_PDB_ins_code 
_struct_conf.end_label_comp_id 
_struct_conf.end_label_asym_id 
_struct_conf.end_label_seq_id 
_struct_conf.pdbx_end_PDB_ins_code 
_struct_conf.beg_auth_comp_id 
_struct_conf.beg_auth_asym_id 
_struct_conf.beg_auth_seq_id 
_struct_conf.end_auth_comp_id 
_struct_conf.end_auth_asym_id 
_struct_conf.end_auth_seq_id 
_struct_conf.pdbx_PDB_helix_class 
_struct_conf.details 
_struct_conf.pdbx_PDB_helix_length 
HELX_P HELX_P1 1 THR A 32  ? ARG A 36  ? THR A 28  ARG A 32  5 ? 5 
HELX_P HELX_P2 2 ASP A 66  ? LYS A 69  ? ASP A 62  LYS A 65  5 ? 4 
HELX_P HELX_P3 3 ASN A 78  ? LYS A 80  ? ASN A 74  LYS A 76  5 ? 3 
HELX_P HELX_P4 4 LYS A 91  ? THR A 95  ? LYS A 87  THR A 91  5 ? 5 
HELX_P HELX_P5 5 HIS A 113 ? TRP A 118 ? HIS A 109 TRP A 114 5 ? 6 
# 
_struct_conf_type.id          HELX_P 
_struct_conf_type.criteria    ? 
_struct_conf_type.reference   ? 
# 
_struct_conn.id                            disulf1 
_struct_conn.conn_type_id                  disulf 
_struct_conn.pdbx_leaving_atom_flag        ? 
_struct_conn.pdbx_PDB_id                   ? 
_struct_conn.ptnr1_label_asym_id           A 
_struct_conn.ptnr1_label_comp_id           CYS 
_struct_conn.ptnr1_label_seq_id            26 
_struct_conn.ptnr1_label_atom_id           SG 
_struct_conn.pdbx_ptnr1_label_alt_id       ? 
_struct_conn.pdbx_ptnr1_PDB_ins_code       ? 
_struct_conn.pdbx_ptnr1_standard_comp_id   ? 
_struct_conn.ptnr1_symmetry                1_555 
_struct_conn.ptnr2_label_asym_id           A 
_struct_conn.ptnr2_label_comp_id           CYS 
_struct_conn.ptnr2_label_seq_id            100 
_struct_conn.ptnr2_label_atom_id           SG 
_struct_conn.pdbx_ptnr2_label_alt_id       ? 
_struct_conn.pdbx_ptnr2_PDB_ins_code       ? 
_struct_conn.ptnr1_auth_asym_id            A 
_struct_conn.ptnr1_auth_comp_id            CYS 
_struct_conn.ptnr1_auth_seq_id             22 
_struct_conn.ptnr2_auth_asym_id            A 
_struct_conn.ptnr2_auth_comp_id            CYS 
_struct_conn.ptnr2_auth_seq_id             96 
_struct_conn.ptnr2_symmetry                1_555 
_struct_conn.pdbx_ptnr3_label_atom_id      ? 
_struct_conn.pdbx_ptnr3_label_seq_id       ? 
_struct_conn.pdbx_ptnr3_label_comp_id      ? 
_struct_conn.pdbx_ptnr3_label_asym_id      ? 
_struct_conn.pdbx_ptnr3_label_alt_id       ? 
_struct_conn.pdbx_ptnr3_PDB_ins_code       ? 
_struct_conn.details                       ? 
_struct_conn.pdbx_dist_value               1.977 
_struct_conn.pdbx_value_order              ? 
_struct_conn.pdbx_role                     ? 
# 
_struct_conn_type.id          disulf 
_struct_conn_type.criteria    ? 
_struct_conn_type.reference   ? 
# 
_pdbx_modification_feature.ordinal                            1 
_pdbx_modification_feature.label_comp_id                      CYS 
_pdbx_modification_feature.label_asym_id                      A 
_pdbx_modification_feature.label_seq_id                       26 
_pdbx_modification_feature.label_alt_id                       ? 
_pdbx_modification_feature.modified_residue_label_comp_id     CYS 
_pdbx_modification_feature.modified_residue_label_asym_id     A 
_pdbx_modification_feature.modified_residue_label_seq_id      100 
_pdbx_modification_feature.modified_residue_label_alt_id      ? 
_pdbx_modification_feature.auth_comp_id                       CYS 
_pdbx_modification_feature.auth_asym_id                       A 
_pdbx_modification_feature.auth_seq_id                        22 
_pdbx_modification_feature.PDB_ins_code                       ? 
_pdbx_modification_feature.symmetry                           1_555 
_pdbx_modification_feature.modified_residue_auth_comp_id      CYS 
_pdbx_modification_feature.modified_residue_auth_asym_id      A 
_pdbx_modification_feature.modified_residue_auth_seq_id       96 
_pdbx_modification_feature.modified_residue_PDB_ins_code      ? 
_pdbx_modification_feature.modified_residue_symmetry          1_555 
_pdbx_modification_feature.comp_id_linking_atom               SG 
_pdbx_modification_feature.modified_residue_id_linking_atom   SG 
_pdbx_modification_feature.modified_residue_id                . 
_pdbx_modification_feature.ref_pcm_id                         . 
_pdbx_modification_feature.ref_comp_id                        . 
_pdbx_modification_feature.type                               None 
_pdbx_modification_feature.category                           'Disulfide bridge' 
# 
loop_
_struct_sheet.id 
_struct_sheet.type 
_struct_sheet.number_strands 
_struct_sheet.details 
A ? 4 ? 
B ? 6 ? 
# 
loop_
_struct_sheet_order.sheet_id 
_struct_sheet_order.range_id_1 
_struct_sheet_order.range_id_2 
_struct_sheet_order.offset 
_struct_sheet_order.sense 
A 1 2 ? anti-parallel 
A 2 3 ? anti-parallel 
A 3 4 ? anti-parallel 
B 1 2 ? parallel      
B 2 3 ? anti-parallel 
B 3 4 ? anti-parallel 
B 4 5 ? anti-parallel 
B 5 6 ? anti-parallel 
# 
loop_
_struct_sheet_range.sheet_id 
_struct_sheet_range.id 
_struct_sheet_range.beg_label_comp_id 
_struct_sheet_range.beg_label_asym_id 
_struct_sheet_range.beg_label_seq_id 
_struct_sheet_range.pdbx_beg_PDB_ins_code 
_struct_sheet_range.end_label_comp_id 
_struct_sheet_range.end_label_asym_id 
_struct_sheet_range.end_label_seq_id 
_struct_sheet_range.pdbx_end_PDB_ins_code 
_struct_sheet_range.beg_auth_comp_id 
_struct_sheet_range.beg_auth_asym_id 
_struct_sheet_range.beg_auth_seq_id 
_struct_sheet_range.end_auth_comp_id 
_struct_sheet_range.end_auth_asym_id 
_struct_sheet_range.end_auth_seq_id 
A 1 GLN A 7   ? SER A 11  ? GLN A 3   SER A 7   
A 2 LEU A 22  ? SER A 29  ? LEU A 18  SER A 25  
A 3 THR A 82  ? MET A 87  ? THR A 78  MET A 83  
A 4 PHE A 72  ? ASP A 77  ? PHE A 68  ASP A 73  
B 1 GLY A 14  ? VAL A 16  ? GLY A 10  VAL A 12  
B 2 THR A 122 ? VAL A 126 ? THR A 118 VAL A 122 
B 3 ALA A 96  ? GLY A 103 ? ALA A 92  GLY A 99  
B 4 TYR A 37  ? GLN A 43  ? TYR A 33  GLN A 39  
B 5 GLU A 50  ? ILE A 55  ? GLU A 46  ILE A 51  
B 6 THR A 62  ? TYR A 64  ? THR A 58  TYR A 60  
# 
loop_
_pdbx_struct_sheet_hbond.sheet_id 
_pdbx_struct_sheet_hbond.range_id_1 
_pdbx_struct_sheet_hbond.range_id_2 
_pdbx_struct_sheet_hbond.range_1_label_atom_id 
_pdbx_struct_sheet_hbond.range_1_label_comp_id 
_pdbx_struct_sheet_hbond.range_1_label_asym_id 
_pdbx_struct_sheet_hbond.range_1_label_seq_id 
_pdbx_struct_sheet_hbond.range_1_PDB_ins_code 
_pdbx_struct_sheet_hbond.range_1_auth_atom_id 
_pdbx_struct_sheet_hbond.range_1_auth_comp_id 
_pdbx_struct_sheet_hbond.range_1_auth_asym_id 
_pdbx_struct_sheet_hbond.range_1_auth_seq_id 
_pdbx_struct_sheet_hbond.range_2_label_atom_id 
_pdbx_struct_sheet_hbond.range_2_label_comp_id 
_pdbx_struct_sheet_hbond.range_2_label_asym_id 
_pdbx_struct_sheet_hbond.range_2_label_seq_id 
_pdbx_struct_sheet_hbond.range_2_PDB_ins_code 
_pdbx_struct_sheet_hbond.range_2_auth_atom_id 
_pdbx_struct_sheet_hbond.range_2_auth_comp_id 
_pdbx_struct_sheet_hbond.range_2_auth_asym_id 
_pdbx_struct_sheet_hbond.range_2_auth_seq_id 
A 1 2 N GLN A 7   ? N GLN A 3   O SER A 29  ? O SER A 25  
A 2 3 N LEU A 22  ? N LEU A 18  O MET A 87  ? O MET A 83  
A 3 4 O GLN A 86  ? O GLN A 82  N THR A 73  ? N THR A 69  
B 1 2 N GLY A 14  ? N GLY A 10  O GLN A 123 ? O GLN A 119 
B 2 3 O THR A 122 ? O THR A 118 N TYR A 98  ? N TYR A 94  
B 3 4 O TYR A 99  ? O TYR A 95  N PHE A 41  ? N PHE A 37  
B 4 5 N HIS A 38  ? N HIS A 34  O ILE A 55  ? O ILE A 51  
B 5 6 N VAL A 54  ? N VAL A 50  O TYR A 63  ? O TYR A 59  
# 
loop_
_struct_site.id 
_struct_site.pdbx_evidence_code 
_struct_site.pdbx_auth_asym_id 
_struct_site.pdbx_auth_comp_id 
_struct_site.pdbx_auth_seq_id 
_struct_site.pdbx_auth_ins_code 
_struct_site.pdbx_num_residues 
_struct_site.details 
AC1 Software A FLC 136 ? 12 'BINDING SITE FOR RESIDUE FLC A 136' 
AC2 Software A GOL 137 ? 7  'BINDING SITE FOR RESIDUE GOL A 137' 
AC3 Software A GOL 138 ? 9  'BINDING SITE FOR RESIDUE GOL A 138' 
AC4 Software A GOL 139 ? 6  'BINDING SITE FOR RESIDUE GOL A 139' 
AC5 Software A SO4 140 ? 9  'BINDING SITE FOR RESIDUE SO4 A 140' 
# 
loop_
_struct_site_gen.id 
_struct_site_gen.site_id 
_struct_site_gen.pdbx_num_res 
_struct_site_gen.label_comp_id 
_struct_site_gen.label_asym_id 
_struct_site_gen.label_seq_id 
_struct_site_gen.pdbx_auth_ins_code 
_struct_site_gen.auth_comp_id 
_struct_site_gen.auth_asym_id 
_struct_site_gen.auth_seq_id 
_struct_site_gen.label_atom_id 
_struct_site_gen.label_alt_id 
_struct_site_gen.symmetry 
_struct_site_gen.details 
1  AC1 12 TYR A 37  ? TYR A 33  . ? 1_555  ? 
2  AC1 12 ARG A 39  ? ARG A 35  . ? 12_555 ? 
3  AC1 12 VAL A 54  ? VAL A 50  . ? 12_555 ? 
4  AC1 12 SER A 56  ? SER A 52  . ? 1_555  ? 
5  AC1 12 GLN A 57  ? GLN A 53  . ? 1_555  ? 
6  AC1 12 SER A 58  ? SER A 54  . ? 1_555  ? 
7  AC1 12 MET A 60  ? MET A 56  . ? 1_555  ? 
8  AC1 12 ARG A 61  ? ARG A 57  . ? 1_555  ? 
9  AC1 12 ARG A 105 ? ARG A 101 . ? 1_555  ? 
10 AC1 12 GOL D .   ? GOL A 138 . ? 12_555 ? 
11 AC1 12 HOH G .   ? HOH A 144 . ? 1_555  ? 
12 AC1 12 HOH G .   ? HOH A 234 . ? 10_555 ? 
13 AC2 7  TYR A 31  ? TYR A 27  . ? 1_555  ? 
14 AC2 7  THR A 32  ? THR A 28  . ? 1_555  ? 
15 AC2 7  HIS A 35  ? HIS A 31  . ? 1_555  ? 
16 AC2 7  ARG A 36  ? ARG A 32  . ? 1_555  ? 
17 AC2 7  TYR A 117 ? TYR A 113 . ? 1_555  ? 
18 AC2 7  HOH G .   ? HOH A 232 . ? 1_555  ? 
19 AC2 7  HOH G .   ? HOH A 246 . ? 1_555  ? 
20 AC3 9  ILE A 51  ? ILE A 47  . ? 1_555  ? 
21 AC3 9  ASN A 107 ? ASN A 103 . ? 1_555  ? 
22 AC3 9  VAL A 108 ? VAL A 104 . ? 1_555  ? 
23 AC3 9  HIS A 113 ? HIS A 109 . ? 3_555  ? 
24 AC3 9  PRO A 114 ? PRO A 110 . ? 3_555  ? 
25 AC3 9  PHE A 115 ? PHE A 111 . ? 3_555  ? 
26 AC3 9  FLC B .   ? FLC A 136 . ? 6_555  ? 
27 AC3 9  HOH G .   ? HOH A 209 . ? 3_555  ? 
28 AC3 9  HOH G .   ? HOH A 230 . ? 3_555  ? 
29 AC4 6  ARG A 36  ? ARG A 32  . ? 1_555  ? 
30 AC4 6  THR A 104 ? THR A 100 . ? 1_555  ? 
31 AC4 6  THR A 110 ? THR A 106 . ? 1_555  ? 
32 AC4 6  ARG A 111 ? ARG A 107 . ? 1_555  ? 
33 AC4 6  GLN A 112 ? GLN A 108 . ? 1_555  ? 
34 AC4 6  HOH G .   ? HOH A 151 . ? 10_555 ? 
35 AC5 9  ARG A 61  ? ARG A 57  . ? 1_555  ? 
36 AC5 9  ARG A 61  ? ARG A 57  . ? 6_555  ? 
37 AC5 9  ARG A 61  ? ARG A 57  . ? 12_555 ? 
38 AC5 9  ARG A 105 ? ARG A 101 . ? 6_555  ? 
39 AC5 9  ARG A 105 ? ARG A 101 . ? 12_555 ? 
40 AC5 9  ARG A 105 ? ARG A 101 . ? 1_555  ? 
41 AC5 9  HOH G .   ? HOH A 204 . ? 1_555  ? 
42 AC5 9  HOH G .   ? HOH A 204 . ? 6_555  ? 
43 AC5 9  HOH G .   ? HOH A 204 . ? 12_555 ? 
# 
_pdbx_entry_details.entry_id                   3LN9 
_pdbx_entry_details.nonpolymer_details         ? 
_pdbx_entry_details.sequence_details           
'THE RESIDUES (-3)-0 ASP TYR LYS ASP ARE N-TERMINAL FLAG TAGS AND RESIDUES HIS 130-135 ARE C-TERMINAL HIS TAGS.' 
_pdbx_entry_details.compound_details           ? 
_pdbx_entry_details.source_details             ? 
_pdbx_entry_details.has_ligand_of_interest     ? 
_pdbx_entry_details.has_protein_modification   Y 
# 
loop_
_pdbx_validate_symm_contact.id 
_pdbx_validate_symm_contact.PDB_model_num 
_pdbx_validate_symm_contact.auth_atom_id_1 
_pdbx_validate_symm_contact.auth_asym_id_1 
_pdbx_validate_symm_contact.auth_comp_id_1 
_pdbx_validate_symm_contact.auth_seq_id_1 
_pdbx_validate_symm_contact.PDB_ins_code_1 
_pdbx_validate_symm_contact.label_alt_id_1 
_pdbx_validate_symm_contact.site_symmetry_1 
_pdbx_validate_symm_contact.auth_atom_id_2 
_pdbx_validate_symm_contact.auth_asym_id_2 
_pdbx_validate_symm_contact.auth_comp_id_2 
_pdbx_validate_symm_contact.auth_seq_id_2 
_pdbx_validate_symm_contact.PDB_ins_code_2 
_pdbx_validate_symm_contact.label_alt_id_2 
_pdbx_validate_symm_contact.site_symmetry_2 
_pdbx_validate_symm_contact.dist 
1 1 O A HOH 202 ? ? 1_555 O A HOH 229 ? ? 3_555 2.18 
2 1 O A HOH 195 ? ? 1_555 O A HOH 228 ? ? 3_555 2.19 
# 
_pdbx_validate_rmsd_bond.id                        1 
_pdbx_validate_rmsd_bond.PDB_model_num             1 
_pdbx_validate_rmsd_bond.auth_atom_id_1            CB 
_pdbx_validate_rmsd_bond.auth_asym_id_1            A 
_pdbx_validate_rmsd_bond.auth_comp_id_1            ARG 
_pdbx_validate_rmsd_bond.auth_seq_id_1             45 
_pdbx_validate_rmsd_bond.PDB_ins_code_1            ? 
_pdbx_validate_rmsd_bond.label_alt_id_1            ? 
_pdbx_validate_rmsd_bond.auth_atom_id_2            CG 
_pdbx_validate_rmsd_bond.auth_asym_id_2            A 
_pdbx_validate_rmsd_bond.auth_comp_id_2            ARG 
_pdbx_validate_rmsd_bond.auth_seq_id_2             45 
_pdbx_validate_rmsd_bond.PDB_ins_code_2            ? 
_pdbx_validate_rmsd_bond.label_alt_id_2            ? 
_pdbx_validate_rmsd_bond.bond_value                1.354 
_pdbx_validate_rmsd_bond.bond_target_value         1.521 
_pdbx_validate_rmsd_bond.bond_deviation            -0.167 
_pdbx_validate_rmsd_bond.bond_standard_deviation   0.027 
_pdbx_validate_rmsd_bond.linker_flag               N 
# 
loop_
_pdbx_validate_rmsd_angle.id 
_pdbx_validate_rmsd_angle.PDB_model_num 
_pdbx_validate_rmsd_angle.auth_atom_id_1 
_pdbx_validate_rmsd_angle.auth_asym_id_1 
_pdbx_validate_rmsd_angle.auth_comp_id_1 
_pdbx_validate_rmsd_angle.auth_seq_id_1 
_pdbx_validate_rmsd_angle.PDB_ins_code_1 
_pdbx_validate_rmsd_angle.label_alt_id_1 
_pdbx_validate_rmsd_angle.auth_atom_id_2 
_pdbx_validate_rmsd_angle.auth_asym_id_2 
_pdbx_validate_rmsd_angle.auth_comp_id_2 
_pdbx_validate_rmsd_angle.auth_seq_id_2 
_pdbx_validate_rmsd_angle.PDB_ins_code_2 
_pdbx_validate_rmsd_angle.label_alt_id_2 
_pdbx_validate_rmsd_angle.auth_atom_id_3 
_pdbx_validate_rmsd_angle.auth_asym_id_3 
_pdbx_validate_rmsd_angle.auth_comp_id_3 
_pdbx_validate_rmsd_angle.auth_seq_id_3 
_pdbx_validate_rmsd_angle.PDB_ins_code_3 
_pdbx_validate_rmsd_angle.label_alt_id_3 
_pdbx_validate_rmsd_angle.angle_value 
_pdbx_validate_rmsd_angle.angle_target_value 
_pdbx_validate_rmsd_angle.angle_deviation 
_pdbx_validate_rmsd_angle.angle_standard_deviation 
_pdbx_validate_rmsd_angle.linker_flag 
1 1 NE A ARG 32 ? ? CZ A ARG 32 ? ? NH1 A ARG 32 ? ? 115.16 120.30 -5.14 0.50 N 
2 1 NE A ARG 32 ? ? CZ A ARG 32 ? ? NH2 A ARG 32 ? ? 124.09 120.30 3.79  0.50 N 
# 
_pdbx_validate_torsion.id              1 
_pdbx_validate_torsion.PDB_model_num   1 
_pdbx_validate_torsion.auth_comp_id    ALA 
_pdbx_validate_torsion.auth_asym_id    A 
_pdbx_validate_torsion.auth_seq_id     92 
_pdbx_validate_torsion.PDB_ins_code    ? 
_pdbx_validate_torsion.label_alt_id    ? 
_pdbx_validate_torsion.phi             178.43 
_pdbx_validate_torsion.psi             166.39 
# 
loop_
_pdbx_struct_special_symmetry.id 
_pdbx_struct_special_symmetry.PDB_model_num 
_pdbx_struct_special_symmetry.auth_asym_id 
_pdbx_struct_special_symmetry.auth_comp_id 
_pdbx_struct_special_symmetry.auth_seq_id 
_pdbx_struct_special_symmetry.PDB_ins_code 
_pdbx_struct_special_symmetry.label_asym_id 
_pdbx_struct_special_symmetry.label_comp_id 
_pdbx_struct_special_symmetry.label_seq_id 
1 1 A SO4 140 ? F SO4 . 
2 1 A HOH 184 ? G HOH . 
3 1 A HOH 255 ? G HOH . 
# 
_pdbx_refine_tls.pdbx_refine_id   'X-RAY DIFFRACTION' 
_pdbx_refine_tls.id               1 
_pdbx_refine_tls.details          ? 
_pdbx_refine_tls.method           refined 
_pdbx_refine_tls.origin_x         0.3652 
_pdbx_refine_tls.origin_y         0.6301 
_pdbx_refine_tls.origin_z         0.2211 
_pdbx_refine_tls.T[1][1]          -0.2252 
_pdbx_refine_tls.T[2][2]          -0.2605 
_pdbx_refine_tls.T[3][3]          -0.0252 
_pdbx_refine_tls.T[1][2]          0.0066 
_pdbx_refine_tls.T[1][3]          0.0911 
_pdbx_refine_tls.T[2][3]          0.0879 
_pdbx_refine_tls.L[1][1]          2.1034 
_pdbx_refine_tls.L[2][2]          5.4142 
_pdbx_refine_tls.L[3][3]          2.0170 
_pdbx_refine_tls.L[1][2]          1.7995 
_pdbx_refine_tls.L[1][3]          0.3729 
_pdbx_refine_tls.L[2][3]          1.1158 
_pdbx_refine_tls.S[1][1]          -0.1444 
_pdbx_refine_tls.S[1][2]          0.2651 
_pdbx_refine_tls.S[1][3]          0.4822 
_pdbx_refine_tls.S[2][1]          0.1494 
_pdbx_refine_tls.S[2][2]          0.1500 
_pdbx_refine_tls.S[2][3]          0.9315 
_pdbx_refine_tls.S[3][1]          0.1735 
_pdbx_refine_tls.S[3][2]          0.1223 
_pdbx_refine_tls.S[3][3]          -0.0056 
# 
_pdbx_refine_tls_group.pdbx_refine_id      'X-RAY DIFFRACTION' 
_pdbx_refine_tls_group.id                  1 
_pdbx_refine_tls_group.refine_tls_id       1 
_pdbx_refine_tls_group.beg_auth_asym_id    A 
_pdbx_refine_tls_group.beg_auth_seq_id     1 
_pdbx_refine_tls_group.beg_label_asym_id   ? 
_pdbx_refine_tls_group.beg_label_seq_id    ? 
_pdbx_refine_tls_group.end_auth_asym_id    A 
_pdbx_refine_tls_group.end_auth_seq_id     124 
_pdbx_refine_tls_group.end_label_asym_id   ? 
_pdbx_refine_tls_group.end_label_seq_id    ? 
_pdbx_refine_tls_group.selection           ? 
_pdbx_refine_tls_group.selection_details   ? 
# 
loop_
_pdbx_unobs_or_zero_occ_residues.id 
_pdbx_unobs_or_zero_occ_residues.PDB_model_num 
_pdbx_unobs_or_zero_occ_residues.polymer_flag 
_pdbx_unobs_or_zero_occ_residues.occupancy_flag 
_pdbx_unobs_or_zero_occ_residues.auth_asym_id 
_pdbx_unobs_or_zero_occ_residues.auth_comp_id 
_pdbx_unobs_or_zero_occ_residues.auth_seq_id 
_pdbx_unobs_or_zero_occ_residues.PDB_ins_code 
_pdbx_unobs_or_zero_occ_residues.label_asym_id 
_pdbx_unobs_or_zero_occ_residues.label_comp_id 
_pdbx_unobs_or_zero_occ_residues.label_seq_id 
1  1 Y 1 A ASP -3  ? A ASP 1   
2  1 Y 1 A TYR -2  ? A TYR 2   
3  1 Y 1 A LYS -1  ? A LYS 3   
4  1 Y 1 A ASP 0   ? A ASP 4   
5  1 Y 1 A ALA 125 ? A ALA 129 
6  1 Y 1 A SER 126 ? A SER 130 
7  1 Y 1 A GLY 127 ? A GLY 131 
8  1 Y 1 A ALA 128 ? A ALA 132 
9  1 Y 1 A ASP 129 ? A ASP 133 
10 1 Y 1 A HIS 130 ? A HIS 134 
11 1 Y 1 A HIS 131 ? A HIS 135 
12 1 Y 1 A HIS 132 ? A HIS 136 
13 1 Y 1 A HIS 133 ? A HIS 137 
14 1 Y 1 A HIS 134 ? A HIS 138 
15 1 Y 1 A HIS 135 ? A HIS 139 
# 
loop_
_chem_comp_atom.comp_id 
_chem_comp_atom.atom_id 
_chem_comp_atom.type_symbol 
_chem_comp_atom.pdbx_aromatic_flag 
_chem_comp_atom.pdbx_stereo_config 
_chem_comp_atom.pdbx_ordinal 
ALA N    N N N 1   
ALA CA   C N S 2   
ALA C    C N N 3   
ALA O    O N N 4   
ALA CB   C N N 5   
ALA OXT  O N N 6   
ALA H    H N N 7   
ALA H2   H N N 8   
ALA HA   H N N 9   
ALA HB1  H N N 10  
ALA HB2  H N N 11  
ALA HB3  H N N 12  
ALA HXT  H N N 13  
ARG N    N N N 14  
ARG CA   C N S 15  
ARG C    C N N 16  
ARG O    O N N 17  
ARG CB   C N N 18  
ARG CG   C N N 19  
ARG CD   C N N 20  
ARG NE   N N N 21  
ARG CZ   C N N 22  
ARG NH1  N N N 23  
ARG NH2  N N N 24  
ARG OXT  O N N 25  
ARG H    H N N 26  
ARG H2   H N N 27  
ARG HA   H N N 28  
ARG HB2  H N N 29  
ARG HB3  H N N 30  
ARG HG2  H N N 31  
ARG HG3  H N N 32  
ARG HD2  H N N 33  
ARG HD3  H N N 34  
ARG HE   H N N 35  
ARG HH11 H N N 36  
ARG HH12 H N N 37  
ARG HH21 H N N 38  
ARG HH22 H N N 39  
ARG HXT  H N N 40  
ASN N    N N N 41  
ASN CA   C N S 42  
ASN C    C N N 43  
ASN O    O N N 44  
ASN CB   C N N 45  
ASN CG   C N N 46  
ASN OD1  O N N 47  
ASN ND2  N N N 48  
ASN OXT  O N N 49  
ASN H    H N N 50  
ASN H2   H N N 51  
ASN HA   H N N 52  
ASN HB2  H N N 53  
ASN HB3  H N N 54  
ASN HD21 H N N 55  
ASN HD22 H N N 56  
ASN HXT  H N N 57  
ASP N    N N N 58  
ASP CA   C N S 59  
ASP C    C N N 60  
ASP O    O N N 61  
ASP CB   C N N 62  
ASP CG   C N N 63  
ASP OD1  O N N 64  
ASP OD2  O N N 65  
ASP OXT  O N N 66  
ASP H    H N N 67  
ASP H2   H N N 68  
ASP HA   H N N 69  
ASP HB2  H N N 70  
ASP HB3  H N N 71  
ASP HD2  H N N 72  
ASP HXT  H N N 73  
CYS N    N N N 74  
CYS CA   C N R 75  
CYS C    C N N 76  
CYS O    O N N 77  
CYS CB   C N N 78  
CYS SG   S N N 79  
CYS OXT  O N N 80  
CYS H    H N N 81  
CYS H2   H N N 82  
CYS HA   H N N 83  
CYS HB2  H N N 84  
CYS HB3  H N N 85  
CYS HG   H N N 86  
CYS HXT  H N N 87  
FLC CAC  C N N 88  
FLC CA   C N N 89  
FLC CB   C N N 90  
FLC CBC  C N N 91  
FLC CG   C N N 92  
FLC CGC  C N N 93  
FLC OA1  O N N 94  
FLC OA2  O N N 95  
FLC OB1  O N N 96  
FLC OB2  O N N 97  
FLC OG1  O N N 98  
FLC OG2  O N N 99  
FLC OHB  O N N 100 
FLC HA1  H N N 101 
FLC HA2  H N N 102 
FLC HG1  H N N 103 
FLC HG2  H N N 104 
FLC HOB  H N N 105 
GLN N    N N N 106 
GLN CA   C N S 107 
GLN C    C N N 108 
GLN O    O N N 109 
GLN CB   C N N 110 
GLN CG   C N N 111 
GLN CD   C N N 112 
GLN OE1  O N N 113 
GLN NE2  N N N 114 
GLN OXT  O N N 115 
GLN H    H N N 116 
GLN H2   H N N 117 
GLN HA   H N N 118 
GLN HB2  H N N 119 
GLN HB3  H N N 120 
GLN HG2  H N N 121 
GLN HG3  H N N 122 
GLN HE21 H N N 123 
GLN HE22 H N N 124 
GLN HXT  H N N 125 
GLU N    N N N 126 
GLU CA   C N S 127 
GLU C    C N N 128 
GLU O    O N N 129 
GLU CB   C N N 130 
GLU CG   C N N 131 
GLU CD   C N N 132 
GLU OE1  O N N 133 
GLU OE2  O N N 134 
GLU OXT  O N N 135 
GLU H    H N N 136 
GLU H2   H N N 137 
GLU HA   H N N 138 
GLU HB2  H N N 139 
GLU HB3  H N N 140 
GLU HG2  H N N 141 
GLU HG3  H N N 142 
GLU HE2  H N N 143 
GLU HXT  H N N 144 
GLY N    N N N 145 
GLY CA   C N N 146 
GLY C    C N N 147 
GLY O    O N N 148 
GLY OXT  O N N 149 
GLY H    H N N 150 
GLY H2   H N N 151 
GLY HA2  H N N 152 
GLY HA3  H N N 153 
GLY HXT  H N N 154 
GOL C1   C N N 155 
GOL O1   O N N 156 
GOL C2   C N N 157 
GOL O2   O N N 158 
GOL C3   C N N 159 
GOL O3   O N N 160 
GOL H11  H N N 161 
GOL H12  H N N 162 
GOL HO1  H N N 163 
GOL H2   H N N 164 
GOL HO2  H N N 165 
GOL H31  H N N 166 
GOL H32  H N N 167 
GOL HO3  H N N 168 
HIS N    N N N 169 
HIS CA   C N S 170 
HIS C    C N N 171 
HIS O    O N N 172 
HIS CB   C N N 173 
HIS CG   C Y N 174 
HIS ND1  N Y N 175 
HIS CD2  C Y N 176 
HIS CE1  C Y N 177 
HIS NE2  N Y N 178 
HIS OXT  O N N 179 
HIS H    H N N 180 
HIS H2   H N N 181 
HIS HA   H N N 182 
HIS HB2  H N N 183 
HIS HB3  H N N 184 
HIS HD1  H N N 185 
HIS HD2  H N N 186 
HIS HE1  H N N 187 
HIS HE2  H N N 188 
HIS HXT  H N N 189 
HOH O    O N N 190 
HOH H1   H N N 191 
HOH H2   H N N 192 
ILE N    N N N 193 
ILE CA   C N S 194 
ILE C    C N N 195 
ILE O    O N N 196 
ILE CB   C N S 197 
ILE CG1  C N N 198 
ILE CG2  C N N 199 
ILE CD1  C N N 200 
ILE OXT  O N N 201 
ILE H    H N N 202 
ILE H2   H N N 203 
ILE HA   H N N 204 
ILE HB   H N N 205 
ILE HG12 H N N 206 
ILE HG13 H N N 207 
ILE HG21 H N N 208 
ILE HG22 H N N 209 
ILE HG23 H N N 210 
ILE HD11 H N N 211 
ILE HD12 H N N 212 
ILE HD13 H N N 213 
ILE HXT  H N N 214 
LEU N    N N N 215 
LEU CA   C N S 216 
LEU C    C N N 217 
LEU O    O N N 218 
LEU CB   C N N 219 
LEU CG   C N N 220 
LEU CD1  C N N 221 
LEU CD2  C N N 222 
LEU OXT  O N N 223 
LEU H    H N N 224 
LEU H2   H N N 225 
LEU HA   H N N 226 
LEU HB2  H N N 227 
LEU HB3  H N N 228 
LEU HG   H N N 229 
LEU HD11 H N N 230 
LEU HD12 H N N 231 
LEU HD13 H N N 232 
LEU HD21 H N N 233 
LEU HD22 H N N 234 
LEU HD23 H N N 235 
LEU HXT  H N N 236 
LYS N    N N N 237 
LYS CA   C N S 238 
LYS C    C N N 239 
LYS O    O N N 240 
LYS CB   C N N 241 
LYS CG   C N N 242 
LYS CD   C N N 243 
LYS CE   C N N 244 
LYS NZ   N N N 245 
LYS OXT  O N N 246 
LYS H    H N N 247 
LYS H2   H N N 248 
LYS HA   H N N 249 
LYS HB2  H N N 250 
LYS HB3  H N N 251 
LYS HG2  H N N 252 
LYS HG3  H N N 253 
LYS HD2  H N N 254 
LYS HD3  H N N 255 
LYS HE2  H N N 256 
LYS HE3  H N N 257 
LYS HZ1  H N N 258 
LYS HZ2  H N N 259 
LYS HZ3  H N N 260 
LYS HXT  H N N 261 
MET N    N N N 262 
MET CA   C N S 263 
MET C    C N N 264 
MET O    O N N 265 
MET CB   C N N 266 
MET CG   C N N 267 
MET SD   S N N 268 
MET CE   C N N 269 
MET OXT  O N N 270 
MET H    H N N 271 
MET H2   H N N 272 
MET HA   H N N 273 
MET HB2  H N N 274 
MET HB3  H N N 275 
MET HG2  H N N 276 
MET HG3  H N N 277 
MET HE1  H N N 278 
MET HE2  H N N 279 
MET HE3  H N N 280 
MET HXT  H N N 281 
PHE N    N N N 282 
PHE CA   C N S 283 
PHE C    C N N 284 
PHE O    O N N 285 
PHE CB   C N N 286 
PHE CG   C Y N 287 
PHE CD1  C Y N 288 
PHE CD2  C Y N 289 
PHE CE1  C Y N 290 
PHE CE2  C Y N 291 
PHE CZ   C Y N 292 
PHE OXT  O N N 293 
PHE H    H N N 294 
PHE H2   H N N 295 
PHE HA   H N N 296 
PHE HB2  H N N 297 
PHE HB3  H N N 298 
PHE HD1  H N N 299 
PHE HD2  H N N 300 
PHE HE1  H N N 301 
PHE HE2  H N N 302 
PHE HZ   H N N 303 
PHE HXT  H N N 304 
PRO N    N N N 305 
PRO CA   C N S 306 
PRO C    C N N 307 
PRO O    O N N 308 
PRO CB   C N N 309 
PRO CG   C N N 310 
PRO CD   C N N 311 
PRO OXT  O N N 312 
PRO H    H N N 313 
PRO HA   H N N 314 
PRO HB2  H N N 315 
PRO HB3  H N N 316 
PRO HG2  H N N 317 
PRO HG3  H N N 318 
PRO HD2  H N N 319 
PRO HD3  H N N 320 
PRO HXT  H N N 321 
SER N    N N N 322 
SER CA   C N S 323 
SER C    C N N 324 
SER O    O N N 325 
SER CB   C N N 326 
SER OG   O N N 327 
SER OXT  O N N 328 
SER H    H N N 329 
SER H2   H N N 330 
SER HA   H N N 331 
SER HB2  H N N 332 
SER HB3  H N N 333 
SER HG   H N N 334 
SER HXT  H N N 335 
SO4 S    S N N 336 
SO4 O1   O N N 337 
SO4 O2   O N N 338 
SO4 O3   O N N 339 
SO4 O4   O N N 340 
THR N    N N N 341 
THR CA   C N S 342 
THR C    C N N 343 
THR O    O N N 344 
THR CB   C N R 345 
THR OG1  O N N 346 
THR CG2  C N N 347 
THR OXT  O N N 348 
THR H    H N N 349 
THR H2   H N N 350 
THR HA   H N N 351 
THR HB   H N N 352 
THR HG1  H N N 353 
THR HG21 H N N 354 
THR HG22 H N N 355 
THR HG23 H N N 356 
THR HXT  H N N 357 
TRP N    N N N 358 
TRP CA   C N S 359 
TRP C    C N N 360 
TRP O    O N N 361 
TRP CB   C N N 362 
TRP CG   C Y N 363 
TRP CD1  C Y N 364 
TRP CD2  C Y N 365 
TRP NE1  N Y N 366 
TRP CE2  C Y N 367 
TRP CE3  C Y N 368 
TRP CZ2  C Y N 369 
TRP CZ3  C Y N 370 
TRP CH2  C Y N 371 
TRP OXT  O N N 372 
TRP H    H N N 373 
TRP H2   H N N 374 
TRP HA   H N N 375 
TRP HB2  H N N 376 
TRP HB3  H N N 377 
TRP HD1  H N N 378 
TRP HE1  H N N 379 
TRP HE3  H N N 380 
TRP HZ2  H N N 381 
TRP HZ3  H N N 382 
TRP HH2  H N N 383 
TRP HXT  H N N 384 
TYR N    N N N 385 
TYR CA   C N S 386 
TYR C    C N N 387 
TYR O    O N N 388 
TYR CB   C N N 389 
TYR CG   C Y N 390 
TYR CD1  C Y N 391 
TYR CD2  C Y N 392 
TYR CE1  C Y N 393 
TYR CE2  C Y N 394 
TYR CZ   C Y N 395 
TYR OH   O N N 396 
TYR OXT  O N N 397 
TYR H    H N N 398 
TYR H2   H N N 399 
TYR HA   H N N 400 
TYR HB2  H N N 401 
TYR HB3  H N N 402 
TYR HD1  H N N 403 
TYR HD2  H N N 404 
TYR HE1  H N N 405 
TYR HE2  H N N 406 
TYR HH   H N N 407 
TYR HXT  H N N 408 
VAL N    N N N 409 
VAL CA   C N S 410 
VAL C    C N N 411 
VAL O    O N N 412 
VAL CB   C N N 413 
VAL CG1  C N N 414 
VAL CG2  C N N 415 
VAL OXT  O N N 416 
VAL H    H N N 417 
VAL H2   H N N 418 
VAL HA   H N N 419 
VAL HB   H N N 420 
VAL HG11 H N N 421 
VAL HG12 H N N 422 
VAL HG13 H N N 423 
VAL HG21 H N N 424 
VAL HG22 H N N 425 
VAL HG23 H N N 426 
VAL HXT  H N N 427 
# 
loop_
_chem_comp_bond.comp_id 
_chem_comp_bond.atom_id_1 
_chem_comp_bond.atom_id_2 
_chem_comp_bond.value_order 
_chem_comp_bond.pdbx_aromatic_flag 
_chem_comp_bond.pdbx_stereo_config 
_chem_comp_bond.pdbx_ordinal 
ALA N   CA   sing N N 1   
ALA N   H    sing N N 2   
ALA N   H2   sing N N 3   
ALA CA  C    sing N N 4   
ALA CA  CB   sing N N 5   
ALA CA  HA   sing N N 6   
ALA C   O    doub N N 7   
ALA C   OXT  sing N N 8   
ALA CB  HB1  sing N N 9   
ALA CB  HB2  sing N N 10  
ALA CB  HB3  sing N N 11  
ALA OXT HXT  sing N N 12  
ARG N   CA   sing N N 13  
ARG N   H    sing N N 14  
ARG N   H2   sing N N 15  
ARG CA  C    sing N N 16  
ARG CA  CB   sing N N 17  
ARG CA  HA   sing N N 18  
ARG C   O    doub N N 19  
ARG C   OXT  sing N N 20  
ARG CB  CG   sing N N 21  
ARG CB  HB2  sing N N 22  
ARG CB  HB3  sing N N 23  
ARG CG  CD   sing N N 24  
ARG CG  HG2  sing N N 25  
ARG CG  HG3  sing N N 26  
ARG CD  NE   sing N N 27  
ARG CD  HD2  sing N N 28  
ARG CD  HD3  sing N N 29  
ARG NE  CZ   sing N N 30  
ARG NE  HE   sing N N 31  
ARG CZ  NH1  sing N N 32  
ARG CZ  NH2  doub N N 33  
ARG NH1 HH11 sing N N 34  
ARG NH1 HH12 sing N N 35  
ARG NH2 HH21 sing N N 36  
ARG NH2 HH22 sing N N 37  
ARG OXT HXT  sing N N 38  
ASN N   CA   sing N N 39  
ASN N   H    sing N N 40  
ASN N   H2   sing N N 41  
ASN CA  C    sing N N 42  
ASN CA  CB   sing N N 43  
ASN CA  HA   sing N N 44  
ASN C   O    doub N N 45  
ASN C   OXT  sing N N 46  
ASN CB  CG   sing N N 47  
ASN CB  HB2  sing N N 48  
ASN CB  HB3  sing N N 49  
ASN CG  OD1  doub N N 50  
ASN CG  ND2  sing N N 51  
ASN ND2 HD21 sing N N 52  
ASN ND2 HD22 sing N N 53  
ASN OXT HXT  sing N N 54  
ASP N   CA   sing N N 55  
ASP N   H    sing N N 56  
ASP N   H2   sing N N 57  
ASP CA  C    sing N N 58  
ASP CA  CB   sing N N 59  
ASP CA  HA   sing N N 60  
ASP C   O    doub N N 61  
ASP C   OXT  sing N N 62  
ASP CB  CG   sing N N 63  
ASP CB  HB2  sing N N 64  
ASP CB  HB3  sing N N 65  
ASP CG  OD1  doub N N 66  
ASP CG  OD2  sing N N 67  
ASP OD2 HD2  sing N N 68  
ASP OXT HXT  sing N N 69  
CYS N   CA   sing N N 70  
CYS N   H    sing N N 71  
CYS N   H2   sing N N 72  
CYS CA  C    sing N N 73  
CYS CA  CB   sing N N 74  
CYS CA  HA   sing N N 75  
CYS C   O    doub N N 76  
CYS C   OXT  sing N N 77  
CYS CB  SG   sing N N 78  
CYS CB  HB2  sing N N 79  
CYS CB  HB3  sing N N 80  
CYS SG  HG   sing N N 81  
CYS OXT HXT  sing N N 82  
FLC CAC CA   sing N N 83  
FLC CAC OA1  doub N N 84  
FLC CAC OA2  sing N N 85  
FLC CA  CB   sing N N 86  
FLC CA  HA1  sing N N 87  
FLC CA  HA2  sing N N 88  
FLC CB  CBC  sing N N 89  
FLC CB  CG   sing N N 90  
FLC CB  OHB  sing N N 91  
FLC CBC OB1  doub N N 92  
FLC CBC OB2  sing N N 93  
FLC CG  CGC  sing N N 94  
FLC CG  HG1  sing N N 95  
FLC CG  HG2  sing N N 96  
FLC CGC OG1  doub N N 97  
FLC CGC OG2  sing N N 98  
FLC OHB HOB  sing N N 99  
GLN N   CA   sing N N 100 
GLN N   H    sing N N 101 
GLN N   H2   sing N N 102 
GLN CA  C    sing N N 103 
GLN CA  CB   sing N N 104 
GLN CA  HA   sing N N 105 
GLN C   O    doub N N 106 
GLN C   OXT  sing N N 107 
GLN CB  CG   sing N N 108 
GLN CB  HB2  sing N N 109 
GLN CB  HB3  sing N N 110 
GLN CG  CD   sing N N 111 
GLN CG  HG2  sing N N 112 
GLN CG  HG3  sing N N 113 
GLN CD  OE1  doub N N 114 
GLN CD  NE2  sing N N 115 
GLN NE2 HE21 sing N N 116 
GLN NE2 HE22 sing N N 117 
GLN OXT HXT  sing N N 118 
GLU N   CA   sing N N 119 
GLU N   H    sing N N 120 
GLU N   H2   sing N N 121 
GLU CA  C    sing N N 122 
GLU CA  CB   sing N N 123 
GLU CA  HA   sing N N 124 
GLU C   O    doub N N 125 
GLU C   OXT  sing N N 126 
GLU CB  CG   sing N N 127 
GLU CB  HB2  sing N N 128 
GLU CB  HB3  sing N N 129 
GLU CG  CD   sing N N 130 
GLU CG  HG2  sing N N 131 
GLU CG  HG3  sing N N 132 
GLU CD  OE1  doub N N 133 
GLU CD  OE2  sing N N 134 
GLU OE2 HE2  sing N N 135 
GLU OXT HXT  sing N N 136 
GLY N   CA   sing N N 137 
GLY N   H    sing N N 138 
GLY N   H2   sing N N 139 
GLY CA  C    sing N N 140 
GLY CA  HA2  sing N N 141 
GLY CA  HA3  sing N N 142 
GLY C   O    doub N N 143 
GLY C   OXT  sing N N 144 
GLY OXT HXT  sing N N 145 
GOL C1  O1   sing N N 146 
GOL C1  C2   sing N N 147 
GOL C1  H11  sing N N 148 
GOL C1  H12  sing N N 149 
GOL O1  HO1  sing N N 150 
GOL C2  O2   sing N N 151 
GOL C2  C3   sing N N 152 
GOL C2  H2   sing N N 153 
GOL O2  HO2  sing N N 154 
GOL C3  O3   sing N N 155 
GOL C3  H31  sing N N 156 
GOL C3  H32  sing N N 157 
GOL O3  HO3  sing N N 158 
HIS N   CA   sing N N 159 
HIS N   H    sing N N 160 
HIS N   H2   sing N N 161 
HIS CA  C    sing N N 162 
HIS CA  CB   sing N N 163 
HIS CA  HA   sing N N 164 
HIS C   O    doub N N 165 
HIS C   OXT  sing N N 166 
HIS CB  CG   sing N N 167 
HIS CB  HB2  sing N N 168 
HIS CB  HB3  sing N N 169 
HIS CG  ND1  sing Y N 170 
HIS CG  CD2  doub Y N 171 
HIS ND1 CE1  doub Y N 172 
HIS ND1 HD1  sing N N 173 
HIS CD2 NE2  sing Y N 174 
HIS CD2 HD2  sing N N 175 
HIS CE1 NE2  sing Y N 176 
HIS CE1 HE1  sing N N 177 
HIS NE2 HE2  sing N N 178 
HIS OXT HXT  sing N N 179 
HOH O   H1   sing N N 180 
HOH O   H2   sing N N 181 
ILE N   CA   sing N N 182 
ILE N   H    sing N N 183 
ILE N   H2   sing N N 184 
ILE CA  C    sing N N 185 
ILE CA  CB   sing N N 186 
ILE CA  HA   sing N N 187 
ILE C   O    doub N N 188 
ILE C   OXT  sing N N 189 
ILE CB  CG1  sing N N 190 
ILE CB  CG2  sing N N 191 
ILE CB  HB   sing N N 192 
ILE CG1 CD1  sing N N 193 
ILE CG1 HG12 sing N N 194 
ILE CG1 HG13 sing N N 195 
ILE CG2 HG21 sing N N 196 
ILE CG2 HG22 sing N N 197 
ILE CG2 HG23 sing N N 198 
ILE CD1 HD11 sing N N 199 
ILE CD1 HD12 sing N N 200 
ILE CD1 HD13 sing N N 201 
ILE OXT HXT  sing N N 202 
LEU N   CA   sing N N 203 
LEU N   H    sing N N 204 
LEU N   H2   sing N N 205 
LEU CA  C    sing N N 206 
LEU CA  CB   sing N N 207 
LEU CA  HA   sing N N 208 
LEU C   O    doub N N 209 
LEU C   OXT  sing N N 210 
LEU CB  CG   sing N N 211 
LEU CB  HB2  sing N N 212 
LEU CB  HB3  sing N N 213 
LEU CG  CD1  sing N N 214 
LEU CG  CD2  sing N N 215 
LEU CG  HG   sing N N 216 
LEU CD1 HD11 sing N N 217 
LEU CD1 HD12 sing N N 218 
LEU CD1 HD13 sing N N 219 
LEU CD2 HD21 sing N N 220 
LEU CD2 HD22 sing N N 221 
LEU CD2 HD23 sing N N 222 
LEU OXT HXT  sing N N 223 
LYS N   CA   sing N N 224 
LYS N   H    sing N N 225 
LYS N   H2   sing N N 226 
LYS CA  C    sing N N 227 
LYS CA  CB   sing N N 228 
LYS CA  HA   sing N N 229 
LYS C   O    doub N N 230 
LYS C   OXT  sing N N 231 
LYS CB  CG   sing N N 232 
LYS CB  HB2  sing N N 233 
LYS CB  HB3  sing N N 234 
LYS CG  CD   sing N N 235 
LYS CG  HG2  sing N N 236 
LYS CG  HG3  sing N N 237 
LYS CD  CE   sing N N 238 
LYS CD  HD2  sing N N 239 
LYS CD  HD3  sing N N 240 
LYS CE  NZ   sing N N 241 
LYS CE  HE2  sing N N 242 
LYS CE  HE3  sing N N 243 
LYS NZ  HZ1  sing N N 244 
LYS NZ  HZ2  sing N N 245 
LYS NZ  HZ3  sing N N 246 
LYS OXT HXT  sing N N 247 
MET N   CA   sing N N 248 
MET N   H    sing N N 249 
MET N   H2   sing N N 250 
MET CA  C    sing N N 251 
MET CA  CB   sing N N 252 
MET CA  HA   sing N N 253 
MET C   O    doub N N 254 
MET C   OXT  sing N N 255 
MET CB  CG   sing N N 256 
MET CB  HB2  sing N N 257 
MET CB  HB3  sing N N 258 
MET CG  SD   sing N N 259 
MET CG  HG2  sing N N 260 
MET CG  HG3  sing N N 261 
MET SD  CE   sing N N 262 
MET CE  HE1  sing N N 263 
MET CE  HE2  sing N N 264 
MET CE  HE3  sing N N 265 
MET OXT HXT  sing N N 266 
PHE N   CA   sing N N 267 
PHE N   H    sing N N 268 
PHE N   H2   sing N N 269 
PHE CA  C    sing N N 270 
PHE CA  CB   sing N N 271 
PHE CA  HA   sing N N 272 
PHE C   O    doub N N 273 
PHE C   OXT  sing N N 274 
PHE CB  CG   sing N N 275 
PHE CB  HB2  sing N N 276 
PHE CB  HB3  sing N N 277 
PHE CG  CD1  doub Y N 278 
PHE CG  CD2  sing Y N 279 
PHE CD1 CE1  sing Y N 280 
PHE CD1 HD1  sing N N 281 
PHE CD2 CE2  doub Y N 282 
PHE CD2 HD2  sing N N 283 
PHE CE1 CZ   doub Y N 284 
PHE CE1 HE1  sing N N 285 
PHE CE2 CZ   sing Y N 286 
PHE CE2 HE2  sing N N 287 
PHE CZ  HZ   sing N N 288 
PHE OXT HXT  sing N N 289 
PRO N   CA   sing N N 290 
PRO N   CD   sing N N 291 
PRO N   H    sing N N 292 
PRO CA  C    sing N N 293 
PRO CA  CB   sing N N 294 
PRO CA  HA   sing N N 295 
PRO C   O    doub N N 296 
PRO C   OXT  sing N N 297 
PRO CB  CG   sing N N 298 
PRO CB  HB2  sing N N 299 
PRO CB  HB3  sing N N 300 
PRO CG  CD   sing N N 301 
PRO CG  HG2  sing N N 302 
PRO CG  HG3  sing N N 303 
PRO CD  HD2  sing N N 304 
PRO CD  HD3  sing N N 305 
PRO OXT HXT  sing N N 306 
SER N   CA   sing N N 307 
SER N   H    sing N N 308 
SER N   H2   sing N N 309 
SER CA  C    sing N N 310 
SER CA  CB   sing N N 311 
SER CA  HA   sing N N 312 
SER C   O    doub N N 313 
SER C   OXT  sing N N 314 
SER CB  OG   sing N N 315 
SER CB  HB2  sing N N 316 
SER CB  HB3  sing N N 317 
SER OG  HG   sing N N 318 
SER OXT HXT  sing N N 319 
SO4 S   O1   doub N N 320 
SO4 S   O2   doub N N 321 
SO4 S   O3   sing N N 322 
SO4 S   O4   sing N N 323 
THR N   CA   sing N N 324 
THR N   H    sing N N 325 
THR N   H2   sing N N 326 
THR CA  C    sing N N 327 
THR CA  CB   sing N N 328 
THR CA  HA   sing N N 329 
THR C   O    doub N N 330 
THR C   OXT  sing N N 331 
THR CB  OG1  sing N N 332 
THR CB  CG2  sing N N 333 
THR CB  HB   sing N N 334 
THR OG1 HG1  sing N N 335 
THR CG2 HG21 sing N N 336 
THR CG2 HG22 sing N N 337 
THR CG2 HG23 sing N N 338 
THR OXT HXT  sing N N 339 
TRP N   CA   sing N N 340 
TRP N   H    sing N N 341 
TRP N   H2   sing N N 342 
TRP CA  C    sing N N 343 
TRP CA  CB   sing N N 344 
TRP CA  HA   sing N N 345 
TRP C   O    doub N N 346 
TRP C   OXT  sing N N 347 
TRP CB  CG   sing N N 348 
TRP CB  HB2  sing N N 349 
TRP CB  HB3  sing N N 350 
TRP CG  CD1  doub Y N 351 
TRP CG  CD2  sing Y N 352 
TRP CD1 NE1  sing Y N 353 
TRP CD1 HD1  sing N N 354 
TRP CD2 CE2  doub Y N 355 
TRP CD2 CE3  sing Y N 356 
TRP NE1 CE2  sing Y N 357 
TRP NE1 HE1  sing N N 358 
TRP CE2 CZ2  sing Y N 359 
TRP CE3 CZ3  doub Y N 360 
TRP CE3 HE3  sing N N 361 
TRP CZ2 CH2  doub Y N 362 
TRP CZ2 HZ2  sing N N 363 
TRP CZ3 CH2  sing Y N 364 
TRP CZ3 HZ3  sing N N 365 
TRP CH2 HH2  sing N N 366 
TRP OXT HXT  sing N N 367 
TYR N   CA   sing N N 368 
TYR N   H    sing N N 369 
TYR N   H2   sing N N 370 
TYR CA  C    sing N N 371 
TYR CA  CB   sing N N 372 
TYR CA  HA   sing N N 373 
TYR C   O    doub N N 374 
TYR C   OXT  sing N N 375 
TYR CB  CG   sing N N 376 
TYR CB  HB2  sing N N 377 
TYR CB  HB3  sing N N 378 
TYR CG  CD1  doub Y N 379 
TYR CG  CD2  sing Y N 380 
TYR CD1 CE1  sing Y N 381 
TYR CD1 HD1  sing N N 382 
TYR CD2 CE2  doub Y N 383 
TYR CD2 HD2  sing N N 384 
TYR CE1 CZ   doub Y N 385 
TYR CE1 HE1  sing N N 386 
TYR CE2 CZ   sing Y N 387 
TYR CE2 HE2  sing N N 388 
TYR CZ  OH   sing N N 389 
TYR OH  HH   sing N N 390 
TYR OXT HXT  sing N N 391 
VAL N   CA   sing N N 392 
VAL N   H    sing N N 393 
VAL N   H2   sing N N 394 
VAL CA  C    sing N N 395 
VAL CA  CB   sing N N 396 
VAL CA  HA   sing N N 397 
VAL C   O    doub N N 398 
VAL C   OXT  sing N N 399 
VAL CB  CG1  sing N N 400 
VAL CB  CG2  sing N N 401 
VAL CB  HB   sing N N 402 
VAL CG1 HG11 sing N N 403 
VAL CG1 HG12 sing N N 404 
VAL CG1 HG13 sing N N 405 
VAL CG2 HG21 sing N N 406 
VAL CG2 HG22 sing N N 407 
VAL CG2 HG23 sing N N 408 
VAL OXT HXT  sing N N 409 
# 
_pdbx_initial_refinement_model.id               1 
_pdbx_initial_refinement_model.entity_id_list   ? 
_pdbx_initial_refinement_model.type             'experimental model' 
_pdbx_initial_refinement_model.source_name      PDB 
_pdbx_initial_refinement_model.accession_code   1OL0 
_pdbx_initial_refinement_model.details          ? 
# 
_atom_sites.entry_id                    3LN9 
_atom_sites.fract_transf_matrix[1][1]   -0.00892712 
_atom_sites.fract_transf_matrix[1][2]   0.00031340 
_atom_sites.fract_transf_matrix[1][3]   -0.00784277 
_atom_sites.fract_transf_matrix[2][1]   0.00224702 
_atom_sites.fract_transf_matrix[2][2]   0.01148244 
_atom_sites.fract_transf_matrix[2][3]   -0.00209886 
_atom_sites.fract_transf_matrix[3][1]   0.00752052 
_atom_sites.fract_transf_matrix[3][2]   -0.00305877 
_atom_sites.fract_transf_matrix[3][3]   -0.00868254 
_atom_sites.fract_transf_vector[1]      0.138966 
_atom_sites.fract_transf_vector[2]      -0.339988 
_atom_sites.fract_transf_vector[3]      0.044702 
# 
loop_
_atom_type.symbol 
C 
N 
O 
S 
# 
loop_
_atom_site.group_PDB 
_atom_site.id 
_atom_site.type_symbol 
_atom_site.label_atom_id 
_atom_site.label_alt_id 
_atom_site.label_comp_id 
_atom_site.label_asym_id 
_atom_site.label_entity_id 
_atom_site.label_seq_id 
_atom_site.pdbx_PDB_ins_code 
_atom_site.Cartn_x 
_atom_site.Cartn_y 
_atom_site.Cartn_z 
_atom_site.occupancy 
_atom_site.B_iso_or_equiv 
_atom_site.pdbx_formal_charge 
_atom_site.auth_seq_id 
_atom_site.auth_comp_id 
_atom_site.auth_asym_id 
_atom_site.auth_atom_id 
_atom_site.pdbx_PDB_model_num 
ATOM   1    N N   . GLU A 1 5   ? -10.371 12.201  14.794  1.00 15.71 ? 1   GLU A N   1 
ATOM   2    C CA  . GLU A 1 5   ? -9.346  11.142  14.877  1.00 15.80 ? 1   GLU A CA  1 
ATOM   3    C C   . GLU A 1 5   ? -8.841  10.798  13.482  1.00 15.31 ? 1   GLU A C   1 
ATOM   4    O O   . GLU A 1 5   ? -9.624  10.642  12.540  1.00 15.83 ? 1   GLU A O   1 
ATOM   5    C CB  . GLU A 1 5   ? -9.906  9.874   15.528  1.00 15.88 ? 1   GLU A CB  1 
ATOM   6    C CG  . GLU A 1 5   ? -9.339  8.613   14.922  1.00 17.00 ? 1   GLU A CG  1 
ATOM   7    C CD  . GLU A 1 5   ? -9.060  7.533   15.938  1.00 18.86 ? 1   GLU A CD  1 
ATOM   8    O OE1 . GLU A 1 5   ? -9.719  7.541   16.996  1.00 19.61 ? 1   GLU A OE1 1 
ATOM   9    O OE2 . GLU A 1 5   ? -8.185  6.667   15.677  1.00 19.18 ? 1   GLU A OE2 1 
ATOM   10   N N   . VAL A 1 6   ? -7.540  10.619  13.359  1.00 14.27 ? 2   VAL A N   1 
ATOM   11   C CA  . VAL A 1 6   ? -6.983  10.456  12.045  1.00 13.05 ? 2   VAL A CA  1 
ATOM   12   C C   . VAL A 1 6   ? -6.391  9.075   11.907  1.00 12.42 ? 2   VAL A C   1 
ATOM   13   O O   . VAL A 1 6   ? -5.618  8.631   12.751  1.00 12.01 ? 2   VAL A O   1 
ATOM   14   C CB  . VAL A 1 6   ? -5.934  11.492  11.754  1.00 12.90 ? 2   VAL A CB  1 
ATOM   15   C CG1 . VAL A 1 6   ? -5.651  11.486  10.281  1.00 12.62 ? 2   VAL A CG1 1 
ATOM   16   C CG2 . VAL A 1 6   ? -6.433  12.876  12.183  1.00 13.01 ? 2   VAL A CG2 1 
ATOM   17   N N   . GLN A 1 7   ? -6.759  8.407   10.827  1.00 11.95 ? 3   GLN A N   1 
ATOM   18   C CA  . GLN A 1 7   ? -6.329  7.044   10.599  1.00 12.27 ? 3   GLN A CA  1 
ATOM   19   C C   . GLN A 1 7   ? -6.437  6.699   9.120   1.00 12.10 ? 3   GLN A C   1 
ATOM   20   O O   . GLN A 1 7   ? -7.235  7.297   8.374   1.00 11.76 ? 3   GLN A O   1 
ATOM   21   C CB  . GLN A 1 7   ? -7.157  6.062   11.450  1.00 12.27 ? 3   GLN A CB  1 
ATOM   22   C CG  . GLN A 1 7   ? -8.600  6.160   11.243  1.00 12.88 ? 3   GLN A CG  1 
ATOM   23   C CD  . GLN A 1 7   ? -9.401  5.278   12.207  1.00 15.75 ? 3   GLN A CD  1 
ATOM   24   O OE1 . GLN A 1 7   ? -8.879  4.329   12.810  1.00 16.01 ? 3   GLN A OE1 1 
ATOM   25   N NE2 . GLN A 1 7   ? -10.682 5.565   12.318  1.00 15.41 ? 3   GLN A NE2 1 
ATOM   26   N N   . LEU A 1 8   ? -5.579  5.760   8.717   1.00 12.02 ? 4   LEU A N   1 
ATOM   27   C CA  . LEU A 1 8   ? -5.620  5.167   7.424   1.00 11.52 ? 4   LEU A CA  1 
ATOM   28   C C   . LEU A 1 8   ? -5.862  3.704   7.758   1.00 11.29 ? 4   LEU A C   1 
ATOM   29   O O   . LEU A 1 8   ? -5.022  3.036   8.341   1.00 11.35 ? 4   LEU A O   1 
ATOM   30   C CB  . LEU A 1 8   ? -4.282  5.339   6.723   1.00 11.83 ? 4   LEU A CB  1 
ATOM   31   C CG  . LEU A 1 8   ? -4.269  4.759   5.317   1.00 11.26 ? 4   LEU A CG  1 
ATOM   32   C CD1 . LEU A 1 8   ? -5.498  5.251   4.496   1.00 12.08 ? 4   LEU A CD1 1 
ATOM   33   C CD2 . LEU A 1 8   ? -2.925  5.020   4.660   1.00 10.31 ? 4   LEU A CD2 1 
ATOM   34   N N   . VAL A 1 9   ? -7.020  3.224   7.384   1.00 11.30 ? 5   VAL A N   1 
ATOM   35   C CA  . VAL A 1 9   ? -7.543  1.972   7.908   1.00 11.22 ? 5   VAL A CA  1 
ATOM   36   C C   . VAL A 1 9   ? -7.378  0.945   6.818   1.00 11.14 ? 5   VAL A C   1 
ATOM   37   O O   . VAL A 1 9   ? -7.976  1.053   5.746   1.00 10.86 ? 5   VAL A O   1 
ATOM   38   C CB  . VAL A 1 9   ? -9.004  2.089   8.331   1.00 11.48 ? 5   VAL A CB  1 
ATOM   39   C CG1 . VAL A 1 9   ? -9.624  0.719   8.585   1.00 11.70 ? 5   VAL A CG1 1 
ATOM   40   C CG2 . VAL A 1 9   ? -9.096  2.949   9.571   1.00 12.13 ? 5   VAL A CG2 1 
ATOM   41   N N   . GLU A 1 10  ? -6.540  -0.029  7.121   1.00 10.73 ? 6   GLU A N   1 
ATOM   42   C CA  . GLU A 1 10  ? -6.136  -0.994  6.101   1.00 10.95 ? 6   GLU A CA  1 
ATOM   43   C C   . GLU A 1 10  ? -7.053  -2.190  6.141   1.00 10.90 ? 6   GLU A C   1 
ATOM   44   O O   . GLU A 1 10  ? -7.685  -2.442  7.132   1.00 10.89 ? 6   GLU A O   1 
ATOM   45   C CB  . GLU A 1 10  ? -4.685  -1.389  6.326   1.00 11.20 ? 6   GLU A CB  1 
ATOM   46   C CG  . GLU A 1 10  ? -4.075  -2.274  5.226   1.00 10.86 ? 6   GLU A CG  1 
ATOM   47   C CD  . GLU A 1 10  ? -2.604  -2.375  5.385   1.00 11.59 ? 6   GLU A CD  1 
ATOM   48   O OE1 . GLU A 1 10  ? -2.061  -1.637  6.247   1.00 11.08 ? 6   GLU A OE1 1 
ATOM   49   O OE2 . GLU A 1 10  ? -2.012  -3.174  4.632   1.00 11.42 ? 6   GLU A OE2 1 
ATOM   50   N N   . SER A 1 11  ? -7.174  -2.886  5.024   1.00 11.34 ? 7   SER A N   1 
ATOM   51   C CA  . SER A 1 11  ? -7.865  -4.149  4.995   1.00 11.29 ? 7   SER A CA  1 
ATOM   52   C C   . SER A 1 11  ? -7.344  -5.012  3.846   1.00 11.42 ? 7   SER A C   1 
ATOM   53   O O   . SER A 1 11  ? -6.643  -4.525  2.963   1.00 11.27 ? 7   SER A O   1 
ATOM   54   C CB  . SER A 1 11  ? -9.365  -3.969  4.866   1.00 12.17 ? 7   SER A CB  1 
ATOM   55   O OG  . SER A 1 11  ? -9.631  -3.218  3.720   1.00 14.06 ? 7   SER A OG  1 
ATOM   56   N N   . GLY A 1 12  ? -7.694  -6.296  3.901   1.00 11.55 ? 8   GLY A N   1 
ATOM   57   C CA  . GLY A 1 12  ? -7.186  -7.238  2.966   1.00 11.29 ? 8   GLY A CA  1 
ATOM   58   C C   . GLY A 1 12  ? -5.995  -8.022  3.493   1.00 11.41 ? 8   GLY A C   1 
ATOM   59   O O   . GLY A 1 12  ? -5.642  -7.943  4.675   1.00 11.24 ? 8   GLY A O   1 
ATOM   60   N N   . GLY A 1 13  ? -5.421  -8.827  2.601   1.00 10.88 ? 9   GLY A N   1 
ATOM   61   C CA  . GLY A 1 13  ? -4.199  -9.582  2.910   1.00 10.68 ? 9   GLY A CA  1 
ATOM   62   C C   . GLY A 1 13  ? -4.625  -11.031 2.904   1.00 10.90 ? 9   GLY A C   1 
ATOM   63   O O   . GLY A 1 13  ? -5.717  -11.337 2.396   1.00 10.79 ? 9   GLY A O   1 
ATOM   64   N N   . GLY A 1 14  ? -3.762  -11.902 3.436   1.00 10.78 ? 10  GLY A N   1 
ATOM   65   C CA  . GLY A 1 14  ? -4.052  -13.295 3.582   1.00 10.43 ? 10  GLY A CA  1 
ATOM   66   C C   . GLY A 1 14  ? -3.022  -14.158 2.896   1.00 10.45 ? 10  GLY A C   1 
ATOM   67   O O   . GLY A 1 14  ? -1.940  -13.696 2.468   1.00 10.70 ? 10  GLY A O   1 
ATOM   68   N N   . LEU A 1 15  ? -3.381  -15.422 2.800   1.00 10.93 ? 11  LEU A N   1 
ATOM   69   C CA  . LEU A 1 15  ? -2.482  -16.422 2.351   1.00 10.80 ? 11  LEU A CA  1 
ATOM   70   C C   . LEU A 1 15  ? -3.005  -16.830 0.997   1.00 11.19 ? 11  LEU A C   1 
ATOM   71   O O   . LEU A 1 15  ? -4.216  -17.082 0.843   1.00 11.35 ? 11  LEU A O   1 
ATOM   72   C CB  . LEU A 1 15  ? -2.529  -17.579 3.362   1.00 10.42 ? 11  LEU A CB  1 
ATOM   73   C CG  . LEU A 1 15  ? -1.822  -18.862 2.988   1.00 10.15 ? 11  LEU A CG  1 
ATOM   74   C CD1 . LEU A 1 15  ? -0.348  -18.636 2.881   1.00 10.55 ? 11  LEU A CD1 1 
ATOM   75   C CD2 . LEU A 1 15  ? -2.133  -19.859 4.118   1.00 9.91  ? 11  LEU A CD2 1 
ATOM   76   N N   . VAL A 1 16  ? -2.110  -16.918 0.004   1.00 11.15 ? 12  VAL A N   1 
ATOM   77   C CA  . VAL A 1 16  ? -2.479  -17.379 -1.302  1.00 11.63 ? 12  VAL A CA  1 
ATOM   78   C C   . VAL A 1 16  ? -1.363  -18.245 -1.803  1.00 11.81 ? 12  VAL A C   1 
ATOM   79   O O   . VAL A 1 16  ? -0.284  -18.302 -1.206  1.00 12.37 ? 12  VAL A O   1 
ATOM   80   C CB  . VAL A 1 16  ? -2.665  -16.229 -2.334  1.00 11.62 ? 12  VAL A CB  1 
ATOM   81   C CG1 . VAL A 1 16  ? -3.784  -15.312 -1.905  1.00 12.33 ? 12  VAL A CG1 1 
ATOM   82   C CG2 . VAL A 1 16  ? -1.344  -15.478 -2.515  1.00 11.88 ? 12  VAL A CG2 1 
ATOM   83   N N   . GLN A 1 17  ? -1.646  -18.937 -2.894  1.00 11.81 ? 13  GLN A N   1 
ATOM   84   C CA  . GLN A 1 17  ? -0.683  -19.791 -3.582  1.00 11.70 ? 13  GLN A CA  1 
ATOM   85   C C   . GLN A 1 17  ? 0.056   -18.960 -4.629  1.00 11.24 ? 13  GLN A C   1 
ATOM   86   O O   . GLN A 1 17  ? -0.471  -17.910 -5.059  1.00 11.37 ? 13  GLN A O   1 
ATOM   87   C CB  . GLN A 1 17  ? -1.426  -20.973 -4.232  1.00 12.17 ? 13  GLN A CB  1 
ATOM   88   C CG  . GLN A 1 17  ? -1.997  -22.054 -3.254  1.00 13.43 ? 13  GLN A CG  1 
ATOM   89   C CD  . GLN A 1 17  ? -2.152  -21.603 -1.788  1.00 15.87 ? 13  GLN A CD  1 
ATOM   90   O OE1 . GLN A 1 17  ? -3.174  -21.017 -1.356  1.00 16.36 ? 13  GLN A OE1 1 
ATOM   91   N NE2 . GLN A 1 17  ? -1.141  -21.928 -1.000  1.00 17.26 ? 13  GLN A NE2 1 
ATOM   92   N N   . PRO A 1 18  ? 1.265   -19.403 -5.050  1.00 10.79 ? 14  PRO A N   1 
ATOM   93   C CA  . PRO A 1 18  ? 1.950   -18.609 -6.097  1.00 10.85 ? 14  PRO A CA  1 
ATOM   94   C C   . PRO A 1 18  ? 1.021   -18.434 -7.280  1.00 10.52 ? 14  PRO A C   1 
ATOM   95   O O   . PRO A 1 18  ? 0.304   -19.351 -7.607  1.00 10.82 ? 14  PRO A O   1 
ATOM   96   C CB  . PRO A 1 18  ? 3.114   -19.503 -6.516  1.00 10.42 ? 14  PRO A CB  1 
ATOM   97   C CG  . PRO A 1 18  ? 3.456   -20.271 -5.260  1.00 11.48 ? 14  PRO A CG  1 
ATOM   98   C CD  . PRO A 1 18  ? 2.109   -20.526 -4.579  1.00 10.99 ? 14  PRO A CD  1 
ATOM   99   N N   . GLY A 1 19  ? 1.021   -17.266 -7.888  1.00 10.91 ? 15  GLY A N   1 
ATOM   100  C CA  . GLY A 1 19  ? 0.104   -16.998 -8.993  1.00 11.07 ? 15  GLY A CA  1 
ATOM   101  C C   . GLY A 1 19  ? -1.198  -16.396 -8.526  1.00 11.34 ? 15  GLY A C   1 
ATOM   102  O O   . GLY A 1 19  ? -1.989  -15.914 -9.344  1.00 11.44 ? 15  GLY A O   1 
ATOM   103  N N   . GLY A 1 20  ? -1.437  -16.444 -7.215  1.00 11.13 ? 16  GLY A N   1 
ATOM   104  C CA  . GLY A 1 20  ? -2.654  -15.904 -6.636  1.00 11.28 ? 16  GLY A CA  1 
ATOM   105  C C   . GLY A 1 20  ? -2.699  -14.393 -6.694  1.00 11.61 ? 16  GLY A C   1 
ATOM   106  O O   . GLY A 1 20  ? -1.720  -13.714 -7.063  1.00 11.20 ? 16  GLY A O   1 
ATOM   107  N N   . SER A 1 21  ? -3.833  -13.841 -6.312  1.00 11.74 ? 17  SER A N   1 
ATOM   108  C CA  . SER A 1 21  ? -3.942  -12.407 -6.330  1.00 12.08 ? 17  SER A CA  1 
ATOM   109  C C   . SER A 1 21  ? -4.660  -11.991 -5.076  1.00 11.77 ? 17  SER A C   1 
ATOM   110  O O   . SER A 1 21  ? -5.435  -12.770 -4.525  1.00 11.62 ? 17  SER A O   1 
ATOM   111  C CB  . SER A 1 21  ? -4.623  -11.917 -7.604  1.00 12.22 ? 17  SER A CB  1 
ATOM   112  O OG  . SER A 1 21  ? -5.994  -12.158 -7.541  1.00 13.97 ? 17  SER A OG  1 
ATOM   113  N N   . LEU A 1 22  ? -4.362  -10.787 -4.606  1.00 11.43 ? 18  LEU A N   1 
ATOM   114  C CA  . LEU A 1 22  ? -5.042  -10.228 -3.456  1.00 11.76 ? 18  LEU A CA  1 
ATOM   115  C C   . LEU A 1 22  ? -5.174  -8.758  -3.734  1.00 11.42 ? 18  LEU A C   1 
ATOM   116  O O   . LEU A 1 22  ? -4.324  -8.185  -4.401  1.00 11.76 ? 18  LEU A O   1 
ATOM   117  C CB  . LEU A 1 22  ? -4.200  -10.373 -2.195  1.00 11.60 ? 18  LEU A CB  1 
ATOM   118  C CG  . LEU A 1 22  ? -3.998  -11.754 -1.647  1.00 12.70 ? 18  LEU A CG  1 
ATOM   119  C CD1 . LEU A 1 22  ? -3.040  -11.657 -0.483  1.00 13.98 ? 18  LEU A CD1 1 
ATOM   120  C CD2 . LEU A 1 22  ? -5.351  -12.230 -1.216  1.00 11.92 ? 18  LEU A CD2 1 
ATOM   121  N N   . ARG A 1 23  ? -6.238  -8.161  -3.207  1.00 11.50 ? 19  ARG A N   1 
ATOM   122  C CA  . ARG A 1 23  ? -6.322  -6.709  -3.213  1.00 11.25 ? 19  ARG A CA  1 
ATOM   123  C C   . ARG A 1 23  ? -6.265  -6.185  -1.790  1.00 11.38 ? 19  ARG A C   1 
ATOM   124  O O   . ARG A 1 23  ? -7.038  -6.614  -0.926  1.00 11.63 ? 19  ARG A O   1 
ATOM   125  C CB  . ARG A 1 23  ? -7.587  -6.206  -3.914  1.00 11.54 ? 19  ARG A CB  1 
ATOM   126  C CG  . ARG A 1 23  ? -7.466  -4.719  -4.191  1.00 11.65 ? 19  ARG A CG  1 
ATOM   127  C CD  . ARG A 1 23  ? -8.754  -4.071  -4.729  1.00 13.76 ? 19  ARG A CD  1 
ATOM   128  N NE  . ARG A 1 23  ? -9.841  -4.139  -3.766  1.00 14.51 ? 19  ARG A NE  1 
ATOM   129  C CZ  . ARG A 1 23  ? -10.987 -3.475  -3.887  1.00 15.33 ? 19  ARG A CZ  1 
ATOM   130  N NH1 . ARG A 1 23  ? -11.178 -2.665  -4.928  1.00 16.44 ? 19  ARG A NH1 1 
ATOM   131  N NH2 . ARG A 1 23  ? -11.936 -3.594  -2.967  1.00 15.27 ? 19  ARG A NH2 1 
ATOM   132  N N   . LEU A 1 24  ? -5.316  -5.291  -1.541  1.00 10.80 ? 20  LEU A N   1 
ATOM   133  C CA  . LEU A 1 24  ? -5.292  -4.563  -0.289  1.00 11.13 ? 20  LEU A CA  1 
ATOM   134  C C   . LEU A 1 24  ? -5.979  -3.217  -0.463  1.00 10.96 ? 20  LEU A C   1 
ATOM   135  O O   . LEU A 1 24  ? -5.963  -2.646  -1.525  1.00 11.27 ? 20  LEU A O   1 
ATOM   136  C CB  . LEU A 1 24  ? -3.866  -4.316  0.166   1.00 10.75 ? 20  LEU A CB  1 
ATOM   137  C CG  . LEU A 1 24  ? -2.989  -5.560  0.144   1.00 10.91 ? 20  LEU A CG  1 
ATOM   138  C CD1 . LEU A 1 24  ? -1.611  -5.231  0.713   1.00 11.56 ? 20  LEU A CD1 1 
ATOM   139  C CD2 . LEU A 1 24  ? -3.695  -6.681  0.901   1.00 12.25 ? 20  LEU A CD2 1 
ATOM   140  N N   A SER A 1 25  ? -6.639  -2.743  0.590   0.50 11.38 ? 21  SER A N   1 
ATOM   141  N N   B SER A 1 25  ? -6.532  -2.685  0.612   0.50 11.15 ? 21  SER A N   1 
ATOM   142  C CA  A SER A 1 25  ? -7.170  -1.366  0.575   0.50 11.42 ? 21  SER A CA  1 
ATOM   143  C CA  B SER A 1 25  ? -7.055  -1.327  0.528   0.50 10.89 ? 21  SER A CA  1 
ATOM   144  C C   A SER A 1 25  ? -6.745  -0.645  1.835   0.50 11.31 ? 21  SER A C   1 
ATOM   145  C C   B SER A 1 25  ? -6.910  -0.637  1.854   0.50 11.02 ? 21  SER A C   1 
ATOM   146  O O   A SER A 1 25  ? -6.367  -1.275  2.811   0.50 11.16 ? 21  SER A O   1 
ATOM   147  O O   B SER A 1 25  ? -6.899  -1.281  2.899   0.50 10.92 ? 21  SER A O   1 
ATOM   148  C CB  A SER A 1 25  ? -8.703  -1.341  0.503   0.50 11.50 ? 21  SER A CB  1 
ATOM   149  C CB  B SER A 1 25  ? -8.525  -1.350  0.136   0.50 10.79 ? 21  SER A CB  1 
ATOM   150  O OG  A SER A 1 25  ? -9.225  -2.310  -0.374  0.50 12.81 ? 21  SER A OG  1 
ATOM   151  O OG  B SER A 1 25  ? -9.275  -1.924  1.192   0.50 10.52 ? 21  SER A OG  1 
ATOM   152  N N   . CYS A 1 26  ? -6.792  0.685   1.802   1.00 11.03 ? 22  CYS A N   1 
ATOM   153  C CA  . CYS A 1 26  ? -6.758  1.475   2.999   1.00 11.44 ? 22  CYS A CA  1 
ATOM   154  C C   . CYS A 1 26  ? -7.712  2.616   2.776   1.00 11.33 ? 22  CYS A C   1 
ATOM   155  O O   . CYS A 1 26  ? -7.715  3.212   1.702   1.00 11.26 ? 22  CYS A O   1 
ATOM   156  C CB  . CYS A 1 26  ? -5.361  2.009   3.223   1.00 11.71 ? 22  CYS A CB  1 
ATOM   157  S SG  . CYS A 1 26  ? -4.374  0.715   3.776   1.00 12.29 ? 22  CYS A SG  1 
ATOM   158  N N   . THR A 1 27  ? -8.474  2.933   3.811   1.00 11.43 ? 23  THR A N   1 
ATOM   159  C CA  . THR A 1 27  ? -9.409  4.022   3.755   1.00 11.50 ? 23  THR A CA  1 
ATOM   160  C C   . THR A 1 27  ? -9.097  5.030   4.822   1.00 11.67 ? 23  THR A C   1 
ATOM   161  O O   . THR A 1 27  ? -8.976  4.705   6.010   1.00 12.08 ? 23  THR A O   1 
ATOM   162  C CB  . THR A 1 27  ? -10.838 3.491   3.944   1.00 11.62 ? 23  THR A CB  1 
ATOM   163  O OG1 . THR A 1 27  ? -11.086 2.537   2.909   1.00 11.21 ? 23  THR A OG1 1 
ATOM   164  C CG2 . THR A 1 27  ? -11.912 4.644   3.917   1.00 11.57 ? 23  THR A CG2 1 
ATOM   165  N N   . ALA A 1 28  ? -9.012  6.266   4.376   1.00 11.88 ? 24  ALA A N   1 
ATOM   166  C CA  . ALA A 1 28  ? -8.624  7.361   5.210   1.00 12.06 ? 24  ALA A CA  1 
ATOM   167  C C   . ALA A 1 28  ? -9.791  7.855   6.020   1.00 11.80 ? 24  ALA A C   1 
ATOM   168  O O   . ALA A 1 28  ? -10.908 7.875   5.540   1.00 11.89 ? 24  ALA A O   1 
ATOM   169  C CB  . ALA A 1 28  ? -8.133  8.486   4.342   1.00 12.01 ? 24  ALA A CB  1 
ATOM   170  N N   . SER A 1 29  ? -9.490  8.313   7.234   1.00 12.06 ? 25  SER A N   1 
ATOM   171  C CA  . SER A 1 29  ? -10.425 9.008   8.113   1.00 12.24 ? 25  SER A CA  1 
ATOM   172  C C   . SER A 1 29  ? -9.751  10.111  8.837   1.00 12.15 ? 25  SER A C   1 
ATOM   173  O O   . SER A 1 29  ? -8.629  9.940   9.343   1.00 11.89 ? 25  SER A O   1 
ATOM   174  C CB  . SER A 1 29  ? -10.968 8.051   9.168   1.00 12.56 ? 25  SER A CB  1 
ATOM   175  O OG  . SER A 1 29  ? -12.275 7.756   8.841   1.00 14.45 ? 25  SER A OG  1 
ATOM   176  N N   . GLY A 1 30  ? -10.403 11.266  8.864   1.00 12.04 ? 26  GLY A N   1 
ATOM   177  C CA  . GLY A 1 30  ? -9.956  12.343  9.714   1.00 12.30 ? 26  GLY A CA  1 
ATOM   178  C C   . GLY A 1 30  ? -8.855  13.140  9.043   1.00 12.61 ? 26  GLY A C   1 
ATOM   179  O O   . GLY A 1 30  ? -8.258  14.030  9.649   1.00 12.79 ? 26  GLY A O   1 
ATOM   180  N N   . TYR A 1 31  ? -8.571  12.807  7.791   1.00 12.44 ? 27  TYR A N   1 
ATOM   181  C CA  . TYR A 1 31  ? -7.700  13.643  6.990   1.00 12.37 ? 27  TYR A CA  1 
ATOM   182  C C   . TYR A 1 31  ? -8.168  13.597  5.563   1.00 12.33 ? 27  TYR A C   1 
ATOM   183  O O   . TYR A 1 31  ? -8.866  12.670  5.176   1.00 12.43 ? 27  TYR A O   1 
ATOM   184  C CB  . TYR A 1 31  ? -6.249  13.199  7.113   1.00 12.41 ? 27  TYR A CB  1 
ATOM   185  C CG  . TYR A 1 31  ? -5.880  11.943  6.349   1.00 11.72 ? 27  TYR A CG  1 
ATOM   186  C CD1 . TYR A 1 31  ? -5.424  12.028  5.030   1.00 11.96 ? 27  TYR A CD1 1 
ATOM   187  C CD2 . TYR A 1 31  ? -5.998  10.655  6.942   1.00 10.86 ? 27  TYR A CD2 1 
ATOM   188  C CE1 . TYR A 1 31  ? -5.038  10.885  4.324   1.00 11.54 ? 27  TYR A CE1 1 
ATOM   189  C CE2 . TYR A 1 31  ? -5.612  9.518   6.234   1.00 10.78 ? 27  TYR A CE2 1 
ATOM   190  C CZ  . TYR A 1 31  ? -5.146  9.646   4.930   1.00 11.76 ? 27  TYR A CZ  1 
ATOM   191  O OH  . TYR A 1 31  ? -4.791  8.534   4.222   1.00 11.71 ? 27  TYR A OH  1 
ATOM   192  N N   . THR A 1 32  ? -7.742  14.583  4.774   1.00 12.12 ? 28  THR A N   1 
ATOM   193  C CA  . THR A 1 32  ? -8.215  14.674  3.413   1.00 11.95 ? 28  THR A CA  1 
ATOM   194  C C   . THR A 1 32  ? -7.369  13.810  2.575   1.00 11.97 ? 28  THR A C   1 
ATOM   195  O O   . THR A 1 32  ? -6.191  14.091  2.312   1.00 12.15 ? 28  THR A O   1 
ATOM   196  C CB  . THR A 1 32  ? -8.201  16.101  2.838   1.00 12.00 ? 28  THR A CB  1 
ATOM   197  O OG1 . THR A 1 32  ? -8.290  17.063  3.910   1.00 12.48 ? 28  THR A OG1 1 
ATOM   198  C CG2 . THR A 1 32  ? -9.399  16.228  1.907   1.00 11.08 ? 28  THR A CG2 1 
ATOM   199  N N   . PHE A 1 33  ? -7.970  12.705  2.173   1.00 12.07 ? 29  PHE A N   1 
ATOM   200  C CA  . PHE A 1 33  ? -7.262  11.658  1.485   1.00 11.54 ? 29  PHE A CA  1 
ATOM   201  C C   . PHE A 1 33  ? -6.645  12.123  0.164   1.00 11.39 ? 29  PHE A C   1 
ATOM   202  O O   . PHE A 1 33  ? -5.500  11.793  -0.147  1.00 11.29 ? 29  PHE A O   1 
ATOM   203  C CB  . PHE A 1 33  ? -8.261  10.535  1.243   1.00 11.78 ? 29  PHE A CB  1 
ATOM   204  C CG  . PHE A 1 33  ? -7.746  9.442   0.388   1.00 11.03 ? 29  PHE A CG  1 
ATOM   205  C CD1 . PHE A 1 33  ? -6.900  8.466   0.925   1.00 11.57 ? 29  PHE A CD1 1 
ATOM   206  C CD2 . PHE A 1 33  ? -8.148  9.326   -0.940  1.00 10.65 ? 29  PHE A CD2 1 
ATOM   207  C CE1 . PHE A 1 33  ? -6.392  7.435   0.115   1.00 11.38 ? 29  PHE A CE1 1 
ATOM   208  C CE2 . PHE A 1 33  ? -7.664  8.266   -1.737  1.00 10.76 ? 29  PHE A CE2 1 
ATOM   209  C CZ  . PHE A 1 33  ? -6.782  7.327   -1.196  1.00 11.37 ? 29  PHE A CZ  1 
ATOM   210  N N   . SER A 1 34  ? -7.443  12.857  -0.600  1.00 11.21 ? 30  SER A N   1 
ATOM   211  C CA  . SER A 1 34  ? -7.078  13.382  -1.903  1.00 10.88 ? 30  SER A CA  1 
ATOM   212  C C   . SER A 1 34  ? -5.889  14.356  -1.853  1.00 10.75 ? 30  SER A C   1 
ATOM   213  O O   . SER A 1 34  ? -5.325  14.730  -2.892  1.00 10.78 ? 30  SER A O   1 
ATOM   214  C CB  . SER A 1 34  ? -8.291  14.118  -2.458  1.00 10.90 ? 30  SER A CB  1 
ATOM   215  O OG  . SER A 1 34  ? -8.640  15.206  -1.601  1.00 10.28 ? 30  SER A OG  1 
ATOM   216  N N   . HIS A 1 35  ? -5.503  14.785  -0.653  1.00 10.60 ? 31  HIS A N   1 
ATOM   217  C CA  . HIS A 1 35  ? -4.370  15.690  -0.513  1.00 9.90  ? 31  HIS A CA  1 
ATOM   218  C C   . HIS A 1 35  ? -3.067  15.024  -0.331  1.00 10.31 ? 31  HIS A C   1 
ATOM   219  O O   . HIS A 1 35  ? -2.035  15.682  -0.240  1.00 11.09 ? 31  HIS A O   1 
ATOM   220  C CB  . HIS A 1 35  ? -4.627  16.666  0.609   1.00 10.07 ? 31  HIS A CB  1 
ATOM   221  C CG  . HIS A 1 35  ? -5.667  17.648  0.254   1.00 8.93  ? 31  HIS A CG  1 
ATOM   222  N ND1 . HIS A 1 35  ? -5.982  18.738  1.038   1.00 8.77  ? 31  HIS A ND1 1 
ATOM   223  C CD2 . HIS A 1 35  ? -6.451  17.721  -0.845  1.00 8.78  ? 31  HIS A CD2 1 
ATOM   224  C CE1 . HIS A 1 35  ? -6.929  19.437  0.448   1.00 8.83  ? 31  HIS A CE1 1 
ATOM   225  N NE2 . HIS A 1 35  ? -7.228  18.840  -0.697  1.00 8.53  ? 31  HIS A NE2 1 
ATOM   226  N N   . ARG A 1 36  ? -3.086  13.694  -0.316  1.00 10.43 ? 32  ARG A N   1 
ATOM   227  C CA  . ARG A 1 36  ? -1.872  13.015  -0.011  1.00 11.05 ? 32  ARG A CA  1 
ATOM   228  C C   . ARG A 1 36  ? -1.521  11.918  -0.959  1.00 10.48 ? 32  ARG A C   1 
ATOM   229  O O   . ARG A 1 36  ? -2.387  11.175  -1.376  1.00 10.63 ? 32  ARG A O   1 
ATOM   230  C CB  . ARG A 1 36  ? -1.964  12.555  1.434   1.00 11.13 ? 32  ARG A CB  1 
ATOM   231  C CG  . ARG A 1 36  ? -1.410  13.762  2.218   1.00 12.62 ? 32  ARG A CG  1 
ATOM   232  C CD  . ARG A 1 36  ? -1.528  13.364  3.584   1.00 14.84 ? 32  ARG A CD  1 
ATOM   233  N NE  . ARG A 1 36  ? -1.545  14.467  4.526   1.00 13.97 ? 32  ARG A NE  1 
ATOM   234  C CZ  . ARG A 1 36  ? -0.533  15.240  4.853   1.00 11.73 ? 32  ARG A CZ  1 
ATOM   235  N NH1 . ARG A 1 36  ? -0.757  16.054  5.832   1.00 13.39 ? 32  ARG A NH1 1 
ATOM   236  N NH2 . ARG A 1 36  ? 0.682   15.192  4.256   1.00 12.78 ? 32  ARG A NH2 1 
ATOM   237  N N   . TYR A 1 37  ? -0.242  11.869  -1.336  1.00 10.80 ? 33  TYR A N   1 
ATOM   238  C CA  . TYR A 1 37  ? 0.346   10.696  -1.897  1.00 10.25 ? 33  TYR A CA  1 
ATOM   239  C C   . TYR A 1 37  ? 0.120   9.535   -0.925  1.00 10.98 ? 33  TYR A C   1 
ATOM   240  O O   . TYR A 1 37  ? 0.193   9.717   0.326   1.00 11.09 ? 33  TYR A O   1 
ATOM   241  C CB  . TYR A 1 37  ? 1.863   10.862  -2.012  1.00 10.75 ? 33  TYR A CB  1 
ATOM   242  C CG  . TYR A 1 37  ? 2.290   11.402  -3.330  1.00 10.42 ? 33  TYR A CG  1 
ATOM   243  C CD1 . TYR A 1 37  ? 3.130   10.662  -4.162  1.00 10.74 ? 33  TYR A CD1 1 
ATOM   244  C CD2 . TYR A 1 37  ? 1.879   12.673  -3.744  1.00 9.73  ? 33  TYR A CD2 1 
ATOM   245  C CE1 . TYR A 1 37  ? 3.558   11.209  -5.387  1.00 10.97 ? 33  TYR A CE1 1 
ATOM   246  C CE2 . TYR A 1 37  ? 2.294   13.236  -4.990  1.00 9.58  ? 33  TYR A CE2 1 
ATOM   247  C CZ  . TYR A 1 37  ? 3.140   12.442  -5.786  1.00 10.07 ? 33  TYR A CZ  1 
ATOM   248  O OH  . TYR A 1 37  ? 3.569   12.886  -6.975  1.00 10.39 ? 33  TYR A OH  1 
ATOM   249  N N   . HIS A 1 38  ? -0.116  8.368   -1.499  1.00 10.10 ? 34  HIS A N   1 
ATOM   250  C CA  . HIS A 1 38  ? -0.201  7.135   -0.729  1.00 10.87 ? 34  HIS A CA  1 
ATOM   251  C C   . HIS A 1 38  ? 0.750   6.107   -1.278  1.00 10.79 ? 34  HIS A C   1 
ATOM   252  O O   . HIS A 1 38  ? 1.068   6.134   -2.461  1.00 11.40 ? 34  HIS A O   1 
ATOM   253  C CB  . HIS A 1 38  ? -1.618  6.585   -0.680  1.00 10.70 ? 34  HIS A CB  1 
ATOM   254  C CG  . HIS A 1 38  ? -2.517  7.398   0.180   1.00 10.63 ? 34  HIS A CG  1 
ATOM   255  N ND1 . HIS A 1 38  ? -2.981  8.635   -0.210  1.00 10.88 ? 34  HIS A ND1 1 
ATOM   256  C CD2 . HIS A 1 38  ? -2.979  7.193   1.432   1.00 11.68 ? 34  HIS A CD2 1 
ATOM   257  C CE1 . HIS A 1 38  ? -3.708  9.151   0.761   1.00 11.13 ? 34  HIS A CE1 1 
ATOM   258  N NE2 . HIS A 1 38  ? -3.743  8.286   1.764   1.00 11.84 ? 34  HIS A NE2 1 
ATOM   259  N N   . ARG A 1 39  ? 1.224   5.212   -0.418  1.00 10.85 ? 35  ARG A N   1 
ATOM   260  C CA  . ARG A 1 39  ? 2.192   4.246   -0.849  1.00 10.79 ? 35  ARG A CA  1 
ATOM   261  C C   . ARG A 1 39  ? 1.843   2.944   -0.162  1.00 10.72 ? 35  ARG A C   1 
ATOM   262  O O   . ARG A 1 39  ? 1.205   2.968   0.878   1.00 10.77 ? 35  ARG A O   1 
ATOM   263  C CB  . ARG A 1 39  ? 3.585   4.639   -0.396  1.00 10.85 ? 35  ARG A CB  1 
ATOM   264  C CG  . ARG A 1 39  ? 4.055   5.881   -1.073  1.00 10.39 ? 35  ARG A CG  1 
ATOM   265  C CD  . ARG A 1 39  ? 5.418   6.246   -0.563  1.00 10.11 ? 35  ARG A CD  1 
ATOM   266  N NE  . ARG A 1 39  ? 6.031   7.322   -1.342  1.00 10.96 ? 35  ARG A NE  1 
ATOM   267  C CZ  . ARG A 1 39  ? 5.645   8.594   -1.254  1.00 11.55 ? 35  ARG A CZ  1 
ATOM   268  N NH1 . ARG A 1 39  ? 6.283   9.550   -1.929  1.00 11.39 ? 35  ARG A NH1 1 
ATOM   269  N NH2 . ARG A 1 39  ? 4.614   8.922   -0.463  1.00 10.65 ? 35  ARG A NH2 1 
ATOM   270  N N   . TRP A 1 40  ? 2.332   1.851   -0.723  1.00 11.17 ? 36  TRP A N   1 
ATOM   271  C CA  . TRP A 1 40  ? 2.348   0.571   -0.066  1.00 10.96 ? 36  TRP A CA  1 
ATOM   272  C C   . TRP A 1 40  ? 3.785   0.210   0.102   1.00 11.39 ? 36  TRP A C   1 
ATOM   273  O O   . TRP A 1 40  ? 4.577   0.387   -0.784  1.00 11.73 ? 36  TRP A O   1 
ATOM   274  C CB  . TRP A 1 40  ? 1.678   -0.477  -0.923  1.00 10.74 ? 36  TRP A CB  1 
ATOM   275  C CG  . TRP A 1 40  ? 0.211   -0.194  -1.062  1.00 11.34 ? 36  TRP A CG  1 
ATOM   276  C CD1 . TRP A 1 40  ? -0.397  0.560   -2.047  1.00 11.43 ? 36  TRP A CD1 1 
ATOM   277  C CD2 . TRP A 1 40  ? -0.811  -0.600  -0.177  1.00 11.40 ? 36  TRP A CD2 1 
ATOM   278  N NE1 . TRP A 1 40  ? -1.741  0.596   -1.839  1.00 11.10 ? 36  TRP A NE1 1 
ATOM   279  C CE2 . TRP A 1 40  ? -2.027  -0.102  -0.694  1.00 10.89 ? 36  TRP A CE2 1 
ATOM   280  C CE3 . TRP A 1 40  ? -0.838  -1.394  0.981   1.00 11.05 ? 36  TRP A CE3 1 
ATOM   281  C CZ2 . TRP A 1 40  ? -3.241  -0.344  -0.095  1.00 11.38 ? 36  TRP A CZ2 1 
ATOM   282  C CZ3 . TRP A 1 40  ? -2.042  -1.603  1.594   1.00 10.21 ? 36  TRP A CZ3 1 
ATOM   283  C CH2 . TRP A 1 40  ? -3.232  -1.115  1.047   1.00 10.48 ? 36  TRP A CH2 1 
ATOM   284  N N   . PHE A 1 41  ? 4.124   -0.286  1.275   1.00 11.21 ? 37  PHE A N   1 
ATOM   285  C CA  . PHE A 1 41  ? 5.435   -0.827  1.485   1.00 11.17 ? 37  PHE A CA  1 
ATOM   286  C C   . PHE A 1 41  ? 5.264   -2.130  2.239   1.00 11.04 ? 37  PHE A C   1 
ATOM   287  O O   . PHE A 1 41  ? 4.211   -2.386  2.825   1.00 10.94 ? 37  PHE A O   1 
ATOM   288  C CB  . PHE A 1 41  ? 6.347   0.140   2.182   1.00 11.13 ? 37  PHE A CB  1 
ATOM   289  C CG  . PHE A 1 41  ? 6.011   0.408   3.591   1.00 11.87 ? 37  PHE A CG  1 
ATOM   290  C CD1 . PHE A 1 41  ? 6.623   -0.330  4.588   1.00 10.87 ? 37  PHE A CD1 1 
ATOM   291  C CD2 . PHE A 1 41  ? 5.150   1.445   3.924   1.00 10.92 ? 37  PHE A CD2 1 
ATOM   292  C CE1 . PHE A 1 41  ? 6.345   -0.068  5.948   1.00 10.56 ? 37  PHE A CE1 1 
ATOM   293  C CE2 . PHE A 1 41  ? 4.870   1.748   5.271   1.00 11.69 ? 37  PHE A CE2 1 
ATOM   294  C CZ  . PHE A 1 41  ? 5.481   0.992   6.289   1.00 11.68 ? 37  PHE A CZ  1 
ATOM   295  N N   . ARG A 1 42  ? 6.290   -2.930  2.230   1.00 10.66 ? 38  ARG A N   1 
ATOM   296  C CA  . ARG A 1 42  ? 6.176   -4.229  2.811   1.00 10.99 ? 38  ARG A CA  1 
ATOM   297  C C   . ARG A 1 42  ? 7.441   -4.476  3.594   1.00 11.14 ? 38  ARG A C   1 
ATOM   298  O O   . ARG A 1 42  ? 8.476   -3.845  3.359   1.00 11.45 ? 38  ARG A O   1 
ATOM   299  C CB  . ARG A 1 42  ? 5.982   -5.263  1.723   1.00 10.35 ? 38  ARG A CB  1 
ATOM   300  C CG  . ARG A 1 42  ? 7.142   -5.354  0.749   1.00 11.55 ? 38  ARG A CG  1 
ATOM   301  C CD  . ARG A 1 42  ? 6.800   -6.351  -0.305  1.00 11.10 ? 38  ARG A CD  1 
ATOM   302  N NE  . ARG A 1 42  ? 7.851   -6.449  -1.314  1.00 11.73 ? 38  ARG A NE  1 
ATOM   303  C CZ  . ARG A 1 42  ? 7.733   -7.178  -2.411  1.00 11.95 ? 38  ARG A CZ  1 
ATOM   304  N NH1 . ARG A 1 42  ? 6.585   -7.789  -2.652  1.00 11.55 ? 38  ARG A NH1 1 
ATOM   305  N NH2 . ARG A 1 42  ? 8.756   -7.289  -3.255  1.00 11.46 ? 38  ARG A NH2 1 
ATOM   306  N N   . GLN A 1 43  ? 7.311   -5.368  4.539   1.00 11.82 ? 39  GLN A N   1 
ATOM   307  C CA  . GLN A 1 43  ? 8.435   -5.778  5.304   1.00 12.10 ? 39  GLN A CA  1 
ATOM   308  C C   . GLN A 1 43  ? 8.189   -7.211  5.750   1.00 12.24 ? 39  GLN A C   1 
ATOM   309  O O   . GLN A 1 43  ? 7.173   -7.539  6.356   1.00 12.15 ? 39  GLN A O   1 
ATOM   310  C CB  . GLN A 1 43  ? 8.729   -4.842  6.466   1.00 12.34 ? 39  GLN A CB  1 
ATOM   311  C CG  . GLN A 1 43  ? 10.203  -5.165  7.013   1.00 13.32 ? 39  GLN A CG  1 
ATOM   312  C CD  . GLN A 1 43  ? 10.334  -4.962  8.492   1.00 13.16 ? 39  GLN A CD  1 
ATOM   313  O OE1 . GLN A 1 43  ? 9.345   -4.739  9.193   1.00 14.09 ? 39  GLN A OE1 1 
ATOM   314  N NE2 . GLN A 1 43  ? 11.536  -5.122  9.000   1.00 14.45 ? 39  GLN A NE2 1 
ATOM   315  N N   . ALA A 1 44  ? 9.161   -8.047  5.429   1.00 12.54 ? 40  ALA A N   1 
ATOM   316  C CA  . ALA A 1 44  ? 9.189   -9.434  5.915   1.00 12.67 ? 40  ALA A CA  1 
ATOM   317  C C   . ALA A 1 44  ? 10.162  -9.560  7.068   1.00 12.64 ? 40  ALA A C   1 
ATOM   318  O O   . ALA A 1 44  ? 11.044  -8.717  7.227   1.00 12.87 ? 40  ALA A O   1 
ATOM   319  C CB  . ALA A 1 44  ? 9.560   -10.396 4.821   1.00 12.59 ? 40  ALA A CB  1 
ATOM   320  N N   . PRO A 1 45  ? 9.945   -10.551 7.951   1.00 13.02 ? 41  PRO A N   1 
ATOM   321  C CA  . PRO A 1 45  ? 10.997  -10.752 8.951   1.00 13.39 ? 41  PRO A CA  1 
ATOM   322  C C   . PRO A 1 45  ? 12.196  -11.355 8.174   1.00 13.68 ? 41  PRO A C   1 
ATOM   323  O O   . PRO A 1 45  ? 12.054  -12.395 7.399   1.00 14.29 ? 41  PRO A O   1 
ATOM   324  C CB  . PRO A 1 45  ? 10.398  -11.782 9.947   1.00 13.26 ? 41  PRO A CB  1 
ATOM   325  C CG  . PRO A 1 45  ? 8.935   -11.873 9.591   1.00 13.53 ? 41  PRO A CG  1 
ATOM   326  C CD  . PRO A 1 45  ? 8.834   -11.498 8.103   1.00 13.16 ? 41  PRO A CD  1 
ATOM   327  N N   . GLY A 1 46  ? 13.350  -10.730 8.353   1.00 13.62 ? 42  GLY A N   1 
ATOM   328  C CA  . GLY A 1 46  ? 14.573  -11.172 7.652   1.00 14.93 ? 42  GLY A CA  1 
ATOM   329  C C   . GLY A 1 46  ? 14.801  -10.502 6.289   1.00 15.29 ? 42  GLY A C   1 
ATOM   330  O O   . GLY A 1 46  ? 15.790  -10.768 5.614   1.00 15.76 ? 42  GLY A O   1 
ATOM   331  N N   . LYS A 1 47  ? 13.878  -9.658  5.860   1.00 15.68 ? 43  LYS A N   1 
ATOM   332  C CA  . LYS A 1 47  ? 14.146  -8.794  4.720   1.00 16.00 ? 43  LYS A CA  1 
ATOM   333  C C   . LYS A 1 47  ? 13.903  -7.337  5.108   1.00 15.91 ? 43  LYS A C   1 
ATOM   334  O O   . LYS A 1 47  ? 13.029  -7.051  5.938   1.00 16.68 ? 43  LYS A O   1 
ATOM   335  C CB  . LYS A 1 47  ? 13.227  -9.162  3.559   1.00 16.26 ? 43  LYS A CB  1 
ATOM   336  C CG  . LYS A 1 47  ? 13.155  -10.661 3.204   1.00 17.12 ? 43  LYS A CG  1 
ATOM   337  C CD  . LYS A 1 47  ? 12.211  -10.751 1.988   1.00 18.43 ? 43  LYS A CD  1 
ATOM   338  C CE  . LYS A 1 47  ? 12.057  -12.134 1.429   1.00 18.47 ? 43  LYS A CE  1 
ATOM   339  N NZ  . LYS A 1 47  ? 11.005  -12.045 0.377   1.00 18.61 ? 43  LYS A NZ  1 
ATOM   340  N N   . GLU A 1 48  ? 14.613  -6.378  4.514   1.00 15.46 ? 44  GLU A N   1 
ATOM   341  C CA  . GLU A 1 48  ? 14.376  -4.991  4.911   1.00 15.37 ? 44  GLU A CA  1 
ATOM   342  C C   . GLU A 1 48  ? 13.111  -4.467  4.243   1.00 14.43 ? 44  GLU A C   1 
ATOM   343  O O   . GLU A 1 48  ? 12.655  -5.036  3.266   1.00 14.45 ? 44  GLU A O   1 
ATOM   344  C CB  . GLU A 1 48  ? 15.530  -4.085  4.524   1.00 15.88 ? 44  GLU A CB  1 
ATOM   345  C CG  . GLU A 1 48  ? 15.599  -3.817  3.047   1.00 17.28 ? 44  GLU A CG  1 
ATOM   346  C CD  . GLU A 1 48  ? 16.994  -3.355  2.622   1.00 20.14 ? 44  GLU A CD  1 
ATOM   347  O OE1 . GLU A 1 48  ? 17.646  -2.657  3.438   1.00 20.88 ? 44  GLU A OE1 1 
ATOM   348  O OE2 . GLU A 1 48  ? 17.430  -3.705  1.484   1.00 21.31 ? 44  GLU A OE2 1 
ATOM   349  N N   . ARG A 1 49  ? 12.640  -3.333  4.707   1.00 14.03 ? 45  ARG A N   1 
ATOM   350  C CA  . ARG A 1 49  ? 11.418  -2.685  4.157   1.00 13.78 ? 45  ARG A CA  1 
ATOM   351  C C   . ARG A 1 49  ? 11.553  -2.262  2.756   1.00 12.88 ? 45  ARG A C   1 
ATOM   352  O O   . ARG A 1 49  ? 12.626  -1.829  2.356   1.00 13.34 ? 45  ARG A O   1 
ATOM   353  C CB  . ARG A 1 49  ? 11.101  -1.430  4.916   1.00 13.35 ? 45  ARG A CB  1 
ATOM   354  C CG  . ARG A 1 49  ? 10.648  -1.817  6.132   1.00 13.59 ? 45  ARG A CG  1 
ATOM   355  C CD  . ARG A 1 49  ? 10.443  -0.733  6.964   1.00 12.66 ? 45  ARG A CD  1 
ATOM   356  N NE  . ARG A 1 49  ? 10.249  -1.289  8.272   1.00 12.48 ? 45  ARG A NE  1 
ATOM   357  C CZ  . ARG A 1 49  ? 11.133  -1.335  9.238   1.00 11.30 ? 45  ARG A CZ  1 
ATOM   358  N NH1 . ARG A 1 49  ? 12.353  -0.891  9.049   1.00 11.50 ? 45  ARG A NH1 1 
ATOM   359  N NH2 . ARG A 1 49  ? 10.792  -1.835  10.427  1.00 11.76 ? 45  ARG A NH2 1 
ATOM   360  N N   . GLU A 1 50  ? 10.460  -2.319  2.003   1.00 12.20 ? 46  GLU A N   1 
ATOM   361  C CA  . GLU A 1 50  ? 10.547  -1.956  0.636   1.00 11.77 ? 46  GLU A CA  1 
ATOM   362  C C   . GLU A 1 50  ? 9.288   -1.216  0.250   1.00 11.71 ? 46  GLU A C   1 
ATOM   363  O O   . GLU A 1 50  ? 8.194   -1.726  0.450   1.00 11.75 ? 46  GLU A O   1 
ATOM   364  C CB  . GLU A 1 50  ? 10.678  -3.226  -0.216  1.00 11.84 ? 46  GLU A CB  1 
ATOM   365  C CG  . GLU A 1 50  ? 10.803  -2.943  -1.661  1.00 12.98 ? 46  GLU A CG  1 
ATOM   366  C CD  . GLU A 1 50  ? 10.840  -4.226  -2.481  1.00 14.21 ? 46  GLU A CD  1 
ATOM   367  O OE1 . GLU A 1 50  ? 11.288  -4.116  -3.632  1.00 15.24 ? 46  GLU A OE1 1 
ATOM   368  O OE2 . GLU A 1 50  ? 10.392  -5.303  -1.965  1.00 14.56 ? 46  GLU A OE2 1 
ATOM   369  N N   . ILE A 1 51  ? 9.441   -0.020  -0.291  1.00 11.48 ? 47  ILE A N   1 
ATOM   370  C CA  . ILE A 1 51  ? 8.271   0.637   -0.825  1.00 11.82 ? 47  ILE A CA  1 
ATOM   371  C C   . ILE A 1 51  ? 7.994   -0.080  -2.129  1.00 11.80 ? 47  ILE A C   1 
ATOM   372  O O   . ILE A 1 51  ? 8.914   -0.274  -2.945  1.00 11.76 ? 47  ILE A O   1 
ATOM   373  C CB  . ILE A 1 51  ? 8.451   2.172   -0.928  1.00 12.36 ? 47  ILE A CB  1 
ATOM   374  C CG1 . ILE A 1 51  ? 8.429   2.754   0.499   1.00 12.68 ? 47  ILE A CG1 1 
ATOM   375  C CG2 . ILE A 1 51  ? 7.333   2.775   -1.806  1.00 12.21 ? 47  ILE A CG2 1 
ATOM   376  C CD1 . ILE A 1 51  ? 9.111   4.030   0.578   1.00 15.03 ? 47  ILE A CD1 1 
ATOM   377  N N   . VAL A 1 52  ? 6.755   -0.515  -2.332  1.00 11.67 ? 48  VAL A N   1 
ATOM   378  C CA  . VAL A 1 52  ? 6.468   -1.235  -3.574  1.00 11.74 ? 48  VAL A CA  1 
ATOM   379  C C   . VAL A 1 52  ? 5.630   -0.421  -4.563  1.00 11.26 ? 48  VAL A C   1 
ATOM   380  O O   . VAL A 1 52  ? 5.698   -0.669  -5.753  1.00 11.18 ? 48  VAL A O   1 
ATOM   381  C CB  . VAL A 1 52  ? 5.851   -2.591  -3.362  1.00 12.13 ? 48  VAL A CB  1 
ATOM   382  C CG1 . VAL A 1 52  ? 6.841   -3.479  -2.547  1.00 12.74 ? 48  VAL A CG1 1 
ATOM   383  C CG2 . VAL A 1 52  ? 4.522   -2.455  -2.662  1.00 12.36 ? 48  VAL A CG2 1 
ATOM   384  N N   . ALA A 1 53  ? 4.895   0.573   -4.080  1.00 11.43 ? 49  ALA A N   1 
ATOM   385  C CA  . ALA A 1 53  ? 4.033   1.354   -4.965  1.00 10.80 ? 49  ALA A CA  1 
ATOM   386  C C   . ALA A 1 53  ? 3.658   2.684   -4.334  1.00 11.13 ? 49  ALA A C   1 
ATOM   387  O O   . ALA A 1 53  ? 3.548   2.790   -3.115  1.00 10.99 ? 49  ALA A O   1 
ATOM   388  C CB  . ALA A 1 53  ? 2.780   0.518   -5.331  1.00 11.36 ? 49  ALA A CB  1 
ATOM   389  N N   . VAL A 1 54  ? 3.555   3.710   -5.190  1.00 10.67 ? 50  VAL A N   1 
ATOM   390  C CA  . VAL A 1 54  ? 3.412   5.085   -4.789  1.00 10.99 ? 50  VAL A CA  1 
ATOM   391  C C   . VAL A 1 54  ? 2.315   5.581   -5.701  1.00 10.88 ? 50  VAL A C   1 
ATOM   392  O O   . VAL A 1 54  ? 2.297   5.245   -6.869  1.00 11.07 ? 50  VAL A O   1 
ATOM   393  C CB  . VAL A 1 54  ? 4.671   5.877   -5.083  1.00 10.38 ? 50  VAL A CB  1 
ATOM   394  C CG1 . VAL A 1 54  ? 4.507   7.334   -4.662  1.00 11.05 ? 50  VAL A CG1 1 
ATOM   395  C CG2 . VAL A 1 54  ? 5.884   5.222   -4.353  1.00 10.46 ? 50  VAL A CG2 1 
ATOM   396  N N   . ILE A 1 55  ? 1.377   6.337   -5.151  1.00 11.23 ? 51  ILE A N   1 
ATOM   397  C CA  . ILE A 1 55  ? 0.409   7.000   -6.002  1.00 10.73 ? 51  ILE A CA  1 
ATOM   398  C C   . ILE A 1 55  ? 0.248   8.440   -5.605  1.00 10.79 ? 51  ILE A C   1 
ATOM   399  O O   . ILE A 1 55  ? 0.141   8.729   -4.426  1.00 10.83 ? 51  ILE A O   1 
ATOM   400  C CB  . ILE A 1 55  ? -0.959  6.214   -5.953  1.00 10.86 ? 51  ILE A CB  1 
ATOM   401  C CG1 . ILE A 1 55  ? -1.945  6.824   -6.964  1.00 10.52 ? 51  ILE A CG1 1 
ATOM   402  C CG2 . ILE A 1 55  ? -1.570  6.207   -4.540  1.00 11.19 ? 51  ILE A CG2 1 
ATOM   403  C CD1 . ILE A 1 55  ? -3.032  5.803   -7.346  1.00 9.79  ? 51  ILE A CD1 1 
ATOM   404  N N   . SER A 1 56  ? 0.182   9.350   -6.593  1.00 10.51 ? 52  SER A N   1 
ATOM   405  C CA  . SER A 1 56  ? 0.007   10.763  -6.329  1.00 10.93 ? 52  SER A CA  1 
ATOM   406  C C   . SER A 1 56  ? -1.424  11.073  -5.946  1.00 10.78 ? 52  SER A C   1 
ATOM   407  O O   . SER A 1 56  ? -2.281  10.183  -5.977  1.00 11.30 ? 52  SER A O   1 
ATOM   408  C CB  . SER A 1 56  ? 0.381   11.568  -7.561  1.00 10.56 ? 52  SER A CB  1 
ATOM   409  O OG  . SER A 1 56  ? -0.525  11.278  -8.592  1.00 11.17 ? 52  SER A OG  1 
ATOM   410  N N   . GLN A 1 57  ? -1.681  12.321  -5.577  1.00 10.89 ? 53  GLN A N   1 
ATOM   411  C CA  . GLN A 1 57  ? -2.953  12.687  -5.010  1.00 11.04 ? 53  GLN A CA  1 
ATOM   412  C C   . GLN A 1 57  ? -4.111  12.367  -5.928  1.00 11.10 ? 53  GLN A C   1 
ATOM   413  O O   . GLN A 1 57  ? -5.115  11.827  -5.483  1.00 10.83 ? 53  GLN A O   1 
ATOM   414  C CB  . GLN A 1 57  ? -2.998  14.165  -4.641  1.00 10.99 ? 53  GLN A CB  1 
ATOM   415  C CG  . GLN A 1 57  ? -2.241  14.510  -3.389  1.00 11.80 ? 53  GLN A CG  1 
ATOM   416  C CD  . GLN A 1 57  ? -0.815  14.927  -3.663  1.00 14.04 ? 53  GLN A CD  1 
ATOM   417  O OE1 . GLN A 1 57  ? -0.357  14.868  -4.800  1.00 14.56 ? 53  GLN A OE1 1 
ATOM   418  N NE2 . GLN A 1 57  ? -0.092  15.338  -2.610  1.00 15.20 ? 53  GLN A NE2 1 
ATOM   419  N N   . SER A 1 58  ? -3.985  12.741  -7.199  1.00 11.28 ? 54  SER A N   1 
ATOM   420  C CA  . SER A 1 58  ? -5.065  12.516  -8.170  1.00 11.78 ? 54  SER A CA  1 
ATOM   421  C C   . SER A 1 58  ? -4.979  11.097  -8.703  1.00 11.90 ? 54  SER A C   1 
ATOM   422  O O   . SER A 1 58  ? -5.906  10.630  -9.343  1.00 12.66 ? 54  SER A O   1 
ATOM   423  C CB  . SER A 1 58  ? -4.952  13.482  -9.332  1.00 11.97 ? 54  SER A CB  1 
ATOM   424  O OG  . SER A 1 58  ? -3.829  13.107  -10.101 1.00 12.11 ? 54  SER A OG  1 
ATOM   425  N N   . GLY A 1 59  ? -3.866  10.409  -8.455  1.00 11.87 ? 55  GLY A N   1 
ATOM   426  C CA  . GLY A 1 59  ? -3.683  9.072   -8.999  1.00 11.53 ? 55  GLY A CA  1 
ATOM   427  C C   . GLY A 1 59  ? -3.009  9.102   -10.360 1.00 11.13 ? 55  GLY A C   1 
ATOM   428  O O   . GLY A 1 59  ? -2.760  8.081   -10.965 1.00 11.19 ? 55  GLY A O   1 
ATOM   429  N N   . MET A 1 60  ? -2.681  10.274  -10.838 1.00 10.80 ? 56  MET A N   1 
ATOM   430  C CA  . MET A 1 60  ? -2.047  10.388  -12.138 1.00 10.80 ? 56  MET A CA  1 
ATOM   431  C C   . MET A 1 60  ? -0.648  9.764   -12.217 1.00 10.88 ? 56  MET A C   1 
ATOM   432  O O   . MET A 1 60  ? -0.178  9.408   -13.312 1.00 11.13 ? 56  MET A O   1 
ATOM   433  C CB  . MET A 1 60  ? -1.939  11.865  -12.482 1.00 10.73 ? 56  MET A CB  1 
ATOM   434  C CG  . MET A 1 60  ? -1.724  12.175  -13.898 1.00 11.27 ? 56  MET A CG  1 
ATOM   435  S SD  . MET A 1 60  ? -1.780  13.926  -14.118 1.00 10.45 ? 56  MET A SD  1 
ATOM   436  C CE  . MET A 1 60  ? -3.522  14.243  -13.978 1.00 11.16 ? 56  MET A CE  1 
ATOM   437  N N   . ARG A 1 61  ? 0.086   9.792   -11.096 1.00 10.52 ? 57  ARG A N   1 
ATOM   438  C CA  . ARG A 1 61  ? 1.423   9.274   -11.085 1.00 10.33 ? 57  ARG A CA  1 
ATOM   439  C C   . ARG A 1 61  ? 1.405   8.036   -10.224 1.00 10.29 ? 57  ARG A C   1 
ATOM   440  O O   . ARG A 1 61  ? 0.918   8.054   -9.077  1.00 10.20 ? 57  ARG A O   1 
ATOM   441  C CB  . ARG A 1 61  ? 2.397   10.279  -10.507 1.00 10.14 ? 57  ARG A CB  1 
ATOM   442  C CG  . ARG A 1 61  ? 2.234   11.660  -11.129 1.00 10.06 ? 57  ARG A CG  1 
ATOM   443  C CD  . ARG A 1 61  ? 3.271   12.539  -10.671 1.00 8.33  ? 57  ARG A CD  1 
ATOM   444  N NE  . ARG A 1 61  ? 2.987   13.919  -11.073 1.00 10.06 ? 57  ARG A NE  1 
ATOM   445  C CZ  . ARG A 1 61  ? 3.847   14.919  -10.878 1.00 10.87 ? 57  ARG A CZ  1 
ATOM   446  N NH1 . ARG A 1 61  ? 5.008   14.630  -10.291 1.00 12.15 ? 57  ARG A NH1 1 
ATOM   447  N NH2 . ARG A 1 61  ? 3.563   16.169  -11.256 1.00 12.00 ? 57  ARG A NH2 1 
ATOM   448  N N   . THR A 1 62  ? 1.925   6.957   -10.763 1.00 10.03 ? 58  THR A N   1 
ATOM   449  C CA  . THR A 1 62  ? 2.052   5.766   -9.961  1.00 10.36 ? 58  THR A CA  1 
ATOM   450  C C   . THR A 1 62  ? 3.446   5.301   -10.247 1.00 10.37 ? 58  THR A C   1 
ATOM   451  O O   . THR A 1 62  ? 3.905   5.404   -11.373 1.00 10.82 ? 58  THR A O   1 
ATOM   452  C CB  . THR A 1 62  ? 1.023   4.679   -10.327 1.00 10.31 ? 58  THR A CB  1 
ATOM   453  O OG1 . THR A 1 62  ? 1.026   4.503   -11.727 1.00 10.00 ? 58  THR A OG1 1 
ATOM   454  C CG2 . THR A 1 62  ? -0.404  5.048   -9.875  1.00 10.21 ? 58  THR A CG2 1 
ATOM   455  N N   . TYR A 1 63  ? 4.148   4.868   -9.201  1.00 10.80 ? 59  TYR A N   1 
ATOM   456  C CA  . TYR A 1 63  ? 5.471   4.308   -9.372  1.00 10.37 ? 59  TYR A CA  1 
ATOM   457  C C   . TYR A 1 63  ? 5.536   2.980   -8.652  1.00 10.61 ? 59  TYR A C   1 
ATOM   458  O O   . TYR A 1 63  ? 4.846   2.793   -7.634  1.00 10.67 ? 59  TYR A O   1 
ATOM   459  C CB  . TYR A 1 63  ? 6.503   5.252   -8.782  1.00 10.66 ? 59  TYR A CB  1 
ATOM   460  C CG  . TYR A 1 63  ? 6.264   6.696   -9.100  1.00 10.52 ? 59  TYR A CG  1 
ATOM   461  C CD1 . TYR A 1 63  ? 6.515   7.197   -10.370 1.00 11.75 ? 59  TYR A CD1 1 
ATOM   462  C CD2 . TYR A 1 63  ? 5.790   7.573   -8.121  1.00 11.74 ? 59  TYR A CD2 1 
ATOM   463  C CE1 . TYR A 1 63  ? 6.336   8.551   -10.679 1.00 12.13 ? 59  TYR A CE1 1 
ATOM   464  C CE2 . TYR A 1 63  ? 5.570   8.959   -8.414  1.00 12.25 ? 59  TYR A CE2 1 
ATOM   465  C CZ  . TYR A 1 63  ? 5.851   9.429   -9.712  1.00 12.24 ? 59  TYR A CZ  1 
ATOM   466  O OH  . TYR A 1 63  ? 5.695   10.779  -10.043 1.00 12.49 ? 59  TYR A OH  1 
ATOM   467  N N   . TYR A 1 64  ? 6.377   2.069   -9.154  1.00 10.35 ? 60  TYR A N   1 
ATOM   468  C CA  . TYR A 1 64  ? 6.452   0.739   -8.610  1.00 10.85 ? 60  TYR A CA  1 
ATOM   469  C C   . TYR A 1 64  ? 7.853   0.292   -8.414  1.00 11.05 ? 60  TYR A C   1 
ATOM   470  O O   . TYR A 1 64  ? 8.756   0.642   -9.234  1.00 11.08 ? 60  TYR A O   1 
ATOM   471  C CB  . TYR A 1 64  ? 5.807   -0.264  -9.580  1.00 11.15 ? 60  TYR A CB  1 
ATOM   472  C CG  . TYR A 1 64  ? 4.367   0.032   -9.791  1.00 11.37 ? 60  TYR A CG  1 
ATOM   473  C CD1 . TYR A 1 64  ? 3.431   -0.477  -8.902  1.00 10.40 ? 60  TYR A CD1 1 
ATOM   474  C CD2 . TYR A 1 64  ? 3.944   0.845   -10.842 1.00 11.14 ? 60  TYR A CD2 1 
ATOM   475  C CE1 . TYR A 1 64  ? 2.108   -0.213  -9.045  1.00 11.03 ? 60  TYR A CE1 1 
ATOM   476  C CE2 . TYR A 1 64  ? 2.614   1.136   -11.014 1.00 11.29 ? 60  TYR A CE2 1 
ATOM   477  C CZ  . TYR A 1 64  ? 1.699   0.590   -10.091 1.00 10.97 ? 60  TYR A CZ  1 
ATOM   478  O OH  . TYR A 1 64  ? 0.367   0.796   -10.219 1.00 10.12 ? 60  TYR A OH  1 
ATOM   479  N N   . ALA A 1 65  ? 8.030   -0.526  -7.386  1.00 11.52 ? 61  ALA A N   1 
ATOM   480  C CA  . ALA A 1 65  ? 9.273   -1.245  -7.203  1.00 11.50 ? 61  ALA A CA  1 
ATOM   481  C C   . ALA A 1 65  ? 9.403   -2.119  -8.442  1.00 11.70 ? 61  ALA A C   1 
ATOM   482  O O   . ALA A 1 65  ? 8.408   -2.675  -8.941  1.00 11.37 ? 61  ALA A O   1 
ATOM   483  C CB  . ALA A 1 65  ? 9.221   -2.086  -6.001  1.00 11.24 ? 61  ALA A CB  1 
ATOM   484  N N   . ASP A 1 66  ? 10.622  -2.250  -8.956  1.00 12.24 ? 62  ASP A N   1 
ATOM   485  C CA  . ASP A 1 66  ? 10.787  -3.050  -10.185 1.00 12.79 ? 62  ASP A CA  1 
ATOM   486  C C   . ASP A 1 66  ? 10.263  -4.463  -9.998  1.00 12.64 ? 62  ASP A C   1 
ATOM   487  O O   . ASP A 1 66  ? 9.665   -5.000  -10.913 1.00 12.85 ? 62  ASP A O   1 
ATOM   488  C CB  . ASP A 1 66  ? 12.234  -3.083  -10.648 1.00 13.12 ? 62  ASP A CB  1 
ATOM   489  C CG  . ASP A 1 66  ? 12.628  -1.815  -11.384 1.00 14.10 ? 62  ASP A CG  1 
ATOM   490  O OD1 . ASP A 1 66  ? 11.709  -1.042  -11.769 1.00 15.18 ? 62  ASP A OD1 1 
ATOM   491  O OD2 . ASP A 1 66  ? 13.849  -1.577  -11.560 1.00 15.63 ? 62  ASP A OD2 1 
ATOM   492  N N   . SER A 1 67  ? 10.496  -5.029  -8.814  1.00 12.72 ? 63  SER A N   1 
ATOM   493  C CA  . SER A 1 67  ? 10.125  -6.407  -8.470  1.00 12.95 ? 63  SER A CA  1 
ATOM   494  C C   . SER A 1 67  ? 8.596   -6.649  -8.536  1.00 12.66 ? 63  SER A C   1 
ATOM   495  O O   . SER A 1 67  ? 8.150   -7.795  -8.587  1.00 13.02 ? 63  SER A O   1 
ATOM   496  C CB  . SER A 1 67  ? 10.607  -6.756  -7.058  1.00 12.69 ? 63  SER A CB  1 
ATOM   497  O OG  . SER A 1 67  ? 10.066  -5.847  -6.146  1.00 13.92 ? 63  SER A OG  1 
ATOM   498  N N   . VAL A 1 68  ? 7.804   -5.584  -8.541  1.00 12.31 ? 64  VAL A N   1 
ATOM   499  C CA  . VAL A 1 68  ? 6.347   -5.769  -8.562  1.00 11.76 ? 64  VAL A CA  1 
ATOM   500  C C   . VAL A 1 68  ? 5.728   -5.167  -9.807  1.00 11.78 ? 64  VAL A C   1 
ATOM   501  O O   . VAL A 1 68  ? 4.545   -5.323  -10.066 1.00 11.25 ? 64  VAL A O   1 
ATOM   502  C CB  . VAL A 1 68  ? 5.672   -5.200  -7.313  1.00 11.42 ? 64  VAL A CB  1 
ATOM   503  C CG1 . VAL A 1 68  ? 6.436   -5.652  -6.037  1.00 11.56 ? 64  VAL A CG1 1 
ATOM   504  C CG2 . VAL A 1 68  ? 5.551   -3.708  -7.424  1.00 11.21 ? 64  VAL A CG2 1 
ATOM   505  N N   . LYS A 1 69  ? 6.550   -4.472  -10.583 1.00 12.27 ? 65  LYS A N   1 
ATOM   506  C CA  . LYS A 1 69  ? 6.098   -3.933  -11.848 1.00 12.50 ? 65  LYS A CA  1 
ATOM   507  C C   . LYS A 1 69  ? 5.356   -4.938  -12.676 1.00 12.45 ? 65  LYS A C   1 
ATOM   508  O O   . LYS A 1 69  ? 5.853   -6.037  -12.951 1.00 12.44 ? 65  LYS A O   1 
ATOM   509  C CB  . LYS A 1 69  ? 7.279   -3.348  -12.643 1.00 12.82 ? 65  LYS A CB  1 
ATOM   510  C CG  . LYS A 1 69  ? 7.271   -1.833  -12.544 1.00 14.66 ? 65  LYS A CG  1 
ATOM   511  C CD  . LYS A 1 69  ? 8.440   -1.136  -13.274 1.00 16.30 ? 65  LYS A CD  1 
ATOM   512  C CE  . LYS A 1 69  ? 8.619   0.349   -12.775 1.00 17.06 ? 65  LYS A CE  1 
ATOM   513  N NZ  . LYS A 1 69  ? 9.484   0.564   -11.531 1.00 15.95 ? 65  LYS A NZ  1 
ATOM   514  N N   . GLY A 1 70  ? 4.140   -4.555  -13.051 1.00 12.35 ? 66  GLY A N   1 
ATOM   515  C CA  . GLY A 1 70  ? 3.329   -5.348  -13.936 1.00 12.37 ? 66  GLY A CA  1 
ATOM   516  C C   . GLY A 1 70  ? 2.628   -6.464  -13.205 1.00 12.44 ? 66  GLY A C   1 
ATOM   517  O O   . GLY A 1 70  ? 1.923   -7.240  -13.824 1.00 12.49 ? 66  GLY A O   1 
ATOM   518  N N   . ARG A 1 71  ? 2.830   -6.562  -11.890 1.00 12.16 ? 67  ARG A N   1 
ATOM   519  C CA  . ARG A 1 71  ? 2.088   -7.536  -11.063 1.00 11.92 ? 67  ARG A CA  1 
ATOM   520  C C   . ARG A 1 71  ? 1.230   -6.792  -10.075 1.00 11.89 ? 67  ARG A C   1 
ATOM   521  O O   . ARG A 1 71  ? 0.088   -7.154  -9.853  1.00 11.63 ? 67  ARG A O   1 
ATOM   522  C CB  . ARG A 1 71  ? 3.044   -8.478  -10.312 1.00 11.94 ? 67  ARG A CB  1 
ATOM   523  C CG  . ARG A 1 71  ? 3.857   -9.321  -11.258 1.00 12.06 ? 67  ARG A CG  1 
ATOM   524  C CD  . ARG A 1 71  ? 4.716   -10.336 -10.555 1.00 11.13 ? 67  ARG A CD  1 
ATOM   525  N NE  . ARG A 1 71  ? 5.575   -9.782  -9.515  1.00 11.15 ? 67  ARG A NE  1 
ATOM   526  C CZ  . ARG A 1 71  ? 5.393   -9.971  -8.205  1.00 11.38 ? 67  ARG A CZ  1 
ATOM   527  N NH1 . ARG A 1 71  ? 4.391   -10.709 -7.784  1.00 11.79 ? 67  ARG A NH1 1 
ATOM   528  N NH2 . ARG A 1 71  ? 6.245   -9.452  -7.317  1.00 11.14 ? 67  ARG A NH2 1 
ATOM   529  N N   . PHE A 1 72  ? 1.772   -5.738  -9.477  1.00 11.69 ? 68  PHE A N   1 
ATOM   530  C CA  . PHE A 1 72  ? 0.985   -4.999  -8.497  1.00 11.84 ? 68  PHE A CA  1 
ATOM   531  C C   . PHE A 1 72  ? 0.523   -3.727  -9.178  1.00 11.85 ? 68  PHE A C   1 
ATOM   532  O O   . PHE A 1 72  ? 1.263   -3.128  -9.971  1.00 12.06 ? 68  PHE A O   1 
ATOM   533  C CB  . PHE A 1 72  ? 1.830   -4.608  -7.281  1.00 11.57 ? 68  PHE A CB  1 
ATOM   534  C CG  . PHE A 1 72  ? 2.244   -5.761  -6.423  1.00 11.83 ? 68  PHE A CG  1 
ATOM   535  C CD1 . PHE A 1 72  ? 2.045   -7.098  -6.835  1.00 11.87 ? 68  PHE A CD1 1 
ATOM   536  C CD2 . PHE A 1 72  ? 2.873   -5.516  -5.221  1.00 11.95 ? 68  PHE A CD2 1 
ATOM   537  C CE1 . PHE A 1 72  ? 2.435   -8.168  -6.035  1.00 12.42 ? 68  PHE A CE1 1 
ATOM   538  C CE2 . PHE A 1 72  ? 3.287   -6.599  -4.406  1.00 12.70 ? 68  PHE A CE2 1 
ATOM   539  C CZ  . PHE A 1 72  ? 3.084   -7.908  -4.820  1.00 11.92 ? 68  PHE A CZ  1 
ATOM   540  N N   . THR A 1 73  ? -0.677  -3.305  -8.817  1.00 11.61 ? 69  THR A N   1 
ATOM   541  C CA  . THR A 1 73  ? -1.190  -2.022  -9.241  1.00 11.53 ? 69  THR A CA  1 
ATOM   542  C C   . THR A 1 73  ? -1.695  -1.248  -8.036  1.00 11.46 ? 69  THR A C   1 
ATOM   543  O O   . THR A 1 73  ? -2.518  -1.729  -7.263  1.00 11.25 ? 69  THR A O   1 
ATOM   544  C CB  . THR A 1 73  ? -2.336  -2.187  -10.252 1.00 11.71 ? 69  THR A CB  1 
ATOM   545  O OG1 . THR A 1 73  ? -1.847  -2.922  -11.365 1.00 11.72 ? 69  THR A OG1 1 
ATOM   546  C CG2 . THR A 1 73  ? -2.856  -0.832  -10.736 1.00 11.38 ? 69  THR A CG2 1 
ATOM   547  N N   . ILE A 1 74  ? -1.198  -0.019  -7.922  1.00 11.30 ? 70  ILE A N   1 
ATOM   548  C CA  . ILE A 1 74  ? -1.690  0.880   -6.942  1.00 11.27 ? 70  ILE A CA  1 
ATOM   549  C C   . ILE A 1 74  ? -2.715  1.762   -7.652  1.00 11.27 ? 70  ILE A C   1 
ATOM   550  O O   . ILE A 1 74  ? -2.472  2.251   -8.778  1.00 11.56 ? 70  ILE A O   1 
ATOM   551  C CB  . ILE A 1 74  ? -0.566  1.697   -6.295  1.00 10.94 ? 70  ILE A CB  1 
ATOM   552  C CG1 . ILE A 1 74  ? -1.130  2.486   -5.097  1.00 11.20 ? 70  ILE A CG1 1 
ATOM   553  C CG2 . ILE A 1 74  ? 0.204   2.577   -7.342  1.00 10.35 ? 70  ILE A CG2 1 
ATOM   554  C CD1 . ILE A 1 74  ? -0.073  3.081   -4.190  1.00 11.16 ? 70  ILE A CD1 1 
ATOM   555  N N   . SER A 1 75  ? -3.835  1.982   -6.974  1.00 11.07 ? 71  SER A N   1 
ATOM   556  C CA  . SER A 1 75  ? -4.868  2.847   -7.488  1.00 11.26 ? 71  SER A CA  1 
ATOM   557  C C   . SER A 1 75  ? -5.542  3.517   -6.317  1.00 11.39 ? 71  SER A C   1 
ATOM   558  O O   . SER A 1 75  ? -5.275  3.187   -5.187  1.00 11.33 ? 71  SER A O   1 
ATOM   559  C CB  . SER A 1 75  ? -5.880  2.035   -8.275  1.00 11.63 ? 71  SER A CB  1 
ATOM   560  O OG  . SER A 1 75  ? -6.512  1.139   -7.403  1.00 10.92 ? 71  SER A OG  1 
ATOM   561  N N   . ARG A 1 76  ? -6.379  4.510   -6.584  1.00 11.13 ? 72  ARG A N   1 
ATOM   562  C CA  . ARG A 1 76  ? -7.108  5.150   -5.495  1.00 11.32 ? 72  ARG A CA  1 
ATOM   563  C C   . ARG A 1 76  ? -8.438  5.631   -5.976  1.00 11.30 ? 72  ARG A C   1 
ATOM   564  O O   . ARG A 1 76  ? -8.603  5.931   -7.143  1.00 11.32 ? 72  ARG A O   1 
ATOM   565  C CB  . ARG A 1 76  ? -6.354  6.319   -4.882  1.00 10.93 ? 72  ARG A CB  1 
ATOM   566  C CG  . ARG A 1 76  ? -6.030  7.406   -5.877  1.00 11.02 ? 72  ARG A CG  1 
ATOM   567  C CD  . ARG A 1 76  ? -4.950  8.295   -5.306  1.00 11.50 ? 72  ARG A CD  1 
ATOM   568  N NE  . ARG A 1 76  ? -5.415  9.065   -4.157  1.00 10.65 ? 72  ARG A NE  1 
ATOM   569  C CZ  . ARG A 1 76  ? -4.602  9.681   -3.302  1.00 10.94 ? 72  ARG A CZ  1 
ATOM   570  N NH1 . ARG A 1 76  ? -3.285  9.603   -3.483  1.00 10.10 ? 72  ARG A NH1 1 
ATOM   571  N NH2 . ARG A 1 76  ? -5.116  10.388  -2.281  1.00 10.86 ? 72  ARG A NH2 1 
ATOM   572  N N   . ASP A 1 77  ? -9.374  5.714   -5.041  1.00 11.57 ? 73  ASP A N   1 
ATOM   573  C CA  . ASP A 1 77  ? -10.678 6.256   -5.287  1.00 11.35 ? 73  ASP A CA  1 
ATOM   574  C C   . ASP A 1 77  ? -10.842 7.369   -4.270  1.00 11.45 ? 73  ASP A C   1 
ATOM   575  O O   . ASP A 1 77  ? -11.182 7.131   -3.106  1.00 11.26 ? 73  ASP A O   1 
ATOM   576  C CB  . ASP A 1 77  ? -11.726 5.163   -5.078  1.00 11.41 ? 73  ASP A CB  1 
ATOM   577  C CG  . ASP A 1 77  ? -13.113 5.614   -5.477  1.00 11.96 ? 73  ASP A CG  1 
ATOM   578  O OD1 . ASP A 1 77  ? -13.460 6.793   -5.267  1.00 11.58 ? 73  ASP A OD1 1 
ATOM   579  O OD2 . ASP A 1 77  ? -13.850 4.779   -5.989  1.00 11.75 ? 73  ASP A OD2 1 
ATOM   580  N N   . ASN A 1 78  ? -10.662 8.608   -4.715  1.00 11.37 ? 74  ASN A N   1 
ATOM   581  C CA  . ASN A 1 78  ? -10.671 9.721   -3.781  1.00 11.69 ? 74  ASN A CA  1 
ATOM   582  C C   . ASN A 1 78  ? -12.049 9.903   -3.179  1.00 11.60 ? 74  ASN A C   1 
ATOM   583  O O   . ASN A 1 78  ? -12.175 10.259  -2.003  1.00 11.25 ? 74  ASN A O   1 
ATOM   584  C CB  . ASN A 1 78  ? -10.126 11.021  -4.417  1.00 11.57 ? 74  ASN A CB  1 
ATOM   585  C CG  . ASN A 1 78  ? -8.590  10.992  -4.554  1.00 12.36 ? 74  ASN A CG  1 
ATOM   586  O OD1 . ASN A 1 78  ? -7.927  10.119  -4.013  1.00 13.05 ? 74  ASN A OD1 1 
ATOM   587  N ND2 . ASN A 1 78  ? -8.044  11.956  -5.258  1.00 12.56 ? 74  ASN A ND2 1 
ATOM   588  N N   . ALA A 1 79  ? -13.057 9.632   -4.000  1.00 11.90 ? 75  ALA A N   1 
ATOM   589  C CA  . ALA A 1 79  ? -14.470 9.636   -3.591  1.00 12.28 ? 75  ALA A CA  1 
ATOM   590  C C   . ALA A 1 79  ? -14.777 8.672   -2.444  1.00 12.33 ? 75  ALA A C   1 
ATOM   591  O O   . ALA A 1 79  ? -15.701 8.897   -1.658  1.00 12.67 ? 75  ALA A O   1 
ATOM   592  C CB  . ALA A 1 79  ? -15.338 9.320   -4.783  1.00 12.30 ? 75  ALA A CB  1 
ATOM   593  N N   . LYS A 1 80  ? -14.010 7.587   -2.358  1.00 12.74 ? 76  LYS A N   1 
ATOM   594  C CA  . LYS A 1 80  ? -14.180 6.589   -1.305  1.00 12.57 ? 76  LYS A CA  1 
ATOM   595  C C   . LYS A 1 80  ? -13.081 6.729   -0.256  1.00 12.31 ? 76  LYS A C   1 
ATOM   596  O O   . LYS A 1 80  ? -13.012 5.917   0.661   1.00 12.01 ? 76  LYS A O   1 
ATOM   597  C CB  . LYS A 1 80  ? -14.139 5.179   -1.900  1.00 13.07 ? 76  LYS A CB  1 
ATOM   598  C CG  . LYS A 1 80  ? -15.370 4.805   -2.715  1.00 14.07 ? 76  LYS A CG  1 
ATOM   599  C CD  . LYS A 1 80  ? -15.221 3.390   -3.252  1.00 15.22 ? 76  LYS A CD  1 
ATOM   600  C CE  . LYS A 1 80  ? -16.576 2.792   -3.608  1.00 16.11 ? 76  LYS A CE  1 
ATOM   601  N NZ  . LYS A 1 80  ? -16.370 1.512   -4.309  1.00 16.51 ? 76  LYS A NZ  1 
ATOM   602  N N   . ASN A 1 81  ? -12.229 7.758   -0.402  1.00 11.93 ? 77  ASN A N   1 
ATOM   603  C CA  . ASN A 1 81  ? -11.073 7.973   0.465   1.00 11.96 ? 77  ASN A CA  1 
ATOM   604  C C   . ASN A 1 81  ? -10.176 6.709   0.567   1.00 11.65 ? 77  ASN A C   1 
ATOM   605  O O   . ASN A 1 81  ? -9.625  6.405   1.639   1.00 11.74 ? 77  ASN A O   1 
ATOM   606  C CB  . ASN A 1 81  ? -11.519 8.369   1.873   1.00 12.03 ? 77  ASN A CB  1 
ATOM   607  C CG  . ASN A 1 81  ? -11.980 9.793   1.973   1.00 13.07 ? 77  ASN A CG  1 
ATOM   608  O OD1 . ASN A 1 81  ? -11.386 10.702  1.415   1.00 14.52 ? 77  ASN A OD1 1 
ATOM   609  N ND2 . ASN A 1 81  ? -13.076 9.988   2.694   1.00 14.49 ? 77  ASN A ND2 1 
ATOM   610  N N   . THR A 1 82  ? -10.035 5.975   -0.535  1.00 11.37 ? 78  THR A N   1 
ATOM   611  C CA  . THR A 1 82  ? -9.444  4.629   -0.463  1.00 11.37 ? 78  THR A CA  1 
ATOM   612  C C   . THR A 1 82  ? -8.346  4.410   -1.490  1.00 11.46 ? 78  THR A C   1 
ATOM   613  O O   . THR A 1 82  ? -8.480  4.775   -2.660  1.00 11.89 ? 78  THR A O   1 
ATOM   614  C CB  . THR A 1 82  ? -10.502 3.513   -0.644  1.00 11.05 ? 78  THR A CB  1 
ATOM   615  O OG1 . THR A 1 82  ? -11.561 3.713   0.289   1.00 11.10 ? 78  THR A OG1 1 
ATOM   616  C CG2 . THR A 1 82  ? -9.869  2.160   -0.362  1.00 11.50 ? 78  THR A CG2 1 
ATOM   617  N N   . VAL A 1 83  ? -7.240  3.849   -1.027  1.00 11.21 ? 79  VAL A N   1 
ATOM   618  C CA  . VAL A 1 83  ? -6.160  3.496   -1.921  1.00 11.12 ? 79  VAL A CA  1 
ATOM   619  C C   . VAL A 1 83  ? -6.136  1.963   -1.972  1.00 11.20 ? 79  VAL A C   1 
ATOM   620  O O   . VAL A 1 83  ? -6.498  1.310   -1.000  1.00 11.08 ? 79  VAL A O   1 
ATOM   621  C CB  . VAL A 1 83  ? -4.837  4.104   -1.435  1.00 11.17 ? 79  VAL A CB  1 
ATOM   622  C CG1 . VAL A 1 83  ? -4.520  3.703   0.010   1.00 11.28 ? 79  VAL A CG1 1 
ATOM   623  C CG2 . VAL A 1 83  ? -3.669  3.803   -2.418  1.00 10.26 ? 79  VAL A CG2 1 
ATOM   624  N N   . TYR A 1 84  ? -5.735  1.414   -3.109  1.00 10.94 ? 80  TYR A N   1 
ATOM   625  C CA  . TYR A 1 84  ? -5.753  0.006   -3.315  1.00 10.97 ? 80  TYR A CA  1 
ATOM   626  C C   . TYR A 1 84  ? -4.395  -0.445  -3.697  1.00 11.28 ? 80  TYR A C   1 
ATOM   627  O O   . TYR A 1 84  ? -3.595  0.352   -4.205  1.00 11.60 ? 80  TYR A O   1 
ATOM   628  C CB  . TYR A 1 84  ? -6.725  -0.399  -4.408  1.00 10.83 ? 80  TYR A CB  1 
ATOM   629  C CG  . TYR A 1 84  ? -8.075  0.133   -4.139  1.00 11.20 ? 80  TYR A CG  1 
ATOM   630  C CD1 . TYR A 1 84  ? -9.002  -0.628  -3.442  1.00 11.84 ? 80  TYR A CD1 1 
ATOM   631  C CD2 . TYR A 1 84  ? -8.423  1.426   -4.526  1.00 11.80 ? 80  TYR A CD2 1 
ATOM   632  C CE1 . TYR A 1 84  ? -10.249 -0.130  -3.176  1.00 12.48 ? 80  TYR A CE1 1 
ATOM   633  C CE2 . TYR A 1 84  ? -9.700  1.925   -4.264  1.00 11.84 ? 80  TYR A CE2 1 
ATOM   634  C CZ  . TYR A 1 84  ? -10.584 1.139   -3.582  1.00 12.18 ? 80  TYR A CZ  1 
ATOM   635  O OH  . TYR A 1 84  ? -11.852 1.597   -3.306  1.00 13.26 ? 80  TYR A OH  1 
ATOM   636  N N   . LEU A 1 85  ? -4.117  -1.722  -3.417  1.00 11.02 ? 81  LEU A N   1 
ATOM   637  C CA  . LEU A 1 85  ? -2.973  -2.367  -4.043  1.00 11.17 ? 81  LEU A CA  1 
ATOM   638  C C   . LEU A 1 85  ? -3.499  -3.685  -4.556  1.00 11.20 ? 81  LEU A C   1 
ATOM   639  O O   . LEU A 1 85  ? -3.855  -4.529  -3.785  1.00 11.25 ? 81  LEU A O   1 
ATOM   640  C CB  . LEU A 1 85  ? -1.845  -2.614  -3.054  1.00 10.83 ? 81  LEU A CB  1 
ATOM   641  C CG  . LEU A 1 85  ? -0.552  -3.175  -3.695  1.00 10.78 ? 81  LEU A CG  1 
ATOM   642  C CD1 . LEU A 1 85  ? 0.094   -2.086  -4.564  1.00 11.00 ? 81  LEU A CD1 1 
ATOM   643  C CD2 . LEU A 1 85  ? 0.458   -3.621  -2.655  1.00 11.13 ? 81  LEU A CD2 1 
ATOM   644  N N   . GLN A 1 86  ? -3.577  -3.814  -5.861  1.00 11.76 ? 82  GLN A N   1 
ATOM   645  C CA  . GLN A 1 86  ? -3.999  -5.050  -6.504  1.00 11.43 ? 82  GLN A CA  1 
ATOM   646  C C   . GLN A 1 86  ? -2.749  -5.852  -6.740  1.00 11.47 ? 82  GLN A C   1 
ATOM   647  O O   . GLN A 1 86  ? -1.844  -5.424  -7.440  1.00 11.71 ? 82  GLN A O   1 
ATOM   648  C CB  . GLN A 1 86  ? -4.624  -4.761  -7.869  1.00 11.76 ? 82  GLN A CB  1 
ATOM   649  C CG  . GLN A 1 86  ? -5.013  -6.046  -8.586  1.00 11.10 ? 82  GLN A CG  1 
ATOM   650  C CD  . GLN A 1 86  ? -6.110  -6.789  -7.848  1.00 12.20 ? 82  GLN A CD  1 
ATOM   651  O OE1 . GLN A 1 86  ? -7.092  -6.186  -7.407  1.00 11.57 ? 82  GLN A OE1 1 
ATOM   652  N NE2 . GLN A 1 86  ? -5.950  -8.106  -7.696  1.00 10.61 ? 82  GLN A NE2 1 
ATOM   653  N N   . MET A 1 87  ? -2.675  -7.028  -6.152  1.00 11.36 ? 83  MET A N   1 
ATOM   654  C CA  . MET A 1 87  ? -1.445  -7.753  -6.191  1.00 11.60 ? 83  MET A CA  1 
ATOM   655  C C   . MET A 1 87  ? -1.791  -8.994  -6.941  1.00 11.54 ? 83  MET A C   1 
ATOM   656  O O   . MET A 1 87  ? -2.443  -9.869  -6.399  1.00 11.25 ? 83  MET A O   1 
ATOM   657  C CB  . MET A 1 87  ? -1.007  -8.136  -4.781  1.00 11.32 ? 83  MET A CB  1 
ATOM   658  C CG  . MET A 1 87  ? -0.724  -6.916  -3.922  1.00 12.66 ? 83  MET A CG  1 
ATOM   659  S SD  . MET A 1 87  ? -0.661  -7.445  -2.214  1.00 14.86 ? 83  MET A SD  1 
ATOM   660  C CE  . MET A 1 87  ? 0.989   -7.767  -2.245  1.00 12.12 ? 83  MET A CE  1 
ATOM   661  N N   . ASN A 1 88  ? -1.377  -9.030  -8.195  1.00 11.54 ? 84  ASN A N   1 
ATOM   662  C CA  . ASN A 1 88  ? -1.563  -10.203 -9.013  1.00 11.41 ? 84  ASN A CA  1 
ATOM   663  C C   . ASN A 1 88  ? -0.275  -10.990 -9.150  1.00 11.22 ? 84  ASN A C   1 
ATOM   664  O O   . ASN A 1 88  ? 0.790   -10.489 -8.814  1.00 10.77 ? 84  ASN A O   1 
ATOM   665  C CB  . ASN A 1 88  ? -2.057  -9.762  -10.370 1.00 11.61 ? 84  ASN A CB  1 
ATOM   666  C CG  . ASN A 1 88  ? -3.419  -9.100  -10.303 1.00 12.20 ? 84  ASN A CG  1 
ATOM   667  O OD1 . ASN A 1 88  ? -4.183  -9.293  -9.353  1.00 12.17 ? 84  ASN A OD1 1 
ATOM   668  N ND2 . ASN A 1 88  ? -3.714  -8.290  -11.306 1.00 12.04 ? 84  ASN A ND2 1 
ATOM   669  N N   . SER A 1 89  ? -0.374  -12.231 -9.585  1.00 10.97 ? 85  SER A N   1 
ATOM   670  C CA  . SER A 1 89  ? 0.818   -13.003 -9.904  1.00 11.17 ? 85  SER A CA  1 
ATOM   671  C C   . SER A 1 89  ? 1.731   -13.059 -8.701  1.00 11.21 ? 85  SER A C   1 
ATOM   672  O O   . SER A 1 89  ? 2.944   -12.899 -8.825  1.00 11.28 ? 85  SER A O   1 
ATOM   673  C CB  . SER A 1 89  ? 1.573   -12.386 -11.084 1.00 11.37 ? 85  SER A CB  1 
ATOM   674  O OG  . SER A 1 89  ? 0.728   -12.363 -12.212 1.00 11.26 ? 85  SER A OG  1 
ATOM   675  N N   . LEU A 1 90  ? 1.137   -13.296 -7.539  1.00 11.18 ? 86  LEU A N   1 
ATOM   676  C CA  . LEU A 1 90  ? 1.913   -13.311 -6.322  1.00 11.27 ? 86  LEU A CA  1 
ATOM   677  C C   . LEU A 1 90  ? 2.940   -14.422 -6.333  1.00 11.40 ? 86  LEU A C   1 
ATOM   678  O O   . LEU A 1 90  ? 2.717   -15.505 -6.896  1.00 11.15 ? 86  LEU A O   1 
ATOM   679  C CB  . LEU A 1 90  ? 1.008   -13.391 -5.093  1.00 11.11 ? 86  LEU A CB  1 
ATOM   680  C CG  . LEU A 1 90  ? 0.310   -12.059 -4.818  1.00 10.97 ? 86  LEU A CG  1 
ATOM   681  C CD1 . LEU A 1 90  ? -0.954  -12.275 -3.946  1.00 11.76 ? 86  LEU A CD1 1 
ATOM   682  C CD2 . LEU A 1 90  ? 1.311   -11.158 -4.110  1.00 11.10 ? 86  LEU A CD2 1 
ATOM   683  N N   . LYS A 1 91  ? 4.079   -14.106 -5.716  1.00 11.61 ? 87  LYS A N   1 
ATOM   684  C CA  . LYS A 1 91  ? 5.231   -14.983 -5.667  1.00 11.47 ? 87  LYS A CA  1 
ATOM   685  C C   . LYS A 1 91  ? 5.639   -15.086 -4.200  1.00 11.50 ? 87  LYS A C   1 
ATOM   686  O O   . LYS A 1 91  ? 5.341   -14.188 -3.405  1.00 11.29 ? 87  LYS A O   1 
ATOM   687  C CB  . LYS A 1 91  ? 6.382   -14.334 -6.420  1.00 11.54 ? 87  LYS A CB  1 
ATOM   688  C CG  . LYS A 1 91  ? 6.076   -13.947 -7.844  1.00 12.45 ? 87  LYS A CG  1 
ATOM   689  C CD  . LYS A 1 91  ? 7.305   -13.264 -8.442  1.00 13.52 ? 87  LYS A CD  1 
ATOM   690  C CE  . LYS A 1 91  ? 7.087   -13.020 -9.922  1.00 13.62 ? 87  LYS A CE  1 
ATOM   691  N NZ  . LYS A 1 91  ? 8.259   -12.295 -10.495 1.00 14.92 ? 87  LYS A NZ  1 
ATOM   692  N N   . PRO A 1 92  ? 6.330   -16.167 -3.845  1.00 12.10 ? 88  PRO A N   1 
ATOM   693  C CA  . PRO A 1 92  ? 6.780   -16.359 -2.488  1.00 12.41 ? 88  PRO A CA  1 
ATOM   694  C C   . PRO A 1 92  ? 7.547   -15.142 -1.970  1.00 12.66 ? 88  PRO A C   1 
ATOM   695  O O   . PRO A 1 92  ? 7.462   -14.844 -0.792  1.00 12.94 ? 88  PRO A O   1 
ATOM   696  C CB  . PRO A 1 92  ? 7.702   -17.572 -2.610  1.00 12.67 ? 88  PRO A CB  1 
ATOM   697  C CG  . PRO A 1 92  ? 7.064   -18.382 -3.690  1.00 12.85 ? 88  PRO A CG  1 
ATOM   698  C CD  . PRO A 1 92  ? 6.530   -17.371 -4.674  1.00 11.88 ? 88  PRO A CD  1 
ATOM   699  N N   . GLU A 1 93  ? 8.321   -14.479 -2.826  1.00 12.93 ? 89  GLU A N   1 
ATOM   700  C CA  . GLU A 1 93  ? 9.106   -13.329 -2.392  1.00 12.93 ? 89  GLU A CA  1 
ATOM   701  C C   . GLU A 1 93  ? 8.233   -12.134 -2.042  1.00 12.40 ? 89  GLU A C   1 
ATOM   702  O O   . GLU A 1 93  ? 8.730   -11.172 -1.482  1.00 12.31 ? 89  GLU A O   1 
ATOM   703  C CB  . GLU A 1 93  ? 10.072  -12.886 -3.465  1.00 13.52 ? 89  GLU A CB  1 
ATOM   704  C CG  . GLU A 1 93  ? 9.426   -12.841 -4.791  1.00 14.87 ? 89  GLU A CG  1 
ATOM   705  C CD  . GLU A 1 93  ? 9.882   -14.047 -5.661  1.00 16.06 ? 89  GLU A CD  1 
ATOM   706  O OE1 . GLU A 1 93  ? 9.539   -15.242 -5.385  1.00 14.00 ? 89  GLU A OE1 1 
ATOM   707  O OE2 . GLU A 1 93  ? 10.618  -13.757 -6.627  1.00 18.30 ? 89  GLU A OE2 1 
ATOM   708  N N   . ASP A 1 94  ? 6.953   -12.194 -2.397  1.00 11.53 ? 90  ASP A N   1 
ATOM   709  C CA  . ASP A 1 94  ? 6.004   -11.177 -1.972  1.00 11.19 ? 90  ASP A CA  1 
ATOM   710  C C   . ASP A 1 94  ? 5.520   -11.325 -0.569  1.00 11.24 ? 90  ASP A C   1 
ATOM   711  O O   . ASP A 1 94  ? 4.860   -10.427 -0.049  1.00 11.01 ? 90  ASP A O   1 
ATOM   712  C CB  . ASP A 1 94  ? 4.790   -11.152 -2.904  1.00 10.85 ? 90  ASP A CB  1 
ATOM   713  C CG  . ASP A 1 94  ? 5.180   -10.825 -4.309  1.00 10.77 ? 90  ASP A CG  1 
ATOM   714  O OD1 . ASP A 1 94  ? 6.024   -9.909  -4.449  1.00 10.60 ? 90  ASP A OD1 1 
ATOM   715  O OD2 . ASP A 1 94  ? 4.621   -11.437 -5.255  1.00 11.59 ? 90  ASP A OD2 1 
ATOM   716  N N   . THR A 1 95  ? 5.835   -12.447 0.057   1.00 11.14 ? 91  THR A N   1 
ATOM   717  C CA  . THR A 1 95  ? 5.422   -12.620 1.430   1.00 11.01 ? 91  THR A CA  1 
ATOM   718  C C   . THR A 1 95  ? 5.969   -11.506 2.302   1.00 11.06 ? 91  THR A C   1 
ATOM   719  O O   . THR A 1 95  ? 7.178   -11.253 2.351   1.00 11.07 ? 91  THR A O   1 
ATOM   720  C CB  . THR A 1 95  ? 5.819   -13.977 1.931   1.00 10.98 ? 91  THR A CB  1 
ATOM   721  O OG1 . THR A 1 95  ? 5.124   -14.955 1.139   1.00 10.61 ? 91  THR A OG1 1 
ATOM   722  C CG2 . THR A 1 95  ? 5.456   -14.141 3.385   1.00 10.90 ? 91  THR A CG2 1 
ATOM   723  N N   . ALA A 1 96  ? 5.061   -10.875 3.015   1.00 11.04 ? 92  ALA A N   1 
ATOM   724  C CA  . ALA A 1 96  ? 5.447   -9.778  3.889   1.00 11.13 ? 92  ALA A CA  1 
ATOM   725  C C   . ALA A 1 96  ? 4.243   -9.182  4.575   1.00 11.36 ? 92  ALA A C   1 
ATOM   726  O O   . ALA A 1 96  ? 3.102   -9.412  4.180   1.00 11.27 ? 92  ALA A O   1 
ATOM   727  C CB  . ALA A 1 96  ? 6.140   -8.658  3.098   1.00 11.11 ? 92  ALA A CB  1 
ATOM   728  N N   . MET A 1 97  ? 4.522   -8.378  5.591   1.00 11.13 ? 93  MET A N   1 
ATOM   729  C CA  . MET A 1 97  ? 3.526   -7.432  6.083   1.00 11.60 ? 93  MET A CA  1 
ATOM   730  C C   . MET A 1 97  ? 3.481   -6.268  5.096   1.00 11.56 ? 93  MET A C   1 
ATOM   731  O O   . MET A 1 97  ? 4.532   -5.738  4.739   1.00 11.85 ? 93  MET A O   1 
ATOM   732  C CB  . MET A 1 97  ? 3.947   -6.912  7.429   1.00 11.79 ? 93  MET A CB  1 
ATOM   733  C CG  . MET A 1 97  ? 3.674   -7.930  8.525   1.00 12.72 ? 93  MET A CG  1 
ATOM   734  S SD  . MET A 1 97  ? 1.909   -8.170  8.755   1.00 13.88 ? 93  MET A SD  1 
ATOM   735  C CE  . MET A 1 97  ? 1.429   -6.610  9.488   1.00 12.46 ? 93  MET A CE  1 
ATOM   736  N N   . TYR A 1 98  ? 2.293   -5.906  4.650   1.00 11.24 ? 94  TYR A N   1 
ATOM   737  C CA  . TYR A 1 98  ? 2.125   -4.758  3.741   1.00 10.89 ? 94  TYR A CA  1 
ATOM   738  C C   . TYR A 1 98  ? 1.399   -3.648  4.428   1.00 10.95 ? 94  TYR A C   1 
ATOM   739  O O   . TYR A 1 98  ? 0.386   -3.866  5.053   1.00 11.05 ? 94  TYR A O   1 
ATOM   740  C CB  . TYR A 1 98  ? 1.260   -5.163  2.572   1.00 10.92 ? 94  TYR A CB  1 
ATOM   741  C CG  . TYR A 1 98  ? 2.020   -5.981  1.589   1.00 10.85 ? 94  TYR A CG  1 
ATOM   742  C CD1 . TYR A 1 98  ? 2.402   -5.434  0.381   1.00 10.73 ? 94  TYR A CD1 1 
ATOM   743  C CD2 . TYR A 1 98  ? 2.413   -7.302  1.908   1.00 10.84 ? 94  TYR A CD2 1 
ATOM   744  C CE1 . TYR A 1 98  ? 3.109   -6.197  -0.534  1.00 10.92 ? 94  TYR A CE1 1 
ATOM   745  C CE2 . TYR A 1 98  ? 3.120   -8.068  1.014   1.00 10.73 ? 94  TYR A CE2 1 
ATOM   746  C CZ  . TYR A 1 98  ? 3.494   -7.508  -0.179  1.00 10.50 ? 94  TYR A CZ  1 
ATOM   747  O OH  . TYR A 1 98  ? 4.201   -8.239  -1.086  1.00 10.67 ? 94  TYR A OH  1 
ATOM   748  N N   . TYR A 1 99  ? 1.872   -2.426  4.227   1.00 10.81 ? 95  TYR A N   1 
ATOM   749  C CA  . TYR A 1 99  ? 1.350   -1.303  4.942   1.00 10.87 ? 95  TYR A CA  1 
ATOM   750  C C   . TYR A 1 99  ? 1.051   -0.293  3.884   1.00 10.64 ? 95  TYR A C   1 
ATOM   751  O O   . TYR A 1 99  ? 1.799   -0.187  2.939   1.00 10.62 ? 95  TYR A O   1 
ATOM   752  C CB  . TYR A 1 99  ? 2.442   -0.671  5.790   1.00 11.06 ? 95  TYR A CB  1 
ATOM   753  C CG  . TYR A 1 99  ? 2.895   -1.559  6.856   1.00 10.79 ? 95  TYR A CG  1 
ATOM   754  C CD1 . TYR A 1 99  ? 2.169   -1.650  8.041   1.00 10.46 ? 95  TYR A CD1 1 
ATOM   755  C CD2 . TYR A 1 99  ? 4.034   -2.336  6.678   1.00 10.66 ? 95  TYR A CD2 1 
ATOM   756  C CE1 . TYR A 1 99  ? 2.560   -2.531  9.055   1.00 11.58 ? 95  TYR A CE1 1 
ATOM   757  C CE2 . TYR A 1 99  ? 4.472   -3.212  7.666   1.00 12.29 ? 95  TYR A CE2 1 
ATOM   758  C CZ  . TYR A 1 99  ? 3.720   -3.279  8.863   1.00 12.13 ? 95  TYR A CZ  1 
ATOM   759  O OH  . TYR A 1 99  ? 4.111   -4.133  9.828   1.00 12.89 ? 95  TYR A OH  1 
ATOM   760  N N   . CYS A 1 100 ? -0.052  0.411   4.041   1.00 10.99 ? 96  CYS A N   1 
ATOM   761  C CA  . CYS A 1 100 ? -0.279  1.608   3.248   1.00 10.48 ? 96  CYS A CA  1 
ATOM   762  C C   . CYS A 1 100 ? 0.114   2.794   4.092   1.00 10.38 ? 96  CYS A C   1 
ATOM   763  O O   . CYS A 1 100 ? 0.008   2.768   5.318   1.00 10.45 ? 96  CYS A O   1 
ATOM   764  C CB  . CYS A 1 100 ? -1.782  1.736   2.914   1.00 10.30 ? 96  CYS A CB  1 
ATOM   765  S SG  . CYS A 1 100 ? -2.759  1.661   4.411   1.00 11.19 ? 96  CYS A SG  1 
ATOM   766  N N   . ALA A 1 101 ? 0.485   3.888   3.442   1.00 10.34 ? 97  ALA A N   1 
ATOM   767  C CA  . ALA A 1 101 ? 0.775   5.085   4.182   1.00 10.19 ? 97  ALA A CA  1 
ATOM   768  C C   . ALA A 1 101 ? 0.428   6.271   3.307   1.00 10.42 ? 97  ALA A C   1 
ATOM   769  O O   . ALA A 1 101 ? 0.707   6.220   2.117   1.00 10.28 ? 97  ALA A O   1 
ATOM   770  C CB  . ALA A 1 101 ? 2.230   5.143   4.595   1.00 10.21 ? 97  ALA A CB  1 
ATOM   771  N N   . ALA A 1 102 ? -0.156  7.307   3.915   1.00 10.04 ? 98  ALA A N   1 
ATOM   772  C CA  . ALA A 1 102 ? -0.208  8.664   3.317   1.00 11.00 ? 98  ALA A CA  1 
ATOM   773  C C   . ALA A 1 102 ? 1.097   9.339   3.663   1.00 10.87 ? 98  ALA A C   1 
ATOM   774  O O   . ALA A 1 102 ? 1.625   9.177   4.779   1.00 11.39 ? 98  ALA A O   1 
ATOM   775  C CB  . ALA A 1 102 ? -1.386  9.468   3.847   1.00 11.11 ? 98  ALA A CB  1 
ATOM   776  N N   . GLY A 1 103 ? 1.636   10.103  2.713   1.00 11.39 ? 99  GLY A N   1 
ATOM   777  C CA  . GLY A 1 103 ? 2.897   10.740  2.964   1.00 11.32 ? 99  GLY A CA  1 
ATOM   778  C C   . GLY A 1 103 ? 2.905   12.016  2.157   1.00 11.83 ? 99  GLY A C   1 
ATOM   779  O O   . GLY A 1 103 ? 1.869   12.641  1.938   1.00 12.34 ? 99  GLY A O   1 
ATOM   780  N N   . THR A 1 104 ? 4.083   12.344  1.673   1.00 11.70 ? 100 THR A N   1 
ATOM   781  C CA  . THR A 1 104 ? 4.221   13.491  0.791   1.00 11.97 ? 100 THR A CA  1 
ATOM   782  C C   . THR A 1 104 ? 4.686   12.951  -0.561  1.00 11.75 ? 100 THR A C   1 
ATOM   783  O O   . THR A 1 104 ? 4.843   11.745  -0.742  1.00 11.94 ? 100 THR A O   1 
ATOM   784  C CB  . THR A 1 104 ? 5.237   14.435  1.353   1.00 11.82 ? 100 THR A CB  1 
ATOM   785  O OG1 . THR A 1 104 ? 6.523   13.835  1.239   1.00 11.59 ? 100 THR A OG1 1 
ATOM   786  C CG2 . THR A 1 104 ? 4.990   14.683  2.818   1.00 11.88 ? 100 THR A CG2 1 
ATOM   787  N N   . ARG A 1 105 ? 4.913   13.837  -1.519  1.00 11.79 ? 101 ARG A N   1 
ATOM   788  C CA  . ARG A 1 105 ? 5.344   13.372  -2.817  1.00 11.46 ? 101 ARG A CA  1 
ATOM   789  C C   . ARG A 1 105 ? 6.764   12.853  -2.700  1.00 11.30 ? 101 ARG A C   1 
ATOM   790  O O   . ARG A 1 105 ? 7.193   12.056  -3.526  1.00 11.61 ? 101 ARG A O   1 
ATOM   791  C CB  . ARG A 1 105 ? 5.302   14.528  -3.820  1.00 11.40 ? 101 ARG A CB  1 
ATOM   792  C CG  . ARG A 1 105 ? 6.377   15.529  -3.584  1.00 11.82 ? 101 ARG A CG  1 
ATOM   793  C CD  . ARG A 1 105 ? 6.071   16.850  -4.265  1.00 11.64 ? 101 ARG A CD  1 
ATOM   794  N NE  . ARG A 1 105 ? 5.851   16.596  -5.660  1.00 11.94 ? 101 ARG A NE  1 
ATOM   795  C CZ  . ARG A 1 105 ? 4.666   16.400  -6.233  1.00 12.26 ? 101 ARG A CZ  1 
ATOM   796  N NH1 . ARG A 1 105 ? 3.543   16.481  -5.535  1.00 12.07 ? 101 ARG A NH1 1 
ATOM   797  N NH2 . ARG A 1 105 ? 4.606   16.181  -7.540  1.00 13.30 ? 101 ARG A NH2 1 
ATOM   798  N N   . LYS A 1 106 ? 7.467   13.324  -1.670  1.00 11.05 ? 102 LYS A N   1 
ATOM   799  C CA  . LYS A 1 106 ? 8.913   13.090  -1.513  1.00 11.69 ? 102 LYS A CA  1 
ATOM   800  C C   . LYS A 1 106 ? 9.168   11.914  -0.591  1.00 11.46 ? 102 LYS A C   1 
ATOM   801  O O   . LYS A 1 106 ? 10.261  11.377  -0.554  1.00 11.17 ? 102 LYS A O   1 
ATOM   802  C CB  . LYS A 1 106 ? 9.574   14.294  -0.815  1.00 10.87 ? 102 LYS A CB  1 
ATOM   803  C CG  . LYS A 1 106 ? 9.710   15.504  -1.578  1.00 13.98 ? 102 LYS A CG  1 
ATOM   804  C CD  . LYS A 1 106 ? 10.327  16.599  -0.704  1.00 14.91 ? 102 LYS A CD  1 
ATOM   805  C CE  . LYS A 1 106 ? 11.624  16.102  -0.063  1.00 16.41 ? 102 LYS A CE  1 
ATOM   806  N NZ  . LYS A 1 106 ? 12.702  17.153  -0.136  1.00 17.95 ? 102 LYS A NZ  1 
ATOM   807  N N   . ASN A 1 107 ? 8.193   11.597  0.226   1.00 11.59 ? 103 ASN A N   1 
ATOM   808  C CA  . ASN A 1 107 ? 8.438   10.795  1.367   1.00 11.14 ? 103 ASN A CA  1 
ATOM   809  C C   . ASN A 1 107 ? 7.249   9.946   1.756   1.00 11.41 ? 103 ASN A C   1 
ATOM   810  O O   . ASN A 1 107 ? 6.089   10.373  1.672   1.00 10.34 ? 103 ASN A O   1 
ATOM   811  C CB  . ASN A 1 107 ? 8.788   11.717  2.512   1.00 11.27 ? 103 ASN A CB  1 
ATOM   812  C CG  . ASN A 1 107 ? 9.314   10.944  3.701   1.00 11.77 ? 103 ASN A CG  1 
ATOM   813  O OD1 . ASN A 1 107 ? 10.361  10.259  3.622   1.00 11.80 ? 103 ASN A OD1 1 
ATOM   814  N ND2 . ASN A 1 107 ? 8.635   11.058  4.787   1.00 11.39 ? 103 ASN A ND2 1 
ATOM   815  N N   . VAL A 1 108 ? 7.554   8.745   2.235   1.00 11.02 ? 104 VAL A N   1 
ATOM   816  C CA  . VAL A 1 108 ? 6.512   7.811   2.590   1.00 11.16 ? 104 VAL A CA  1 
ATOM   817  C C   . VAL A 1 108 ? 5.619   8.318   3.729   1.00 10.87 ? 104 VAL A C   1 
ATOM   818  O O   . VAL A 1 108 ? 4.476   7.982   3.772   1.00 11.01 ? 104 VAL A O   1 
ATOM   819  C CB  . VAL A 1 108 ? 7.149   6.436   3.025   1.00 10.94 ? 104 VAL A CB  1 
ATOM   820  C CG1 . VAL A 1 108 ? 8.018   6.676   4.236   1.00 11.45 ? 104 VAL A CG1 1 
ATOM   821  C CG2 . VAL A 1 108 ? 6.052   5.415   3.287   1.00 11.13 ? 104 VAL A CG2 1 
ATOM   822  N N   . TRP A 1 109 ? 6.167   9.117   4.636   1.00 10.98 ? 105 TRP A N   1 
ATOM   823  C CA  . TRP A 1 109 ? 5.379   9.565   5.800   1.00 10.63 ? 105 TRP A CA  1 
ATOM   824  C C   . TRP A 1 109 ? 5.050   11.039  5.649   1.00 10.86 ? 105 TRP A C   1 
ATOM   825  O O   . TRP A 1 109 ? 5.754   11.793  5.005   1.00 10.78 ? 105 TRP A O   1 
ATOM   826  C CB  . TRP A 1 109 ? 6.206   9.482   7.056   1.00 10.77 ? 105 TRP A CB  1 
ATOM   827  C CG  . TRP A 1 109 ? 6.812   8.147   7.338   1.00 10.81 ? 105 TRP A CG  1 
ATOM   828  C CD1 . TRP A 1 109 ? 8.094   7.898   7.663   1.00 11.15 ? 105 TRP A CD1 1 
ATOM   829  C CD2 . TRP A 1 109 ? 6.108   6.886   7.419   1.00 11.55 ? 105 TRP A CD2 1 
ATOM   830  N NE1 . TRP A 1 109 ? 8.262   6.541   7.907   1.00 10.69 ? 105 TRP A NE1 1 
ATOM   831  C CE2 . TRP A 1 109 ? 7.057   5.902   7.768   1.00 11.79 ? 105 TRP A CE2 1 
ATOM   832  C CE3 . TRP A 1 109 ? 4.784   6.510   7.197   1.00 11.43 ? 105 TRP A CE3 1 
ATOM   833  C CZ2 . TRP A 1 109 ? 6.712   4.529   7.952   1.00 10.58 ? 105 TRP A CZ2 1 
ATOM   834  C CZ3 . TRP A 1 109 ? 4.414   5.113   7.397   1.00 11.02 ? 105 TRP A CZ3 1 
ATOM   835  C CH2 . TRP A 1 109 ? 5.397   4.173   7.737   1.00 11.99 ? 105 TRP A CH2 1 
ATOM   836  N N   . THR A 1 110 ? 3.982   11.441  6.307   1.00 10.79 ? 106 THR A N   1 
ATOM   837  C CA  . THR A 1 110 ? 3.674   12.857  6.406   1.00 10.66 ? 106 THR A CA  1 
ATOM   838  C C   . THR A 1 110 ? 4.719   13.479  7.294   1.00 10.78 ? 106 THR A C   1 
ATOM   839  O O   . THR A 1 110 ? 5.436   12.796  8.035   1.00 11.19 ? 106 THR A O   1 
ATOM   840  C CB  . THR A 1 110 ? 2.302   13.037  7.071   1.00 10.09 ? 106 THR A CB  1 
ATOM   841  O OG1 . THR A 1 110 ? 2.325   12.422  8.376   1.00 10.84 ? 106 THR A OG1 1 
ATOM   842  C CG2 . THR A 1 110 ? 1.261   12.347  6.224   1.00 10.51 ? 106 THR A CG2 1 
ATOM   843  N N   . ARG A 1 111 ? 4.786   14.797  7.253   1.00 10.96 ? 107 ARG A N   1 
ATOM   844  C CA  . ARG A 1 111 ? 5.814   15.497  7.974   1.00 11.11 ? 107 ARG A CA  1 
ATOM   845  C C   . ARG A 1 111 ? 5.630   15.418  9.474   1.00 10.90 ? 107 ARG A C   1 
ATOM   846  O O   . ARG A 1 111 ? 6.605   15.302  10.223  1.00 10.96 ? 107 ARG A O   1 
ATOM   847  C CB  . ARG A 1 111 ? 5.920   16.933  7.464   1.00 11.37 ? 107 ARG A CB  1 
ATOM   848  C CG  . ARG A 1 111 ? 6.197   16.944  5.949   1.00 12.48 ? 107 ARG A CG  1 
ATOM   849  C CD  . ARG A 1 111 ? 6.311   18.378  5.404   1.00 14.35 ? 107 ARG A CD  1 
ATOM   850  N NE  . ARG A 1 111 ? 6.247   18.453  3.934   1.00 16.21 ? 107 ARG A NE  1 
ATOM   851  C CZ  . ARG A 1 111 ? 5.139   18.335  3.173   1.00 16.18 ? 107 ARG A CZ  1 
ATOM   852  N NH1 . ARG A 1 111 ? 3.951   18.102  3.711   1.00 15.48 ? 107 ARG A NH1 1 
ATOM   853  N NH2 . ARG A 1 111 ? 5.227   18.456  1.830   1.00 17.06 ? 107 ARG A NH2 1 
ATOM   854  N N   . GLN A 1 112 ? 4.386   15.425  9.924   1.00 11.14 ? 108 GLN A N   1 
ATOM   855  C CA  . GLN A 1 112 ? 4.119   15.196  11.346  1.00 11.11 ? 108 GLN A CA  1 
ATOM   856  C C   . GLN A 1 112 ? 2.938   14.273  11.538  1.00 10.81 ? 108 GLN A C   1 
ATOM   857  O O   . GLN A 1 112 ? 2.144   14.076  10.617  1.00 9.98  ? 108 GLN A O   1 
ATOM   858  C CB  . GLN A 1 112 ? 3.878   16.507  12.079  1.00 11.47 ? 108 GLN A CB  1 
ATOM   859  C CG  . GLN A 1 112 ? 2.780   17.295  11.376  1.00 13.58 ? 108 GLN A CG  1 
ATOM   860  C CD  . GLN A 1 112 ? 3.136   18.739  11.115  1.00 15.23 ? 108 GLN A CD  1 
ATOM   861  O OE1 . GLN A 1 112 ? 3.441   19.116  9.988   1.00 16.42 ? 108 GLN A OE1 1 
ATOM   862  N NE2 . GLN A 1 112 ? 3.043   19.563  12.143  1.00 14.02 ? 108 GLN A NE2 1 
ATOM   863  N N   . HIS A 1 113 ? 2.837   13.733  12.754  1.00 10.71 ? 109 HIS A N   1 
ATOM   864  C CA  . HIS A 1 113 ? 1.813   12.747  13.107  1.00 10.43 ? 109 HIS A CA  1 
ATOM   865  C C   . HIS A 1 113 ? 1.744   11.684  12.053  1.00 10.49 ? 109 HIS A C   1 
ATOM   866  O O   . HIS A 1 113 ? 0.661   11.290  11.631  1.00 10.37 ? 109 HIS A O   1 
ATOM   867  C CB  . HIS A 1 113 ? 0.474   13.440  13.227  1.00 10.04 ? 109 HIS A CB  1 
ATOM   868  C CG  . HIS A 1 113 ? 0.586   14.805  13.777  1.00 10.61 ? 109 HIS A CG  1 
ATOM   869  N ND1 . HIS A 1 113 ? 1.080   15.053  15.039  1.00 9.99  ? 109 HIS A ND1 1 
ATOM   870  C CD2 . HIS A 1 113 ? 0.321   16.007  13.220  1.00 9.32  ? 109 HIS A CD2 1 
ATOM   871  C CE1 . HIS A 1 113 ? 1.094   16.350  15.237  1.00 10.23 ? 109 HIS A CE1 1 
ATOM   872  N NE2 . HIS A 1 113 ? 0.655   16.954  14.144  1.00 10.20 ? 109 HIS A NE2 1 
ATOM   873  N N   . PRO A 1 114 ? 2.917   11.188  11.609  1.00 10.66 ? 110 PRO A N   1 
ATOM   874  C CA  . PRO A 1 114 ? 2.865   10.220  10.534  1.00 10.37 ? 110 PRO A CA  1 
ATOM   875  C C   . PRO A 1 114 ? 2.112   8.932   10.881  1.00 10.27 ? 110 PRO A C   1 
ATOM   876  O O   . PRO A 1 114 ? 1.607   8.306   9.983   1.00 10.27 ? 110 PRO A O   1 
ATOM   877  C CB  . PRO A 1 114 ? 4.344   9.883   10.314  1.00 10.27 ? 110 PRO A CB  1 
ATOM   878  C CG  . PRO A 1 114 ? 4.969   10.165  11.683  1.00 10.43 ? 110 PRO A CG  1 
ATOM   879  C CD  . PRO A 1 114 ? 4.301   11.426  12.064  1.00 10.72 ? 110 PRO A CD  1 
ATOM   880  N N   . PHE A 1 115 ? 2.070   8.527   12.153  1.00 10.32 ? 111 PHE A N   1 
ATOM   881  C CA  . PHE A 1 115 ? 1.429   7.279   12.547  1.00 10.41 ? 111 PHE A CA  1 
ATOM   882  C C   . PHE A 1 115 ? -0.057  7.355   12.229  1.00 11.03 ? 111 PHE A C   1 
ATOM   883  O O   . PHE A 1 115 ? -0.710  6.344   11.998  1.00 11.38 ? 111 PHE A O   1 
ATOM   884  C CB  . PHE A 1 115 ? 1.582   7.019   14.048  1.00 10.66 ? 111 PHE A CB  1 
ATOM   885  C CG  . PHE A 1 115 ? 2.863   6.358   14.449  1.00 10.12 ? 111 PHE A CG  1 
ATOM   886  C CD1 . PHE A 1 115 ? 3.974   6.327   13.589  1.00 9.00  ? 111 PHE A CD1 1 
ATOM   887  C CD2 . PHE A 1 115 ? 2.959   5.790   15.718  1.00 11.08 ? 111 PHE A CD2 1 
ATOM   888  C CE1 . PHE A 1 115 ? 5.120   5.708   13.996  1.00 9.47  ? 111 PHE A CE1 1 
ATOM   889  C CE2 . PHE A 1 115 ? 4.119   5.135   16.100  1.00 10.82 ? 111 PHE A CE2 1 
ATOM   890  C CZ  . PHE A 1 115 ? 5.216   5.152   15.231  1.00 10.10 ? 111 PHE A CZ  1 
ATOM   891  N N   . ASP A 1 116 ? -0.590  8.561   12.223  1.00 11.04 ? 112 ASP A N   1 
ATOM   892  C CA  . ASP A 1 116 ? -1.997  8.767   11.884  1.00 11.55 ? 112 ASP A CA  1 
ATOM   893  C C   . ASP A 1 116 ? -2.349  8.425   10.417  1.00 11.18 ? 112 ASP A C   1 
ATOM   894  O O   . ASP A 1 116 ? -3.532  8.303   10.073  1.00 11.36 ? 112 ASP A O   1 
ATOM   895  C CB  . ASP A 1 116 ? -2.435  10.205  12.230  1.00 10.93 ? 112 ASP A CB  1 
ATOM   896  C CG  . ASP A 1 116 ? -2.354  10.502  13.707  1.00 10.97 ? 112 ASP A CG  1 
ATOM   897  O OD1 . ASP A 1 116 ? -1.963  9.647   14.510  1.00 13.45 ? 112 ASP A OD1 1 
ATOM   898  O OD2 . ASP A 1 116 ? -2.679  11.615  14.083  1.00 12.49 ? 112 ASP A OD2 1 
ATOM   899  N N   . TYR A 1 117 ? -1.349  8.273   9.547   1.00 10.77 ? 113 TYR A N   1 
ATOM   900  C CA  . TYR A 1 117 ? -1.670  8.032   8.168   1.00 10.54 ? 113 TYR A CA  1 
ATOM   901  C C   . TYR A 1 117 ? -1.038  6.702   7.755   1.00 10.39 ? 113 TYR A C   1 
ATOM   902  O O   . TYR A 1 117 ? -0.608  6.547   6.638   1.00 10.77 ? 113 TYR A O   1 
ATOM   903  C CB  . TYR A 1 117 ? -1.089  9.151   7.291   1.00 10.52 ? 113 TYR A CB  1 
ATOM   904  C CG  . TYR A 1 117 ? -1.455  10.532  7.768   1.00 10.58 ? 113 TYR A CG  1 
ATOM   905  C CD1 . TYR A 1 117 ? -2.514  11.222  7.209   1.00 11.77 ? 113 TYR A CD1 1 
ATOM   906  C CD2 . TYR A 1 117 ? -0.713  11.143  8.757   1.00 11.48 ? 113 TYR A CD2 1 
ATOM   907  C CE1 . TYR A 1 117 ? -2.842  12.513  7.646   1.00 11.71 ? 113 TYR A CE1 1 
ATOM   908  C CE2 . TYR A 1 117 ? -0.999  12.425  9.198   1.00 10.70 ? 113 TYR A CE2 1 
ATOM   909  C CZ  . TYR A 1 117 ? -2.067  13.102  8.650   1.00 11.36 ? 113 TYR A CZ  1 
ATOM   910  O OH  . TYR A 1 117 ? -2.331  14.367  9.111   1.00 12.39 ? 113 TYR A OH  1 
ATOM   911  N N   . TRP A 1 118 ? -0.920  5.782   8.695   1.00 10.52 ? 114 TRP A N   1 
ATOM   912  C CA  . TRP A 1 118 ? -0.173  4.569   8.434   1.00 10.73 ? 114 TRP A CA  1 
ATOM   913  C C   . TRP A 1 118 ? -1.125  3.451   8.772   1.00 11.05 ? 114 TRP A C   1 
ATOM   914  O O   . TRP A 1 118 ? -1.572  3.338   9.913   1.00 10.62 ? 114 TRP A O   1 
ATOM   915  C CB  . TRP A 1 118 ? 1.089   4.597   9.298   1.00 11.07 ? 114 TRP A CB  1 
ATOM   916  C CG  . TRP A 1 118 ? 1.982   3.472   9.178   1.00 10.98 ? 114 TRP A CG  1 
ATOM   917  C CD1 . TRP A 1 118 ? 1.980   2.512   8.189   1.00 10.95 ? 114 TRP A CD1 1 
ATOM   918  C CD2 . TRP A 1 118 ? 3.038   3.140   10.069  1.00 10.68 ? 114 TRP A CD2 1 
ATOM   919  N NE1 . TRP A 1 118 ? 2.970   1.612   8.417   1.00 10.86 ? 114 TRP A NE1 1 
ATOM   920  C CE2 . TRP A 1 118 ? 3.631   1.948   9.575   1.00 10.93 ? 114 TRP A CE2 1 
ATOM   921  C CE3 . TRP A 1 118 ? 3.557   3.736   11.235  1.00 11.20 ? 114 TRP A CE3 1 
ATOM   922  C CZ2 . TRP A 1 118 ? 4.690   1.323   10.213  1.00 10.69 ? 114 TRP A CZ2 1 
ATOM   923  C CZ3 . TRP A 1 118 ? 4.619   3.115   11.864  1.00 11.26 ? 114 TRP A CZ3 1 
ATOM   924  C CH2 . TRP A 1 118 ? 5.167   1.938   11.368  1.00 11.42 ? 114 TRP A CH2 1 
ATOM   925  N N   . GLY A 1 119 ? -1.459  2.640   7.766   1.00 11.06 ? 115 GLY A N   1 
ATOM   926  C CA  . GLY A 1 119 ? -2.232  1.415   7.988   1.00 11.14 ? 115 GLY A CA  1 
ATOM   927  C C   . GLY A 1 119 ? -1.550  0.509   8.984   1.00 11.14 ? 115 GLY A C   1 
ATOM   928  O O   . GLY A 1 119 ? -0.336  0.520   9.128   1.00 11.03 ? 115 GLY A O   1 
ATOM   929  N N   . GLN A 1 120 ? -2.344  -0.274  9.707   1.00 11.09 ? 116 GLN A N   1 
ATOM   930  C CA  . GLN A 1 120 ? -1.853  -1.140  10.748  1.00 11.82 ? 116 GLN A CA  1 
ATOM   931  C C   . GLN A 1 120 ? -1.015  -2.271  10.138  1.00 11.47 ? 116 GLN A C   1 
ATOM   932  O O   . GLN A 1 120 ? -0.236  -2.899  10.843  1.00 12.07 ? 116 GLN A O   1 
ATOM   933  C CB  . GLN A 1 120 ? -3.033  -1.709  11.602  1.00 12.05 ? 116 GLN A CB  1 
ATOM   934  C CG  . GLN A 1 120 ? -3.839  -0.533  12.268  1.00 13.46 ? 116 GLN A CG  1 
ATOM   935  C CD  . GLN A 1 120 ? -5.334  -0.884  12.629  1.00 15.19 ? 116 GLN A CD  1 
ATOM   936  O OE1 . GLN A 1 120 ? -5.875  -1.913  12.161  1.00 14.86 ? 116 GLN A OE1 1 
ATOM   937  N NE2 . GLN A 1 120 ? -5.989  -0.028  13.484  1.00 15.41 ? 116 GLN A NE2 1 
ATOM   938  N N   . GLY A 1 121 ? -1.177  -2.526  8.845   1.00 11.33 ? 117 GLY A N   1 
ATOM   939  C CA  . GLY A 1 121 ? -0.418  -3.605  8.208   1.00 10.71 ? 117 GLY A CA  1 
ATOM   940  C C   . GLY A 1 121 ? -1.234  -4.864  8.100   1.00 10.93 ? 117 GLY A C   1 
ATOM   941  O O   . GLY A 1 121 ? -2.026  -5.215  8.983   1.00 10.90 ? 117 GLY A O   1 
ATOM   942  N N   . THR A 1 122 ? -1.054  -5.542  6.987   1.00 10.81 ? 118 THR A N   1 
ATOM   943  C CA  . THR A 1 122 ? -1.667  -6.839  6.866   1.00 11.34 ? 118 THR A CA  1 
ATOM   944  C C   . THR A 1 122 ? -0.653  -7.806  6.306   1.00 11.23 ? 118 THR A C   1 
ATOM   945  O O   . THR A 1 122 ? 0.198   -7.443  5.490   1.00 11.83 ? 118 THR A O   1 
ATOM   946  C CB  . THR A 1 122 ? -2.946  -6.774  6.045   1.00 11.20 ? 118 THR A CB  1 
ATOM   947  O OG1 . THR A 1 122 ? -3.610  -8.029  6.189   1.00 10.26 ? 118 THR A OG1 1 
ATOM   948  C CG2 . THR A 1 122 ? -2.653  -6.493  4.548   1.00 10.88 ? 118 THR A CG2 1 
ATOM   949  N N   . GLN A 1 123 ? -0.732  -9.048  6.767   1.00 10.89 ? 119 GLN A N   1 
ATOM   950  C CA  . GLN A 1 123 ? 0.150   -10.065 6.295   1.00 11.21 ? 119 GLN A CA  1 
ATOM   951  C C   . GLN A 1 123 ? -0.368  -10.551 4.959   1.00 11.19 ? 119 GLN A C   1 
ATOM   952  O O   . GLN A 1 123 ? -1.567  -10.875 4.776   1.00 11.28 ? 119 GLN A O   1 
ATOM   953  C CB  . GLN A 1 123 ? 0.187   -11.216 7.301   1.00 11.10 ? 119 GLN A CB  1 
ATOM   954  C CG  . GLN A 1 123 ? 1.127   -12.349 6.897   1.00 11.24 ? 119 GLN A CG  1 
ATOM   955  C CD  . GLN A 1 123 ? 2.599   -11.946 6.899   1.00 12.06 ? 119 GLN A CD  1 
ATOM   956  O OE1 . GLN A 1 123 ? 3.062   -11.266 7.810   1.00 12.15 ? 119 GLN A OE1 1 
ATOM   957  N NE2 . GLN A 1 123 ? 3.360   -12.445 5.918   1.00 10.99 ? 119 GLN A NE2 1 
ATOM   958  N N   . VAL A 1 124 ? 0.555   -10.616 4.024   1.00 10.80 ? 120 VAL A N   1 
ATOM   959  C CA  . VAL A 1 124 ? 0.327   -11.287 2.775   1.00 11.01 ? 120 VAL A CA  1 
ATOM   960  C C   . VAL A 1 124 ? 1.382   -12.399 2.743   1.00 10.72 ? 120 VAL A C   1 
ATOM   961  O O   . VAL A 1 124 ? 2.594   -12.134 2.832   1.00 10.98 ? 120 VAL A O   1 
ATOM   962  C CB  . VAL A 1 124 ? 0.558   -10.309 1.571   1.00 10.55 ? 120 VAL A CB  1 
ATOM   963  C CG1 . VAL A 1 124 ? 0.566   -11.055 0.224   1.00 10.92 ? 120 VAL A CG1 1 
ATOM   964  C CG2 . VAL A 1 124 ? -0.530  -9.247  1.536   1.00 11.46 ? 120 VAL A CG2 1 
ATOM   965  N N   . THR A 1 125 ? 0.924   -13.633 2.581   1.00 10.18 ? 121 THR A N   1 
ATOM   966  C CA  . THR A 1 125 ? 1.829   -14.734 2.512   1.00 10.92 ? 121 THR A CA  1 
ATOM   967  C C   . THR A 1 125 ? 1.507   -15.498 1.252   1.00 10.87 ? 121 THR A C   1 
ATOM   968  O O   . THR A 1 125 ? 0.331   -15.747 0.900   1.00 10.66 ? 121 THR A O   1 
ATOM   969  C CB  . THR A 1 125 ? 1.692   -15.628 3.751   1.00 11.12 ? 121 THR A CB  1 
ATOM   970  O OG1 . THR A 1 125 ? 2.019   -14.846 4.921   1.00 11.83 ? 121 THR A OG1 1 
ATOM   971  C CG2 . THR A 1 125 ? 2.595   -16.916 3.640   1.00 10.90 ? 121 THR A CG2 1 
ATOM   972  N N   . VAL A 1 126 ? 2.564   -15.799 0.514   1.00 10.95 ? 122 VAL A N   1 
ATOM   973  C CA  . VAL A 1 126 ? 2.429   -16.585 -0.694  1.00 11.05 ? 122 VAL A CA  1 
ATOM   974  C C   . VAL A 1 126 ? 3.186   -17.853 -0.384  1.00 11.57 ? 122 VAL A C   1 
ATOM   975  O O   . VAL A 1 126 ? 4.391   -17.821 -0.119  1.00 11.31 ? 122 VAL A O   1 
ATOM   976  C CB  . VAL A 1 126 ? 2.979   -15.850 -1.914  1.00 10.85 ? 122 VAL A CB  1 
ATOM   977  C CG1 . VAL A 1 126 ? 2.752   -16.691 -3.157  1.00 11.09 ? 122 VAL A CG1 1 
ATOM   978  C CG2 . VAL A 1 126 ? 2.307   -14.469 -2.038  1.00 10.86 ? 122 VAL A CG2 1 
ATOM   979  N N   . SER A 1 127 ? 2.459   -18.960 -0.359  1.00 12.47 ? 123 SER A N   1 
ATOM   980  C CA  . SER A 1 127 ? 3.011   -20.218 0.105   1.00 13.86 ? 123 SER A CA  1 
ATOM   981  C C   . SER A 1 127 ? 3.996   -20.686 -0.936  1.00 14.68 ? 123 SER A C   1 
ATOM   982  O O   . SER A 1 127 ? 3.801   -20.418 -2.113  1.00 14.82 ? 123 SER A O   1 
ATOM   983  C CB  . SER A 1 127 ? 1.910   -21.241 0.186   1.00 13.88 ? 123 SER A CB  1 
ATOM   984  O OG  . SER A 1 127 ? 1.405   -21.353 -1.124  1.00 15.17 ? 123 SER A OG  1 
ATOM   985  N N   . SER A 1 128 ? 5.042   -21.393 -0.516  1.00 15.55 ? 124 SER A N   1 
ATOM   986  C CA  . SER A 1 128 ? 6.114   -21.769 -1.448  1.00 16.41 ? 124 SER A CA  1 
ATOM   987  C C   . SER A 1 128 ? 5.817   -23.100 -2.137  1.00 16.50 ? 124 SER A C   1 
ATOM   988  O O   . SER A 1 128 ? 4.748   -23.271 -2.733  1.00 16.77 ? 124 SER A O   1 
ATOM   989  C CB  . SER A 1 128 ? 7.438   -21.855 -0.706  1.00 16.68 ? 124 SER A CB  1 
ATOM   990  O OG  . SER A 1 128 ? 7.377   -22.904 0.255   1.00 18.29 ? 124 SER A OG  1 
HETATM 991  C CAC . FLC B 2 .   ? -0.383  17.597  -11.143 1.00 13.59 ? 136 FLC A CAC 1 
HETATM 992  C CA  . FLC B 2 .   ? -1.281  16.521  -10.534 1.00 13.48 ? 136 FLC A CA  1 
HETATM 993  C CB  . FLC B 2 .   ? -0.616  15.955  -9.275  1.00 13.40 ? 136 FLC A CB  1 
HETATM 994  C CBC . FLC B 2 .   ? -1.365  14.709  -8.898  1.00 12.75 ? 136 FLC A CBC 1 
HETATM 995  C CG  . FLC B 2 .   ? 0.836   15.549  -9.496  1.00 13.73 ? 136 FLC A CG  1 
HETATM 996  C CGC . FLC B 2 .   ? 1.565   15.060  -8.256  1.00 14.02 ? 136 FLC A CGC 1 
HETATM 997  O OA1 . FLC B 2 .   ? 0.615   17.263  -11.815 1.00 14.92 ? 136 FLC A OA1 1 
HETATM 998  O OA2 . FLC B 2 .   ? -0.674  18.769  -10.929 1.00 12.71 ? 136 FLC A OA2 1 
HETATM 999  O OB1 . FLC B 2 .   ? -1.379  13.736  -9.666  1.00 12.83 ? 136 FLC A OB1 1 
HETATM 1000 O OB2 . FLC B 2 .   ? -1.953  14.722  -7.818  1.00 12.16 ? 136 FLC A OB2 1 
HETATM 1001 O OG1 . FLC B 2 .   ? 2.502   14.275  -8.429  1.00 13.98 ? 136 FLC A OG1 1 
HETATM 1002 O OG2 . FLC B 2 .   ? 1.256   15.447  -7.114  1.00 14.11 ? 136 FLC A OG2 1 
HETATM 1003 O OHB . FLC B 2 .   ? -0.646  16.966  -8.243  1.00 13.47 ? 136 FLC A OHB 1 
HETATM 1004 C C1  . GOL C 3 .   ? -3.771  15.898  6.546   1.00 14.41 ? 137 GOL A C1  1 
HETATM 1005 O O1  . GOL C 3 .   ? -3.823  16.210  7.910   1.00 13.84 ? 137 GOL A O1  1 
HETATM 1006 C C2  . GOL C 3 .   ? -4.867  16.730  5.922   1.00 14.25 ? 137 GOL A C2  1 
HETATM 1007 O O2  . GOL C 3 .   ? -6.078  16.502  6.632   1.00 15.62 ? 137 GOL A O2  1 
HETATM 1008 C C3  . GOL C 3 .   ? -5.023  16.481  4.428   1.00 12.97 ? 137 GOL A C3  1 
HETATM 1009 O O3  . GOL C 3 .   ? -4.149  15.493  3.984   1.00 10.81 ? 137 GOL A O3  1 
HETATM 1010 C C1  . GOL D 3 .   ? 10.427  7.505   1.791   1.00 10.57 ? 138 GOL A C1  1 
HETATM 1011 O O1  . GOL D 3 .   ? 9.799   7.427   0.533   1.00 11.43 ? 138 GOL A O1  1 
HETATM 1012 C C2  . GOL D 3 .   ? 11.632  6.573   1.723   1.00 12.02 ? 138 GOL A C2  1 
HETATM 1013 O O2  . GOL D 3 .   ? 12.716  7.449   1.531   1.00 12.28 ? 138 GOL A O2  1 
HETATM 1014 C C3  . GOL D 3 .   ? 11.790  5.708   3.004   1.00 10.24 ? 138 GOL A C3  1 
HETATM 1015 O O3  . GOL D 3 .   ? 13.007  5.919   3.719   1.00 9.04  ? 138 GOL A O3  1 
HETATM 1016 C C1  . GOL E 3 .   ? 1.349   17.348  7.667   1.00 12.08 ? 139 GOL A C1  1 
HETATM 1017 O O1  . GOL E 3 .   ? 2.473   16.750  8.249   1.00 11.24 ? 139 GOL A O1  1 
HETATM 1018 C C2  . GOL E 3 .   ? 1.873   17.725  6.355   1.00 12.70 ? 139 GOL A C2  1 
HETATM 1019 O O2  . GOL E 3 .   ? 2.753   18.788  6.652   1.00 14.47 ? 139 GOL A O2  1 
HETATM 1020 C C3  . GOL E 3 .   ? 2.751   16.533  6.129   1.00 12.63 ? 139 GOL A C3  1 
HETATM 1021 O O3  . GOL E 3 .   ? 2.876   16.380  4.755   1.00 13.76 ? 139 GOL A O3  1 
HETATM 1022 S S   . SO4 F 4 .   ? 8.468   14.946  -8.128  0.33 25.42 ? 140 SO4 A S   1 
HETATM 1023 O O1  . SO4 F 4 .   ? 7.407   15.714  -8.768  0.33 27.02 ? 140 SO4 A O1  1 
HETATM 1024 O O2  . SO4 F 4 .   ? 8.591   15.372  -6.740  0.33 27.10 ? 140 SO4 A O2  1 
HETATM 1025 O O3  . SO4 F 4 .   ? 8.141   13.526  -8.131  0.33 25.13 ? 140 SO4 A O3  1 
HETATM 1026 O O4  . SO4 F 4 .   ? 9.723   15.156  -8.840  0.33 26.77 ? 140 SO4 A O4  1 
HETATM 1027 O O   . HOH G 5 .   ? 13.537  -6.455  1.090   1.00 14.36 ? 141 HOH A O   1 
HETATM 1028 O O   . HOH G 5 .   ? 3.265   7.445   1.578   1.00 7.02  ? 142 HOH A O   1 
HETATM 1029 O O   . HOH G 5 .   ? -9.112  0.481   -8.255  1.00 16.57 ? 143 HOH A O   1 
HETATM 1030 O O   . HOH G 5 .   ? 0.529   14.831  -12.285 1.00 12.63 ? 144 HOH A O   1 
HETATM 1031 O O   . HOH G 5 .   ? -9.617  -7.186  -6.958  1.00 14.05 ? 145 HOH A O   1 
HETATM 1032 O O   . HOH G 5 .   ? 2.986   3.975   -13.372 1.00 13.40 ? 146 HOH A O   1 
HETATM 1033 O O   . HOH G 5 .   ? -10.562 -7.228  1.397   1.00 16.85 ? 147 HOH A O   1 
HETATM 1034 O O   . HOH G 5 .   ? 7.755   17.443  1.916   1.00 15.70 ? 148 HOH A O   1 
HETATM 1035 O O   . HOH G 5 .   ? 2.638   9.025   7.384   1.00 6.57  ? 149 HOH A O   1 
HETATM 1036 O O   . HOH G 5 .   ? -5.579  -16.097 -5.287  1.00 14.45 ? 150 HOH A O   1 
HETATM 1037 O O   . HOH G 5 .   ? 0.741   22.351  12.334  1.00 20.85 ? 151 HOH A O   1 
HETATM 1038 O O   . HOH G 5 .   ? 1.092   -15.884 7.085   1.00 7.41  ? 152 HOH A O   1 
HETATM 1039 O O   . HOH G 5 .   ? 11.591  -14.668 -0.870  1.00 19.44 ? 153 HOH A O   1 
HETATM 1040 O O   . HOH G 5 .   ? -10.369 12.744  -0.530  1.00 16.46 ? 154 HOH A O   1 
HETATM 1041 O O   . HOH G 5 .   ? 5.318   6.837   -13.301 1.00 11.66 ? 155 HOH A O   1 
HETATM 1042 O O   . HOH G 5 .   ? 14.411  -2.330  0.430   1.00 12.83 ? 156 HOH A O   1 
HETATM 1043 O O   . HOH G 5 .   ? -5.915  -11.297 -11.397 1.00 18.68 ? 157 HOH A O   1 
HETATM 1044 O O   . HOH G 5 .   ? 11.996  0.616   -13.982 1.00 20.70 ? 158 HOH A O   1 
HETATM 1045 O O   . HOH G 5 .   ? -11.171 5.024   8.345   1.00 15.44 ? 159 HOH A O   1 
HETATM 1046 O O   . HOH G 5 .   ? 10.966  -6.862  3.657   1.00 8.24  ? 160 HOH A O   1 
HETATM 1047 O O   . HOH G 5 .   ? 11.532  3.015   -13.934 1.00 17.13 ? 161 HOH A O   1 
HETATM 1048 O O   . HOH G 5 .   ? -5.665  19.640  7.041   1.00 19.58 ? 162 HOH A O   1 
HETATM 1049 O O   . HOH G 5 .   ? -6.804  -15.451 -8.094  1.00 19.19 ? 163 HOH A O   1 
HETATM 1050 O O   . HOH G 5 .   ? -3.107  19.616  6.026   1.00 18.20 ? 164 HOH A O   1 
HETATM 1051 O O   . HOH G 5 .   ? -3.666  -11.790 -13.099 1.00 18.51 ? 165 HOH A O   1 
HETATM 1052 O O   . HOH G 5 .   ? -1.458  18.270  9.527   1.00 16.10 ? 166 HOH A O   1 
HETATM 1053 O O   . HOH G 5 .   ? -4.010  -10.305 -15.195 1.00 19.83 ? 167 HOH A O   1 
HETATM 1054 O O   . HOH G 5 .   ? -2.048  -9.078  -15.994 1.00 20.28 ? 168 HOH A O   1 
HETATM 1055 O O   . HOH G 5 .   ? 6.084   -12.108 6.248   1.00 8.16  ? 169 HOH A O   1 
HETATM 1056 O O   . HOH G 5 .   ? 8.178   -9.518  0.520   1.00 9.50  ? 170 HOH A O   1 
HETATM 1057 O O   . HOH G 5 .   ? 7.394   11.698  9.399   1.00 7.77  ? 171 HOH A O   1 
HETATM 1058 O O   . HOH G 5 .   ? 7.235   -8.705  8.718   1.00 10.27 ? 172 HOH A O   1 
HETATM 1059 O O   . HOH G 5 .   ? 8.009   -2.568  9.276   1.00 10.41 ? 173 HOH A O   1 
HETATM 1060 O O   . HOH G 5 .   ? -5.060  -0.072  9.726   1.00 9.44  ? 174 HOH A O   1 
HETATM 1061 O O   . HOH G 5 .   ? 8.353   15.054  2.728   1.00 9.49  ? 175 HOH A O   1 
HETATM 1062 O O   . HOH G 5 .   ? -2.058  -5.785  11.587  1.00 8.15  ? 176 HOH A O   1 
HETATM 1063 O O   . HOH G 5 .   ? 0.403   -9.414  11.747  1.00 10.51 ? 177 HOH A O   1 
HETATM 1064 O O   . HOH G 5 .   ? -10.099 8.917   -6.962  1.00 13.14 ? 178 HOH A O   1 
HETATM 1065 O O   . HOH G 5 .   ? 5.534   -11.244 8.687   1.00 9.38  ? 179 HOH A O   1 
HETATM 1066 O O   . HOH G 5 .   ? 10.472  5.055   8.864   1.00 8.25  ? 180 HOH A O   1 
HETATM 1067 O O   . HOH G 5 .   ? 13.109  -8.879  9.847   1.00 10.42 ? 181 HOH A O   1 
HETATM 1068 O O   . HOH G 5 .   ? -2.044  -5.545  -10.703 1.00 9.11  ? 182 HOH A O   1 
HETATM 1069 O O   . HOH G 5 .   ? -5.232  -1.093  -7.580  1.00 10.88 ? 183 HOH A O   1 
HETATM 1070 O O   . HOH G 5 .   ? 5.920   -1.797  10.909  0.50 11.29 ? 184 HOH A O   1 
HETATM 1071 O O   . HOH G 5 .   ? -3.606  4.955   10.883  1.00 9.48  ? 185 HOH A O   1 
HETATM 1072 O O   . HOH G 5 .   ? -3.139  -9.691  8.234   1.00 9.42  ? 186 HOH A O   1 
HETATM 1073 O O   . HOH G 5 .   ? 11.938  0.864   -0.556  1.00 10.42 ? 187 HOH A O   1 
HETATM 1074 O O   . HOH G 5 .   ? 6.927   -5.053  9.659   1.00 10.45 ? 188 HOH A O   1 
HETATM 1075 O O   . HOH G 5 .   ? 9.835   -7.718  1.320   1.00 12.32 ? 189 HOH A O   1 
HETATM 1076 O O   . HOH G 5 .   ? -6.816  -8.993  0.307   1.00 8.49  ? 190 HOH A O   1 
HETATM 1077 O O   . HOH G 5 .   ? -12.133 11.667  5.879   1.00 18.55 ? 191 HOH A O   1 
HETATM 1078 O O   . HOH G 5 .   ? -0.036  15.952  10.086  1.00 12.73 ? 192 HOH A O   1 
HETATM 1079 O O   . HOH G 5 .   ? -2.886  -13.323 -10.240 1.00 10.76 ? 193 HOH A O   1 
HETATM 1080 O O   . HOH G 5 .   ? -7.318  -13.381 1.833   1.00 10.14 ? 194 HOH A O   1 
HETATM 1081 O O   . HOH G 5 .   ? 13.226  -4.013  7.691   1.00 11.22 ? 195 HOH A O   1 
HETATM 1082 O O   . HOH G 5 .   ? -10.257 -0.146  3.438   1.00 10.74 ? 196 HOH A O   1 
HETATM 1083 O O   . HOH G 5 .   ? -1.100  -7.449  -12.875 1.00 17.92 ? 197 HOH A O   1 
HETATM 1084 O O   . HOH G 5 .   ? 11.425  0.426   -3.512  1.00 11.08 ? 198 HOH A O   1 
HETATM 1085 O O   . HOH G 5 .   ? -6.141  5.631   -9.089  1.00 10.62 ? 199 HOH A O   1 
HETATM 1086 O O   . HOH G 5 .   ? 10.253  -14.768 7.909   1.00 8.60  ? 200 HOH A O   1 
HETATM 1087 O O   . HOH G 5 .   ? 12.662  -0.489  -8.150  1.00 13.11 ? 201 HOH A O   1 
HETATM 1088 O O   . HOH G 5 .   ? -0.536  4.081   13.236  1.00 10.80 ? 202 HOH A O   1 
HETATM 1089 O O   . HOH G 5 .   ? 12.482  -4.016  -7.065  1.00 12.13 ? 203 HOH A O   1 
HETATM 1090 O O   . HOH G 5 .   ? 5.842   12.598  -7.917  1.00 12.45 ? 204 HOH A O   1 
HETATM 1091 O O   . HOH G 5 .   ? 1.240   14.234  0.070   1.00 10.42 ? 205 HOH A O   1 
HETATM 1092 O O   . HOH G 5 .   ? 2.149   -4.756  11.309  1.00 22.00 ? 206 HOH A O   1 
HETATM 1093 O O   . HOH G 5 .   ? 8.582   -9.172  -5.222  1.00 10.21 ? 207 HOH A O   1 
HETATM 1094 O O   . HOH G 5 .   ? 11.614  -7.186  -0.474  1.00 13.23 ? 208 HOH A O   1 
HETATM 1095 O O   . HOH G 5 .   ? 5.022   13.821  14.939  1.00 10.51 ? 209 HOH A O   1 
HETATM 1096 O O   . HOH G 5 .   ? -0.621  2.103   -12.382 1.00 12.00 ? 210 HOH A O   1 
HETATM 1097 O O   . HOH G 5 .   ? 7.818   16.780  12.442  1.00 9.20  ? 211 HOH A O   1 
HETATM 1098 O O   . HOH G 5 .   ? -4.423  2.422   11.604  1.00 11.72 ? 212 HOH A O   1 
HETATM 1099 O O   . HOH G 5 .   ? -5.473  -3.171  14.860  1.00 15.84 ? 213 HOH A O   1 
HETATM 1100 O O   . HOH G 5 .   ? 11.395  -10.063 -1.439  1.00 12.95 ? 214 HOH A O   1 
HETATM 1101 O O   . HOH G 5 .   ? 9.073   -12.930 2.074   1.00 14.07 ? 215 HOH A O   1 
HETATM 1102 O O   . HOH G 5 .   ? -8.386  -3.903  -8.333  1.00 14.43 ? 216 HOH A O   1 
HETATM 1103 O O   . HOH G 5 .   ? 16.721  -7.460  2.932   1.00 14.56 ? 217 HOH A O   1 
HETATM 1104 O O   . HOH G 5 .   ? 7.722   -9.094  -11.327 1.00 11.80 ? 218 HOH A O   1 
HETATM 1105 O O   . HOH G 5 .   ? -3.969  6.276   13.054  1.00 12.27 ? 219 HOH A O   1 
HETATM 1106 O O   . HOH G 5 .   ? -7.918  4.069   -10.954 1.00 14.30 ? 220 HOH A O   1 
HETATM 1107 O O   . HOH G 5 .   ? -1.720  6.827   15.565  1.00 14.11 ? 221 HOH A O   1 
HETATM 1108 O O   . HOH G 5 .   ? 9.903   -10.454 -6.839  1.00 11.58 ? 222 HOH A O   1 
HETATM 1109 O O   . HOH G 5 .   ? 2.091   -11.083 10.440  1.00 11.72 ? 223 HOH A O   1 
HETATM 1110 O O   . HOH G 5 .   ? -3.376  3.179   -10.816 1.00 10.08 ? 224 HOH A O   1 
HETATM 1111 O O   . HOH G 5 .   ? 0.368   -9.935  -13.274 1.00 12.81 ? 225 HOH A O   1 
HETATM 1112 O O   . HOH G 5 .   ? 2.564   -2.449  -12.315 1.00 17.41 ? 226 HOH A O   1 
HETATM 1113 O O   . HOH G 5 .   ? 0.254   19.662  14.163  1.00 14.51 ? 227 HOH A O   1 
HETATM 1114 O O   . HOH G 5 .   ? -2.409  1.814   13.305  1.00 12.22 ? 228 HOH A O   1 
HETATM 1115 O O   . HOH G 5 .   ? 14.646  -0.865  5.370   1.00 13.11 ? 229 HOH A O   1 
HETATM 1116 O O   . HOH G 5 .   ? 0.400   10.348  15.744  1.00 13.14 ? 230 HOH A O   1 
HETATM 1117 O O   . HOH G 5 .   ? 9.507   -10.323 -9.232  1.00 13.67 ? 231 HOH A O   1 
HETATM 1118 O O   . HOH G 5 .   ? -4.592  19.248  3.449   1.00 15.72 ? 232 HOH A O   1 
HETATM 1119 O O   . HOH G 5 .   ? -6.086  -6.997  -12.288 1.00 16.00 ? 233 HOH A O   1 
HETATM 1120 O O   . HOH G 5 .   ? 2.533   11.736  19.139  1.00 11.79 ? 234 HOH A O   1 
HETATM 1121 O O   . HOH G 5 .   ? 0.815   -6.375  13.066  1.00 14.12 ? 235 HOH A O   1 
HETATM 1122 O O   . HOH G 5 .   ? -4.591  -4.723  -11.742 1.00 15.41 ? 236 HOH A O   1 
HETATM 1123 O O   . HOH G 5 .   ? -4.420  5.689   -10.911 1.00 12.32 ? 237 HOH A O   1 
HETATM 1124 O O   . HOH G 5 .   ? -9.981  -8.280  4.167   1.00 15.50 ? 238 HOH A O   1 
HETATM 1125 O O   . HOH G 5 .   ? 8.401   -16.223 1.428   1.00 13.91 ? 239 HOH A O   1 
HETATM 1126 O O   . HOH G 5 .   ? 0.155   -2.482  -13.205 1.00 16.38 ? 240 HOH A O   1 
HETATM 1127 O O   . HOH G 5 .   ? -6.163  -2.298  -9.767  1.00 14.11 ? 241 HOH A O   1 
HETATM 1128 O O   . HOH G 5 .   ? 12.972  0.328   -5.823  1.00 15.02 ? 242 HOH A O   1 
HETATM 1129 O O   . HOH G 5 .   ? -7.294  8.331   -9.037  1.00 13.63 ? 243 HOH A O   1 
HETATM 1130 O O   . HOH G 5 .   ? 15.295  -0.519  -8.472  1.00 15.61 ? 244 HOH A O   1 
HETATM 1131 O O   . HOH G 5 .   ? 0.513   12.614  17.027  1.00 20.62 ? 245 HOH A O   1 
HETATM 1132 O O   . HOH G 5 .   ? -6.460  19.006  4.911   1.00 17.12 ? 246 HOH A O   1 
HETATM 1133 O O   . HOH G 5 .   ? -13.233 2.296   -6.049  1.00 13.12 ? 247 HOH A O   1 
HETATM 1134 O O   . HOH G 5 .   ? 8.830   -16.758 -7.571  1.00 14.73 ? 248 HOH A O   1 
HETATM 1135 O O   . HOH G 5 .   ? 9.490   18.436  3.093   1.00 20.50 ? 249 HOH A O   1 
HETATM 1136 O O   . HOH G 5 .   ? 7.239   13.978  5.118   1.00 8.57  ? 250 HOH A O   1 
HETATM 1137 O O   . HOH G 5 .   ? -5.243  -19.277 -3.053  1.00 11.34 ? 251 HOH A O   1 
HETATM 1138 O O   . HOH G 5 .   ? -7.791  -9.986  -6.277  1.00 14.20 ? 252 HOH A O   1 
HETATM 1139 O O   . HOH G 5 .   ? -9.692  -5.102  0.098   1.00 16.87 ? 253 HOH A O   1 
HETATM 1140 O O   . HOH G 5 .   ? 7.261   2.829   -11.701 1.00 12.26 ? 254 HOH A O   1 
HETATM 1141 O O   . HOH G 5 .   ? -3.301  -12.092 6.549   0.50 10.38 ? 255 HOH A O   1 
HETATM 1142 O O   . HOH G 5 .   ? -9.682  -1.820  -7.142  1.00 15.36 ? 256 HOH A O   1 
# 
loop_
_atom_site_anisotrop.id 
_atom_site_anisotrop.type_symbol 
_atom_site_anisotrop.pdbx_label_atom_id 
_atom_site_anisotrop.pdbx_label_alt_id 
_atom_site_anisotrop.pdbx_label_comp_id 
_atom_site_anisotrop.pdbx_label_asym_id 
_atom_site_anisotrop.pdbx_label_seq_id 
_atom_site_anisotrop.pdbx_PDB_ins_code 
_atom_site_anisotrop.U[1][1] 
_atom_site_anisotrop.U[2][2] 
_atom_site_anisotrop.U[3][3] 
_atom_site_anisotrop.U[1][2] 
_atom_site_anisotrop.U[1][3] 
_atom_site_anisotrop.U[2][3] 
_atom_site_anisotrop.pdbx_auth_seq_id 
_atom_site_anisotrop.pdbx_auth_comp_id 
_atom_site_anisotrop.pdbx_auth_asym_id 
_atom_site_anisotrop.pdbx_auth_atom_id 
999  O OB1 . FLC B . ? 0.2750 0.0003 0.2123 -0.0097 0.2416 -0.0085 136 FLC A OB1 
1000 O OB2 . FLC B . ? 0.2605 0.0003 0.2010 -0.0091 0.2288 -0.0080 136 FLC A OB2 
1001 O OG1 . FLC B . ? 0.2996 0.0004 0.2312 -0.0105 0.2632 -0.0092 136 FLC A OG1 
1002 O OG2 . FLC B . ? 0.3023 0.0004 0.2333 -0.0106 0.2656 -0.0093 136 FLC A OG2 
1003 O OHB . FLC B . ? 0.2885 0.0004 0.2227 -0.0101 0.2535 -0.0089 136 FLC A OHB 
1004 C C1  . GOL C . ? 0.3088 0.0004 0.2383 -0.0108 0.2713 -0.0095 137 GOL A C1  
1005 O O1  . GOL C . ? 0.2964 0.0004 0.2288 -0.0104 0.2604 -0.0091 137 GOL A O1  
1006 C C2  . GOL C . ? 0.3052 0.0004 0.2356 -0.0107 0.2682 -0.0094 137 GOL A C2  
1007 O O2  . GOL C . ? 0.3347 0.0004 0.2584 -0.0118 0.2941 -0.0103 137 GOL A O2  
1008 C C3  . GOL C . ? 0.2780 0.0003 0.2146 -0.0098 0.2442 -0.0086 137 GOL A C3  
1009 O O3  . GOL C . ? 0.2316 0.0003 0.1787 -0.0081 0.2034 -0.0071 137 GOL A O3  
1010 C C1  . GOL D . ? 0.2266 0.0003 0.1749 -0.0080 0.1990 -0.0070 138 GOL A C1  
1011 O O1  . GOL D . ? 0.2448 0.0003 0.1890 -0.0086 0.2151 -0.0076 138 GOL A O1  
1012 C C2  . GOL D . ? 0.2575 0.0003 0.1988 -0.0090 0.2262 -0.0079 138 GOL A C2  
1013 O O2  . GOL D . ? 0.2630 0.0003 0.2030 -0.0092 0.2311 -0.0081 138 GOL A O2  
1014 C C3  . GOL D . ? 0.2195 0.0003 0.1694 -0.0077 0.1928 -0.0068 138 GOL A C3  
1015 O O3  . GOL D . ? 0.1936 0.0002 0.1494 -0.0068 0.1701 -0.0060 138 GOL A O3  
1016 C C1  . GOL E . ? 0.2589 0.0003 0.1998 -0.0091 0.2274 -0.0080 139 GOL A C1  
1017 O O1  . GOL E . ? 0.2408 0.0003 0.1858 -0.0085 0.2115 -0.0074 139 GOL A O1  
1018 C C2  . GOL E . ? 0.2722 0.0003 0.2101 -0.0096 0.2391 -0.0084 139 GOL A C2  
1019 O O2  . GOL E . ? 0.3101 0.0004 0.2393 -0.0109 0.2724 -0.0096 139 GOL A O2  
1020 C C3  . GOL E . ? 0.2707 0.0003 0.2089 -0.0095 0.2378 -0.0083 139 GOL A C3  
1021 O O3  . GOL E . ? 0.2949 0.0004 0.2276 -0.0104 0.2590 -0.0091 139 GOL A O3  
1027 O O   . HOH G . ? 0.3077 0.0004 0.2375 -0.0108 0.2703 -0.0095 141 HOH A O   
1028 O O   . HOH G . ? 0.1504 0.0002 0.1161 -0.0053 0.1321 -0.0046 142 HOH A O   
1029 O O   . HOH G . ? 0.3550 0.0004 0.2740 -0.0125 0.3119 -0.0109 143 HOH A O   
1030 O O   . HOH G . ? 0.2707 0.0003 0.2089 -0.0095 0.2378 -0.0083 144 HOH A O   
1031 O O   . HOH G . ? 0.3011 0.0004 0.2324 -0.0106 0.2645 -0.0093 145 HOH A O   
1032 O O   . HOH G . ? 0.2871 0.0004 0.2216 -0.0101 0.2523 -0.0089 146 HOH A O   
1033 O O   . HOH G . ? 0.3610 0.0004 0.2786 -0.0127 0.3172 -0.0111 147 HOH A O   
1034 O O   . HOH G . ? 0.3364 0.0004 0.2597 -0.0118 0.2956 -0.0104 148 HOH A O   
1035 O O   . HOH G . ? 0.1407 0.0002 0.1086 -0.0049 0.1236 -0.0043 149 HOH A O   
1036 O O   . HOH G . ? 0.3095 0.0004 0.2389 -0.0109 0.2719 -0.0095 150 HOH A O   
1037 O O   . HOH G . ? 0.4467 0.0006 0.3448 -0.0157 0.3924 -0.0138 151 HOH A O   
1038 O O   . HOH G . ? 0.1589 0.0002 0.1226 -0.0056 0.1396 -0.0049 152 HOH A O   
1039 O O   . HOH G . ? 0.4166 0.0005 0.3216 -0.0146 0.3660 -0.0128 153 HOH A O   
1040 O O   . HOH G . ? 0.3528 0.0004 0.2723 -0.0124 0.3099 -0.0109 154 HOH A O   
1041 O O   . HOH G . ? 0.2498 0.0003 0.1928 -0.0088 0.2195 -0.0077 155 HOH A O   
1042 O O   . HOH G . ? 0.2749 0.0003 0.2122 -0.0097 0.2416 -0.0085 156 HOH A O   
1043 O O   . HOH G . ? 0.4002 0.0005 0.3089 -0.0140 0.3516 -0.0123 157 HOH A O   
1044 O O   . HOH G . ? 0.4436 0.0005 0.3424 -0.0156 0.3898 -0.0137 158 HOH A O   
1045 O O   . HOH G . ? 0.3310 0.0004 0.2554 -0.0116 0.2908 -0.0102 159 HOH A O   
1046 O O   . HOH G . ? 0.1765 0.0002 0.1362 -0.0062 0.1550 -0.0054 160 HOH A O   
1047 O O   . HOH G . ? 0.3671 0.0005 0.2833 -0.0129 0.3225 -0.0113 161 HOH A O   
1048 O O   . HOH G . ? 0.4196 0.0005 0.3238 -0.0147 0.3686 -0.0129 162 HOH A O   
1049 O O   . HOH G . ? 0.4111 0.0005 0.3173 -0.0144 0.3612 -0.0127 163 HOH A O   
1050 O O   . HOH G . ? 0.3899 0.0005 0.3009 -0.0137 0.3425 -0.0120 164 HOH A O   
1051 O O   . HOH G . ? 0.3965 0.0005 0.3061 -0.0139 0.3484 -0.0122 165 HOH A O   
1052 O O   . HOH G . ? 0.3451 0.0004 0.2664 -0.0121 0.3032 -0.0106 166 HOH A O   
1053 O O   . HOH G . ? 0.4249 0.0005 0.3280 -0.0149 0.3733 -0.0131 167 HOH A O   
1054 O O   . HOH G . ? 0.4346 0.0005 0.3354 -0.0153 0.3818 -0.0134 168 HOH A O   
1055 O O   . HOH G . ? 0.1748 0.0002 0.1349 -0.0061 0.1536 -0.0054 169 HOH A O   
1056 O O   . HOH G . ? 0.2036 0.0003 0.1571 -0.0071 0.1789 -0.0063 170 HOH A O   
1057 O O   . HOH G . ? 0.1665 0.0002 0.1285 -0.0058 0.1463 -0.0051 171 HOH A O   
1058 O O   . HOH G . ? 0.2201 0.0003 0.1699 -0.0077 0.1934 -0.0068 172 HOH A O   
1059 O O   . HOH G . ? 0.2231 0.0003 0.1722 -0.0078 0.1960 -0.0069 173 HOH A O   
1060 O O   . HOH G . ? 0.2024 0.0002 0.1562 -0.0071 0.1778 -0.0062 174 HOH A O   
1061 O O   . HOH G . ? 0.2033 0.0003 0.1569 -0.0071 0.1786 -0.0063 175 HOH A O   
1062 O O   . HOH G . ? 0.1747 0.0002 0.1348 -0.0061 0.1535 -0.0054 176 HOH A O   
1063 O O   . HOH G . ? 0.2253 0.0003 0.1739 -0.0079 0.1979 -0.0069 177 HOH A O   
1064 O O   . HOH G . ? 0.2814 0.0003 0.2172 -0.0099 0.2473 -0.0087 178 HOH A O   
1065 O O   . HOH G . ? 0.2011 0.0002 0.1552 -0.0071 0.1766 -0.0062 179 HOH A O   
1066 O O   . HOH G . ? 0.1769 0.0002 0.1365 -0.0062 0.1554 -0.0055 180 HOH A O   
1067 O O   . HOH G . ? 0.2232 0.0003 0.1723 -0.0078 0.1961 -0.0069 181 HOH A O   
1068 O O   . HOH G . ? 0.1951 0.0002 0.1506 -0.0069 0.1714 -0.0060 182 HOH A O   
1069 O O   . HOH G . ? 0.2332 0.0003 0.1800 -0.0082 0.2048 -0.0072 183 HOH A O   
1070 O O   . HOH G . ? 0.2419 0.0003 0.1867 -0.0085 0.2125 -0.0075 184 HOH A O   
1071 O O   . HOH G . ? 0.2031 0.0003 0.1568 -0.0071 0.1784 -0.0063 185 HOH A O   
1072 O O   . HOH G . ? 0.2017 0.0002 0.1557 -0.0071 0.1772 -0.0062 186 HOH A O   
1073 O O   . HOH G . ? 0.2233 0.0003 0.1724 -0.0078 0.1962 -0.0069 187 HOH A O   
1074 O O   . HOH G . ? 0.2239 0.0003 0.1728 -0.0079 0.1967 -0.0069 188 HOH A O   
1075 O O   . HOH G . ? 0.2640 0.0003 0.2037 -0.0093 0.2319 -0.0081 189 HOH A O   
1076 O O   . HOH G . ? 0.1819 0.0002 0.1404 -0.0064 0.1598 -0.0056 190 HOH A O   
1077 O O   . HOH G . ? 0.3974 0.0005 0.3067 -0.0140 0.3491 -0.0123 191 HOH A O   
1078 O O   . HOH G . ? 0.2727 0.0003 0.2105 -0.0096 0.2396 -0.0084 192 HOH A O   
1079 O O   . HOH G . ? 0.2306 0.0003 0.1780 -0.0081 0.2026 -0.0071 193 HOH A O   
1080 O O   . HOH G . ? 0.2172 0.0003 0.1676 -0.0076 0.1908 -0.0067 194 HOH A O   
1081 O O   . HOH G . ? 0.2405 0.0003 0.1856 -0.0084 0.2113 -0.0074 195 HOH A O   
1082 O O   . HOH G . ? 0.2301 0.0003 0.1776 -0.0081 0.2022 -0.0071 196 HOH A O   
1083 O O   . HOH G . ? 0.3840 0.0005 0.2964 -0.0135 0.3373 -0.0118 197 HOH A O   
1084 O O   . HOH G . ? 0.2373 0.0003 0.1832 -0.0083 0.2085 -0.0073 198 HOH A O   
1085 O O   . HOH G . ? 0.2275 0.0003 0.1756 -0.0080 0.1998 -0.0070 199 HOH A O   
1086 O O   . HOH G . ? 0.1843 0.0002 0.1423 -0.0065 0.1619 -0.0057 200 HOH A O   
1087 O O   . HOH G . ? 0.2810 0.0003 0.2169 -0.0099 0.2469 -0.0087 201 HOH A O   
1088 O O   . HOH G . ? 0.2314 0.0003 0.1786 -0.0081 0.2033 -0.0071 202 HOH A O   
1089 O O   . HOH G . ? 0.2599 0.0003 0.2006 -0.0091 0.2283 -0.0080 203 HOH A O   
1090 O O   . HOH G . ? 0.2668 0.0003 0.2059 -0.0094 0.2344 -0.0082 204 HOH A O   
1091 O O   . HOH G . ? 0.2232 0.0003 0.1723 -0.0078 0.1961 -0.0069 205 HOH A O   
1092 O O   . HOH G . ? 0.4714 0.0006 0.3639 -0.0166 0.4142 -0.0145 206 HOH A O   
1093 O O   . HOH G . ? 0.2188 0.0003 0.1689 -0.0077 0.1923 -0.0067 207 HOH A O   
1094 O O   . HOH G . ? 0.2836 0.0003 0.2189 -0.0100 0.2491 -0.0087 208 HOH A O   
1095 O O   . HOH G . ? 0.2253 0.0003 0.1739 -0.0079 0.1979 -0.0069 209 HOH A O   
1096 O O   . HOH G . ? 0.2571 0.0003 0.1985 -0.0090 0.2259 -0.0079 210 HOH A O   
1097 O O   . HOH G . ? 0.1971 0.0002 0.1521 -0.0069 0.1731 -0.0061 211 HOH A O   
1098 O O   . HOH G . ? 0.2512 0.0003 0.1939 -0.0088 0.2207 -0.0077 212 HOH A O   
1099 O O   . HOH G . ? 0.3395 0.0004 0.2620 -0.0119 0.2982 -0.0105 213 HOH A O   
1100 O O   . HOH G . ? 0.2774 0.0003 0.2141 -0.0097 0.2437 -0.0086 214 HOH A O   
1101 O O   . HOH G . ? 0.3014 0.0004 0.2326 -0.0106 0.2648 -0.0093 215 HOH A O   
1102 O O   . HOH G . ? 0.3092 0.0004 0.2387 -0.0109 0.2717 -0.0095 216 HOH A O   
1103 O O   . HOH G . ? 0.3121 0.0004 0.2409 -0.0110 0.2742 -0.0096 217 HOH A O   
1104 O O   . HOH G . ? 0.2528 0.0003 0.1951 -0.0089 0.2221 -0.0078 218 HOH A O   
1105 O O   . HOH G . ? 0.2629 0.0003 0.2029 -0.0092 0.2309 -0.0081 219 HOH A O   
1106 O O   . HOH G . ? 0.3065 0.0004 0.2365 -0.0108 0.2693 -0.0095 220 HOH A O   
1107 O O   . HOH G . ? 0.3024 0.0004 0.2334 -0.0106 0.2656 -0.0093 221 HOH A O   
1108 O O   . HOH G . ? 0.2481 0.0003 0.1915 -0.0087 0.2180 -0.0077 222 HOH A O   
1109 O O   . HOH G . ? 0.2512 0.0003 0.1939 -0.0088 0.2207 -0.0077 223 HOH A O   
1110 O O   . HOH G . ? 0.2159 0.0003 0.1666 -0.0076 0.1897 -0.0067 224 HOH A O   
1111 O O   . HOH G . ? 0.2746 0.0003 0.2119 -0.0096 0.2412 -0.0085 225 HOH A O   
1112 O O   . HOH G . ? 0.3730 0.0005 0.2879 -0.0131 0.3277 -0.0115 226 HOH A O   
1113 O O   . HOH G . ? 0.3110 0.0004 0.2400 -0.0109 0.2732 -0.0096 227 HOH A O   
1114 O O   . HOH G . ? 0.2619 0.0003 0.2021 -0.0092 0.2301 -0.0081 228 HOH A O   
1115 O O   . HOH G . ? 0.2809 0.0003 0.2168 -0.0099 0.2468 -0.0087 229 HOH A O   
1116 O O   . HOH G . ? 0.2815 0.0003 0.2173 -0.0099 0.2473 -0.0087 230 HOH A O   
1117 O O   . HOH G . ? 0.2930 0.0004 0.2261 -0.0103 0.2574 -0.0090 231 HOH A O   
1118 O O   . HOH G . ? 0.3368 0.0004 0.2599 -0.0118 0.2959 -0.0104 232 HOH A O   
1119 O O   . HOH G . ? 0.3429 0.0004 0.2646 -0.0120 0.3012 -0.0106 233 HOH A O   
1120 O O   . HOH G . ? 0.2527 0.0003 0.1950 -0.0089 0.2220 -0.0078 234 HOH A O   
1121 O O   . HOH G . ? 0.3025 0.0004 0.2335 -0.0106 0.2657 -0.0093 235 HOH A O   
1122 O O   . HOH G . ? 0.3301 0.0004 0.2548 -0.0116 0.2900 -0.0102 236 HOH A O   
1123 O O   . HOH G . ? 0.2640 0.0003 0.2038 -0.0093 0.2319 -0.0081 237 HOH A O   
1124 O O   . HOH G . ? 0.3322 0.0004 0.2564 -0.0117 0.2918 -0.0102 238 HOH A O   
1125 O O   . HOH G . ? 0.2980 0.0004 0.2300 -0.0105 0.2618 -0.0092 239 HOH A O   
1126 O O   . HOH G . ? 0.3510 0.0004 0.2709 -0.0123 0.3084 -0.0108 240 HOH A O   
1127 O O   . HOH G . ? 0.3024 0.0004 0.2334 -0.0106 0.2656 -0.0093 241 HOH A O   
1128 O O   . HOH G . ? 0.3218 0.0004 0.2483 -0.0113 0.2827 -0.0099 242 HOH A O   
1129 O O   . HOH G . ? 0.2921 0.0004 0.2254 -0.0103 0.2566 -0.0090 243 HOH A O   
1130 O O   . HOH G . ? 0.3346 0.0004 0.2582 -0.0117 0.2939 -0.0103 244 HOH A O   
1131 O O   . HOH G . ? 0.4418 0.0005 0.3410 -0.0155 0.3881 -0.0136 245 HOH A O   
1132 O O   . HOH G . ? 0.3668 0.0005 0.2831 -0.0129 0.3223 -0.0113 246 HOH A O   
1133 O O   . HOH G . ? 0.2812 0.0003 0.2170 -0.0099 0.2471 -0.0087 247 HOH A O   
1134 O O   . HOH G . ? 0.3157 0.0004 0.2436 -0.0111 0.2773 -0.0097 248 HOH A O   
1135 O O   . HOH G . ? 0.4394 0.0005 0.3391 -0.0154 0.3860 -0.0136 249 HOH A O   
1136 O O   . HOH G . ? 0.1836 0.0002 0.1417 -0.0064 0.1613 -0.0057 250 HOH A O   
1137 O O   . HOH G . ? 0.2429 0.0003 0.1875 -0.0085 0.2134 -0.0075 251 HOH A O   
1138 O O   . HOH G . ? 0.3042 0.0004 0.2348 -0.0107 0.2673 -0.0094 252 HOH A O   
1139 O O   . HOH G . ? 0.3615 0.0004 0.2790 -0.0127 0.3176 -0.0111 253 HOH A O   
1140 O O   . HOH G . ? 0.2627 0.0003 0.2028 -0.0092 0.2308 -0.0081 254 HOH A O   
1141 O O   . HOH G . ? 0.2225 0.0003 0.1717 -0.0078 0.1955 -0.0069 255 HOH A O   
1142 O O   . HOH G . ? 0.3291 0.0004 0.2540 -0.0116 0.2892 -0.0102 256 HOH A O   
# 
